data_1XSD
# 
_entry.id   1XSD 
# 
_audit_conform.dict_name       mmcif_pdbx.dic 
_audit_conform.dict_version    5.380 
_audit_conform.dict_location   http://mmcif.pdb.org/dictionaries/ascii/mmcif_pdbx.dic 
# 
loop_
_database_2.database_id 
_database_2.database_code 
_database_2.pdbx_database_accession 
_database_2.pdbx_DOI 
PDB   1XSD         pdb_00001xsd 10.2210/pdb1xsd/pdb 
NDB   PD0598       ?            ?                   
RCSB  RCSB030712   ?            ?                   
WWPDB D_1000030712 ?            ?                   
# 
_pdbx_database_related.db_name        PDB 
_pdbx_database_related.db_id          1sd4 
_pdbx_database_related.details        'unbound form of BlaI' 
_pdbx_database_related.content_type   unspecified 
# 
_pdbx_database_status.status_code                     REL 
_pdbx_database_status.entry_id                        1XSD 
_pdbx_database_status.recvd_initial_deposition_date   2004-10-19 
_pdbx_database_status.deposit_site                    RCSB 
_pdbx_database_status.process_site                    PDBJ 
_pdbx_database_status.status_code_sf                  REL 
_pdbx_database_status.status_code_mr                  ? 
_pdbx_database_status.SG_entry                        ? 
_pdbx_database_status.pdb_format_compatible           Y 
_pdbx_database_status.status_code_cs                  ? 
_pdbx_database_status.status_code_nmr_data            ? 
_pdbx_database_status.methods_development_category    ? 
# 
loop_
_audit_author.name 
_audit_author.pdbx_ordinal 
'Safo, M.K.'    1 
'Ko, T.-P.'     2 
'Musayev, F.N.' 3 
'Zhao, Q.'      4 
'Robinson, H.'  5 
'Scarsdale, N.' 6 
'Wang, A.H.-J.' 7 
'Archer, G.L.'  8 
# 
_citation.id                        primary 
_citation.title                     
;Crystal structures of the BlaI repressor from Staphylococcus aureus and its complex with DNA: insights into transcriptional regulation of the bla and mec operons
;
_citation.journal_abbrev            J.Bacteriol. 
_citation.journal_volume            187 
_citation.page_first                1833 
_citation.page_last                 1844 
_citation.year                      2005 
_citation.journal_id_ASTM           JOBAAY 
_citation.country                   US 
_citation.journal_id_ISSN           0021-9193 
_citation.journal_id_CSD            0767 
_citation.book_publisher            ? 
_citation.pdbx_database_id_PubMed   15716455 
_citation.pdbx_database_id_DOI      10.1128/JB.187.5.1833-1844.2005 
# 
loop_
_citation_author.citation_id 
_citation_author.name 
_citation_author.ordinal 
_citation_author.identifier_ORCID 
primary 'Safo, M.K.'    1 ? 
primary 'Zhao, Q.'      2 ? 
primary 'Ko, T.-P.'     3 ? 
primary 'Musayev, F.N.' 4 ? 
primary 'Robinson, H.'  5 ? 
primary 'Scarsdale, N.' 6 ? 
primary 'Wang, A.H.-J.' 7 ? 
primary 'Archer, G.L.'  8 ? 
# 
_cell.entry_id           1XSD 
_cell.length_a           72.141 
_cell.length_b           72.141 
_cell.length_c           243.472 
_cell.angle_alpha        90.00 
_cell.angle_beta         90.00 
_cell.angle_gamma        90.00 
_cell.Z_PDB              16 
_cell.pdbx_unique_axis   ? 
# 
_symmetry.entry_id                         1XSD 
_symmetry.space_group_name_H-M             'I 41 2 2' 
_symmetry.pdbx_full_space_group_name_H-M   ? 
_symmetry.cell_setting                     ? 
_symmetry.Int_Tables_number                98 
_symmetry.space_group_name_Hall            ? 
# 
loop_
_entity.id 
_entity.type 
_entity.src_method 
_entity.pdbx_description 
_entity.formula_weight 
_entity.pdbx_number_of_molecules 
_entity.pdbx_ec 
_entity.pdbx_mutation 
_entity.pdbx_fragment 
_entity.details 
1 polymer syn "5'-D(P*TP*AP*CP*TP*AP*CP*AP*TP*AP*TP*GP*TP*AP*GP*TP*A)-3'" 4896.216  1   ? ? ? ? 
2 polymer man 'penicillinase repressor'                                   14988.363 1   ? ? ? ? 
3 water   nat water                                                       18.015    181 ? ? ? ? 
# 
loop_
_entity_name_com.entity_id 
_entity_name_com.name 
1 'mec operator DNA'         
2 'beta-lactamase repressor' 
# 
loop_
_entity_poly.entity_id 
_entity_poly.type 
_entity_poly.nstd_linkage 
_entity_poly.nstd_monomer 
_entity_poly.pdbx_seq_one_letter_code 
_entity_poly.pdbx_seq_one_letter_code_can 
_entity_poly.pdbx_strand_id 
_entity_poly.pdbx_target_identifier 
1 polydeoxyribonucleotide no no '(DT)(DA)(DC)(DT)(DA)(DC)(DA)(DT)(DA)(DT)(DG)(DT)(DA)(DG)(DT)(DA)' TACTACATATGTAGTA B ? 
2 'polypeptide(L)'        no no 
;MTNKQVEISMAEWDVMNIIWDKKSVSANEIVVEIQKYKEVSDKTIRTLITRLYKKEIIKRYKSENIYFYSSNIKEDDIKM
KTAKTFLNKLYGGDMKSLVLNFAKNEELNNKEIEELRDILNDISKK
;
;MTNKQVEISMAEWDVMNIIWDKKSVSANEIVVEIQKYKEVSDKTIRTLITRLYKKEIIKRYKSENIYFYSSNIKEDDIKM
KTAKTFLNKLYGGDMKSLVLNFAKNEELNNKEIEELRDILNDISKK
;
A ? 
# 
loop_
_entity_poly_seq.entity_id 
_entity_poly_seq.num 
_entity_poly_seq.mon_id 
_entity_poly_seq.hetero 
1 1   DT  n 
1 2   DA  n 
1 3   DC  n 
1 4   DT  n 
1 5   DA  n 
1 6   DC  n 
1 7   DA  n 
1 8   DT  n 
1 9   DA  n 
1 10  DT  n 
1 11  DG  n 
1 12  DT  n 
1 13  DA  n 
1 14  DG  n 
1 15  DT  n 
1 16  DA  n 
2 1   MET n 
2 2   THR n 
2 3   ASN n 
2 4   LYS n 
2 5   GLN n 
2 6   VAL n 
2 7   GLU n 
2 8   ILE n 
2 9   SER n 
2 10  MET n 
2 11  ALA n 
2 12  GLU n 
2 13  TRP n 
2 14  ASP n 
2 15  VAL n 
2 16  MET n 
2 17  ASN n 
2 18  ILE n 
2 19  ILE n 
2 20  TRP n 
2 21  ASP n 
2 22  LYS n 
2 23  LYS n 
2 24  SER n 
2 25  VAL n 
2 26  SER n 
2 27  ALA n 
2 28  ASN n 
2 29  GLU n 
2 30  ILE n 
2 31  VAL n 
2 32  VAL n 
2 33  GLU n 
2 34  ILE n 
2 35  GLN n 
2 36  LYS n 
2 37  TYR n 
2 38  LYS n 
2 39  GLU n 
2 40  VAL n 
2 41  SER n 
2 42  ASP n 
2 43  LYS n 
2 44  THR n 
2 45  ILE n 
2 46  ARG n 
2 47  THR n 
2 48  LEU n 
2 49  ILE n 
2 50  THR n 
2 51  ARG n 
2 52  LEU n 
2 53  TYR n 
2 54  LYS n 
2 55  LYS n 
2 56  GLU n 
2 57  ILE n 
2 58  ILE n 
2 59  LYS n 
2 60  ARG n 
2 61  TYR n 
2 62  LYS n 
2 63  SER n 
2 64  GLU n 
2 65  ASN n 
2 66  ILE n 
2 67  TYR n 
2 68  PHE n 
2 69  TYR n 
2 70  SER n 
2 71  SER n 
2 72  ASN n 
2 73  ILE n 
2 74  LYS n 
2 75  GLU n 
2 76  ASP n 
2 77  ASP n 
2 78  ILE n 
2 79  LYS n 
2 80  MET n 
2 81  LYS n 
2 82  THR n 
2 83  ALA n 
2 84  LYS n 
2 85  THR n 
2 86  PHE n 
2 87  LEU n 
2 88  ASN n 
2 89  LYS n 
2 90  LEU n 
2 91  TYR n 
2 92  GLY n 
2 93  GLY n 
2 94  ASP n 
2 95  MET n 
2 96  LYS n 
2 97  SER n 
2 98  LEU n 
2 99  VAL n 
2 100 LEU n 
2 101 ASN n 
2 102 PHE n 
2 103 ALA n 
2 104 LYS n 
2 105 ASN n 
2 106 GLU n 
2 107 GLU n 
2 108 LEU n 
2 109 ASN n 
2 110 ASN n 
2 111 LYS n 
2 112 GLU n 
2 113 ILE n 
2 114 GLU n 
2 115 GLU n 
2 116 LEU n 
2 117 ARG n 
2 118 ASP n 
2 119 ILE n 
2 120 LEU n 
2 121 ASN n 
2 122 ASP n 
2 123 ILE n 
2 124 SER n 
2 125 LYS n 
2 126 LYS n 
# 
_entity_src_gen.entity_id                          2 
_entity_src_gen.pdbx_src_id                        1 
_entity_src_gen.pdbx_alt_source_flag               sample 
_entity_src_gen.pdbx_seq_type                      ? 
_entity_src_gen.pdbx_beg_seq_num                   ? 
_entity_src_gen.pdbx_end_seq_num                   ? 
_entity_src_gen.gene_src_common_name               ? 
_entity_src_gen.gene_src_genus                     Staphylococcus 
_entity_src_gen.pdbx_gene_src_gene                 ? 
_entity_src_gen.gene_src_species                   ? 
_entity_src_gen.gene_src_strain                    ? 
_entity_src_gen.gene_src_tissue                    ? 
_entity_src_gen.gene_src_tissue_fraction           ? 
_entity_src_gen.gene_src_details                   ? 
_entity_src_gen.pdbx_gene_src_fragment             ? 
_entity_src_gen.pdbx_gene_src_scientific_name      'Staphylococcus aureus' 
_entity_src_gen.pdbx_gene_src_ncbi_taxonomy_id     1280 
_entity_src_gen.pdbx_gene_src_variant              ? 
_entity_src_gen.pdbx_gene_src_cell_line            ? 
_entity_src_gen.pdbx_gene_src_atcc                 ? 
_entity_src_gen.pdbx_gene_src_organ                ? 
_entity_src_gen.pdbx_gene_src_organelle            ? 
_entity_src_gen.pdbx_gene_src_cell                 ? 
_entity_src_gen.pdbx_gene_src_cellular_location    ? 
_entity_src_gen.host_org_common_name               ? 
_entity_src_gen.pdbx_host_org_scientific_name      'Escherichia coli' 
_entity_src_gen.pdbx_host_org_ncbi_taxonomy_id     562 
_entity_src_gen.host_org_genus                     Escherichia 
_entity_src_gen.pdbx_host_org_gene                 ? 
_entity_src_gen.pdbx_host_org_organ                ? 
_entity_src_gen.host_org_species                   ? 
_entity_src_gen.pdbx_host_org_tissue               ? 
_entity_src_gen.pdbx_host_org_tissue_fraction      ? 
_entity_src_gen.pdbx_host_org_strain               'B834 (DE3)' 
_entity_src_gen.pdbx_host_org_variant              ? 
_entity_src_gen.pdbx_host_org_cell_line            ? 
_entity_src_gen.pdbx_host_org_atcc                 ? 
_entity_src_gen.pdbx_host_org_culture_collection   ? 
_entity_src_gen.pdbx_host_org_cell                 ? 
_entity_src_gen.pdbx_host_org_organelle            ? 
_entity_src_gen.pdbx_host_org_cellular_location    ? 
_entity_src_gen.pdbx_host_org_vector_type          PLASMID 
_entity_src_gen.pdbx_host_org_vector               ? 
_entity_src_gen.host_org_details                   ? 
_entity_src_gen.expression_system_id               ? 
_entity_src_gen.plasmid_name                       PET3 
_entity_src_gen.plasmid_details                    ? 
_entity_src_gen.pdbx_description                   ? 
# 
loop_
_struct_ref.id 
_struct_ref.db_name 
_struct_ref.db_code 
_struct_ref.pdbx_db_accession 
_struct_ref.entity_id 
_struct_ref.pdbx_seq_one_letter_code 
_struct_ref.pdbx_align_begin 
_struct_ref.pdbx_db_isoform 
1 UNP Q6UB84_STAAU Q6UB84 2 
;MTNKQVEISMAEWDVMNIIWDKKSVSANEIVVEIQKYKEVSDKTIRTLITRLYKKEIIKRYKSENIYFYSSNIKEDDIKM
KTAKTFLNKLYGGDMKSLVLNFAKNEELNNKEIEELRDILNDISKK
;
1 ? 
2 PDB 1XSD         1XSD   1 ? ? ? 
# 
loop_
_struct_ref_seq.align_id 
_struct_ref_seq.ref_id 
_struct_ref_seq.pdbx_PDB_id_code 
_struct_ref_seq.pdbx_strand_id 
_struct_ref_seq.seq_align_beg 
_struct_ref_seq.pdbx_seq_align_beg_ins_code 
_struct_ref_seq.seq_align_end 
_struct_ref_seq.pdbx_seq_align_end_ins_code 
_struct_ref_seq.pdbx_db_accession 
_struct_ref_seq.db_align_beg 
_struct_ref_seq.pdbx_db_align_beg_ins_code 
_struct_ref_seq.db_align_end 
_struct_ref_seq.pdbx_db_align_end_ins_code 
_struct_ref_seq.pdbx_auth_seq_align_beg 
_struct_ref_seq.pdbx_auth_seq_align_end 
1 1 1XSD A 1 ? 126 ? Q6UB84 1   ? 126 ? 1   126 
2 2 1XSD B 1 ? 16  ? 1XSD   201 ? 216 ? 201 216 
# 
loop_
_chem_comp.id 
_chem_comp.type 
_chem_comp.mon_nstd_flag 
_chem_comp.name 
_chem_comp.pdbx_synonyms 
_chem_comp.formula 
_chem_comp.formula_weight 
ALA 'L-peptide linking' y ALANINE                              ? 'C3 H7 N O2'      89.093  
ARG 'L-peptide linking' y ARGININE                             ? 'C6 H15 N4 O2 1'  175.209 
ASN 'L-peptide linking' y ASPARAGINE                           ? 'C4 H8 N2 O3'     132.118 
ASP 'L-peptide linking' y 'ASPARTIC ACID'                      ? 'C4 H7 N O4'      133.103 
DA  'DNA linking'       y "2'-DEOXYADENOSINE-5'-MONOPHOSPHATE" ? 'C10 H14 N5 O6 P' 331.222 
DC  'DNA linking'       y "2'-DEOXYCYTIDINE-5'-MONOPHOSPHATE"  ? 'C9 H14 N3 O7 P'  307.197 
DG  'DNA linking'       y "2'-DEOXYGUANOSINE-5'-MONOPHOSPHATE" ? 'C10 H14 N5 O7 P' 347.221 
DT  'DNA linking'       y "THYMIDINE-5'-MONOPHOSPHATE"         ? 'C10 H15 N2 O8 P' 322.208 
GLN 'L-peptide linking' y GLUTAMINE                            ? 'C5 H10 N2 O3'    146.144 
GLU 'L-peptide linking' y 'GLUTAMIC ACID'                      ? 'C5 H9 N O4'      147.129 
GLY 'peptide linking'   y GLYCINE                              ? 'C2 H5 N O2'      75.067  
HOH non-polymer         . WATER                                ? 'H2 O'            18.015  
ILE 'L-peptide linking' y ISOLEUCINE                           ? 'C6 H13 N O2'     131.173 
LEU 'L-peptide linking' y LEUCINE                              ? 'C6 H13 N O2'     131.173 
LYS 'L-peptide linking' y LYSINE                               ? 'C6 H15 N2 O2 1'  147.195 
MET 'L-peptide linking' y METHIONINE                           ? 'C5 H11 N O2 S'   149.211 
PHE 'L-peptide linking' y PHENYLALANINE                        ? 'C9 H11 N O2'     165.189 
SER 'L-peptide linking' y SERINE                               ? 'C3 H7 N O3'      105.093 
THR 'L-peptide linking' y THREONINE                            ? 'C4 H9 N O3'      119.119 
TRP 'L-peptide linking' y TRYPTOPHAN                           ? 'C11 H12 N2 O2'   204.225 
TYR 'L-peptide linking' y TYROSINE                             ? 'C9 H11 N O3'     181.189 
VAL 'L-peptide linking' y VALINE                               ? 'C5 H11 N O2'     117.146 
# 
_exptl.entry_id          1XSD 
_exptl.method            'X-RAY DIFFRACTION' 
_exptl.crystals_number   1 
# 
_exptl_crystal.id                    1 
_exptl_crystal.density_meas          ? 
_exptl_crystal.density_Matthews      4.3 
_exptl_crystal.density_percent_sol   71.5 
_exptl_crystal.description           ? 
_exptl_crystal.F_000                 ? 
_exptl_crystal.preparation           ? 
# 
_exptl_crystal_grow.crystal_id      1 
_exptl_crystal_grow.method          'VAPOR DIFFUSION, HANGING DROP' 
_exptl_crystal_grow.temp            298 
_exptl_crystal_grow.temp_details    ? 
_exptl_crystal_grow.pH              7.5 
_exptl_crystal_grow.pdbx_details    
;PEG 8000, ethylene glycol, magnesium chloride, sodium HEPES, potasssium phosphate, pH 7.5, VAPOR DIFFUSION, HANGING DROP, temperature 298K
;
_exptl_crystal_grow.pdbx_pH_range   . 
# 
_diffrn.id                     1 
_diffrn.ambient_temp           100 
_diffrn.ambient_temp_details   ? 
_diffrn.crystal_id             1 
# 
_diffrn_detector.diffrn_id              1 
_diffrn_detector.detector               CCD 
_diffrn_detector.type                   CUSTOM-MADE 
_diffrn_detector.pdbx_collection_date   2004-02-05 
_diffrn_detector.details                ? 
# 
_diffrn_radiation.diffrn_id                        1 
_diffrn_radiation.wavelength_id                    1 
_diffrn_radiation.pdbx_monochromatic_or_laue_m_l   M 
_diffrn_radiation.monochromator                    'CHANNEL-CUT SI CRYSTAL' 
_diffrn_radiation.pdbx_diffrn_protocol             'SINGLE WAVELENGTH' 
_diffrn_radiation.pdbx_scattering_type             x-ray 
# 
_diffrn_radiation_wavelength.id           1 
_diffrn_radiation_wavelength.wavelength   1.1000 
_diffrn_radiation_wavelength.wt           1.0 
# 
_diffrn_source.diffrn_id                   1 
_diffrn_source.source                      SYNCHROTRON 
_diffrn_source.type                        'NSLS BEAMLINE X12C' 
_diffrn_source.pdbx_synchrotron_site       NSLS 
_diffrn_source.pdbx_synchrotron_beamline   X12C 
_diffrn_source.pdbx_wavelength             ? 
_diffrn_source.pdbx_wavelength_list        1.1000 
# 
_reflns.entry_id                     1XSD 
_reflns.observed_criterion_sigma_F   0.0 
_reflns.observed_criterion_sigma_I   0.0 
_reflns.d_resolution_high            2.7 
_reflns.d_resolution_low             30 
_reflns.number_all                   9291 
_reflns.number_obs                   9285 
_reflns.percent_possible_obs         99.9 
_reflns.pdbx_Rmerge_I_obs            0.065 
_reflns.pdbx_Rsym_value              ? 
_reflns.pdbx_netI_over_sigmaI        44.0 
_reflns.B_iso_Wilson_estimate        ? 
_reflns.pdbx_redundancy              13.7 
_reflns.R_free_details               ? 
_reflns.pdbx_chi_squared             ? 
_reflns.pdbx_scaling_rejects         ? 
_reflns.pdbx_diffrn_id               1 
_reflns.pdbx_ordinal                 1 
# 
_reflns_shell.d_res_high             2.7 
_reflns_shell.d_res_low              2.8 
_reflns_shell.percent_possible_all   99.8 
_reflns_shell.Rmerge_I_obs           0.546 
_reflns_shell.pdbx_Rsym_value        ? 
_reflns_shell.meanI_over_sigI_obs    4.5 
_reflns_shell.pdbx_redundancy        11.8 
_reflns_shell.percent_possible_obs   ? 
_reflns_shell.number_unique_all      901 
_reflns_shell.number_measured_all    ? 
_reflns_shell.number_measured_obs    ? 
_reflns_shell.number_unique_obs      ? 
_reflns_shell.pdbx_chi_squared       ? 
_reflns_shell.pdbx_diffrn_id         ? 
_reflns_shell.pdbx_ordinal           1 
# 
_refine.entry_id                                 1XSD 
_refine.ls_d_res_high                            2.7 
_refine.ls_d_res_low                             30 
_refine.pdbx_ls_sigma_F                          0.0 
_refine.pdbx_ls_sigma_I                          ? 
_refine.ls_number_reflns_all                     9291 
_refine.ls_number_reflns_obs                     9023 
_refine.ls_number_reflns_R_free                  496 
_refine.ls_percent_reflns_obs                    97.1 
_refine.ls_R_factor_all                          0.238 
_refine.ls_R_factor_obs                          0.237 
_refine.ls_R_factor_R_work                       0.23 
_refine.ls_R_factor_R_free                       0.282 
_refine.ls_redundancy_reflns_obs                 ? 
_refine.pdbx_data_cutoff_high_absF               ? 
_refine.pdbx_data_cutoff_low_absF                ? 
_refine.ls_number_parameters                     ? 
_refine.ls_number_restraints                     ? 
_refine.ls_percent_reflns_R_free                 ? 
_refine.ls_R_factor_R_free_error                 ? 
_refine.ls_R_factor_R_free_error_details         ? 
_refine.pdbx_method_to_determine_struct          'MOLECULAR REPLACEMENT' 
_refine.pdbx_starting_model                      'PDB entry 1OKR' 
_refine.pdbx_ls_cross_valid_method               THROUGHOUT 
_refine.pdbx_R_Free_selection_details            RANDOM 
_refine.pdbx_stereochem_target_val_spec_case     ? 
_refine.pdbx_stereochemistry_target_values       'Engh & Huber' 
_refine.solvent_model_details                    ? 
_refine.solvent_model_param_bsol                 ? 
_refine.solvent_model_param_ksol                 ? 
_refine.occupancy_max                            ? 
_refine.occupancy_min                            ? 
_refine.pdbx_isotropic_thermal_model             ? 
_refine.B_iso_mean                               ? 
_refine.aniso_B[1][1]                            ? 
_refine.aniso_B[1][2]                            ? 
_refine.aniso_B[1][3]                            ? 
_refine.aniso_B[2][2]                            ? 
_refine.aniso_B[2][3]                            ? 
_refine.aniso_B[3][3]                            ? 
_refine.details                                  
;The 16 nucleotide DNA model in this structure represents an average of the 32 base-pair DNA used in crystallization. (Used the 32 base-pair DNA of 5'-GACTACATTTGTAGTATATTACAAATGTAGTA-3' and  5'-TACTACATTTGTAATATACTACAAATGTAGTC-3')  It contains phosphate groups at both 5' and 3' ends. There are a number of wide solvent channels in this crystal. In the void volume between the protein-DNA complex molecules some spiral densities are modeled as strings of water molecules. These are possibly a result of residuals of the averaged model of the DNA. It is also possible that this void volume may host some DNA molecules with low occupancies.
;
_refine.correlation_coeff_Fo_to_Fc               ? 
_refine.correlation_coeff_Fo_to_Fc_free          ? 
_refine.pdbx_solvent_vdw_probe_radii             ? 
_refine.pdbx_solvent_ion_probe_radii             ? 
_refine.pdbx_solvent_shrinkage_radii             ? 
_refine.overall_SU_R_Cruickshank_DPI             ? 
_refine.overall_SU_R_free                        ? 
_refine.overall_SU_B                             ? 
_refine.overall_SU_ML                            ? 
_refine.pdbx_overall_ESU_R                       ? 
_refine.pdbx_overall_ESU_R_Free                  ? 
_refine.pdbx_data_cutoff_high_rms_absF           ? 
_refine.ls_wR_factor_R_free                      ? 
_refine.ls_wR_factor_R_work                      ? 
_refine.overall_FOM_free_R_set                   ? 
_refine.overall_FOM_work_R_set                   ? 
_refine.pdbx_refine_id                           'X-RAY DIFFRACTION' 
_refine.pdbx_diffrn_id                           1 
_refine.pdbx_TLS_residual_ADP_flag               ? 
_refine.pdbx_overall_phase_error                 ? 
_refine.pdbx_overall_SU_R_free_Cruickshank_DPI   ? 
_refine.pdbx_overall_SU_R_Blow_DPI               ? 
_refine.pdbx_overall_SU_R_free_Blow_DPI          ? 
# 
_refine_analyze.entry_id                        1XSD 
_refine_analyze.Luzzati_coordinate_error_obs    0.39 
_refine_analyze.Luzzati_sigma_a_obs             0.44 
_refine_analyze.Luzzati_d_res_low_obs           5.0 
_refine_analyze.Luzzati_coordinate_error_free   0.54 
_refine_analyze.Luzzati_sigma_a_free            0.51 
_refine_analyze.Luzzati_d_res_low_free          ? 
_refine_analyze.number_disordered_residues      ? 
_refine_analyze.occupancy_sum_non_hydrogen      ? 
_refine_analyze.occupancy_sum_hydrogen          ? 
_refine_analyze.pdbx_refine_id                  'X-RAY DIFFRACTION' 
# 
_refine_hist.pdbx_refine_id                   'X-RAY DIFFRACTION' 
_refine_hist.cycle_id                         LAST 
_refine_hist.pdbx_number_atoms_protein        1042 
_refine_hist.pdbx_number_atoms_nucleic_acid   328 
_refine_hist.pdbx_number_atoms_ligand         0 
_refine_hist.number_atoms_solvent             181 
_refine_hist.number_atoms_total               1551 
_refine_hist.d_res_high                       2.7 
_refine_hist.d_res_low                        30 
# 
loop_
_refine_ls_restr.type 
_refine_ls_restr.dev_ideal 
_refine_ls_restr.dev_ideal_target 
_refine_ls_restr.weight 
_refine_ls_restr.number 
_refine_ls_restr.pdbx_refine_id 
_refine_ls_restr.pdbx_restraint_function 
c_bond_d    0.016 ? ? ? 'X-RAY DIFFRACTION' ? 
c_angle_deg 1.7   ? ? ? 'X-RAY DIFFRACTION' ? 
# 
_refine_ls_shell.pdbx_total_number_of_bins_used   ? 
_refine_ls_shell.d_res_high                       2.7 
_refine_ls_shell.d_res_low                        2.8 
_refine_ls_shell.number_reflns_R_work             ? 
_refine_ls_shell.R_factor_R_work                  0.405 
_refine_ls_shell.percent_reflns_obs               91 
_refine_ls_shell.R_factor_R_free                  0.528 
_refine_ls_shell.R_factor_R_free_error            ? 
_refine_ls_shell.percent_reflns_R_free            ? 
_refine_ls_shell.number_reflns_R_free             34 
_refine_ls_shell.redundancy_reflns_obs            ? 
_refine_ls_shell.pdbx_refine_id                   'X-RAY DIFFRACTION' 
_refine_ls_shell.number_reflns_all                ? 
_refine_ls_shell.R_factor_all                     ? 
# 
_struct.entry_id                  1XSD 
_struct.title                     'Crystal structure of the BlaI repressor in complex with DNA' 
_struct.pdbx_model_details        ? 
_struct.pdbx_CASP_flag            ? 
_struct.pdbx_model_type_details   ? 
# 
_struct_keywords.entry_id        1XSD 
_struct_keywords.pdbx_keywords   TRANSCRIPTION/DNA 
_struct_keywords.text            'winged helix protein, TRANSCRIPTION-DNA COMPLEX' 
# 
loop_
_struct_asym.id 
_struct_asym.pdbx_blank_PDB_chainid_flag 
_struct_asym.pdbx_modified 
_struct_asym.entity_id 
_struct_asym.details 
A N N 1 ? 
B N N 2 ? 
C N N 3 ? 
D N N 3 ? 
# 
_struct_biol.id                    1 
_struct_biol.details               'the second part of the dimer is generated by the two-fold symmetry operator of (-x, -y, z)' 
_struct_biol.pdbx_parent_biol_id   ? 
# 
loop_
_struct_conf.conf_type_id 
_struct_conf.id 
_struct_conf.pdbx_PDB_helix_id 
_struct_conf.beg_label_comp_id 
_struct_conf.beg_label_asym_id 
_struct_conf.beg_label_seq_id 
_struct_conf.pdbx_beg_PDB_ins_code 
_struct_conf.end_label_comp_id 
_struct_conf.end_label_asym_id 
_struct_conf.end_label_seq_id 
_struct_conf.pdbx_end_PDB_ins_code 
_struct_conf.beg_auth_comp_id 
_struct_conf.beg_auth_asym_id 
_struct_conf.beg_auth_seq_id 
_struct_conf.end_auth_comp_id 
_struct_conf.end_auth_asym_id 
_struct_conf.end_auth_seq_id 
_struct_conf.pdbx_PDB_helix_class 
_struct_conf.details 
_struct_conf.pdbx_PDB_helix_length 
HELX_P HELX_P1 1 GLU B 12  ? LYS B 23  ? GLU A 12  LYS A 23  1 ? 12 
HELX_P HELX_P2 2 ALA B 27  ? LYS B 36  ? ALA A 27  LYS A 36  1 ? 10 
HELX_P HELX_P3 3 SER B 41  ? LYS B 55  ? SER A 41  LYS A 55  1 ? 15 
HELX_P HELX_P4 4 LYS B 74  ? GLY B 92  ? LYS A 74  GLY A 92  1 ? 19 
HELX_P HELX_P5 5 ASP B 94  ? ASN B 105 ? ASP A 94  ASN A 105 1 ? 12 
HELX_P HELX_P6 6 ASN B 109 ? LYS B 125 ? ASN A 109 LYS A 125 1 ? 17 
# 
_struct_conf_type.id          HELX_P 
_struct_conf_type.criteria    ? 
_struct_conf_type.reference   ? 
# 
loop_
_struct_conn.id 
_struct_conn.conn_type_id 
_struct_conn.pdbx_leaving_atom_flag 
_struct_conn.pdbx_PDB_id 
_struct_conn.ptnr1_label_asym_id 
_struct_conn.ptnr1_label_comp_id 
_struct_conn.ptnr1_label_seq_id 
_struct_conn.ptnr1_label_atom_id 
_struct_conn.pdbx_ptnr1_label_alt_id 
_struct_conn.pdbx_ptnr1_PDB_ins_code 
_struct_conn.pdbx_ptnr1_standard_comp_id 
_struct_conn.ptnr1_symmetry 
_struct_conn.ptnr2_label_asym_id 
_struct_conn.ptnr2_label_comp_id 
_struct_conn.ptnr2_label_seq_id 
_struct_conn.ptnr2_label_atom_id 
_struct_conn.pdbx_ptnr2_label_alt_id 
_struct_conn.pdbx_ptnr2_PDB_ins_code 
_struct_conn.ptnr1_auth_asym_id 
_struct_conn.ptnr1_auth_comp_id 
_struct_conn.ptnr1_auth_seq_id 
_struct_conn.ptnr2_auth_asym_id 
_struct_conn.ptnr2_auth_comp_id 
_struct_conn.ptnr2_auth_seq_id 
_struct_conn.ptnr2_symmetry 
_struct_conn.pdbx_ptnr3_label_atom_id 
_struct_conn.pdbx_ptnr3_label_seq_id 
_struct_conn.pdbx_ptnr3_label_comp_id 
_struct_conn.pdbx_ptnr3_label_asym_id 
_struct_conn.pdbx_ptnr3_label_alt_id 
_struct_conn.pdbx_ptnr3_PDB_ins_code 
_struct_conn.details 
_struct_conn.pdbx_dist_value 
_struct_conn.pdbx_value_order 
_struct_conn.pdbx_role 
hydrog1  hydrog ? ? A DT 1  N3 ? ? ? 1_555 A DA 16 N1 ? ? B DT 201 B DA 216 10_444 ? ? ? ? ? ? WATSON-CRICK ? ? ? 
hydrog2  hydrog ? ? A DT 1  O4 ? ? ? 1_555 A DA 16 N6 ? ? B DT 201 B DA 216 10_444 ? ? ? ? ? ? WATSON-CRICK ? ? ? 
hydrog3  hydrog ? ? A DA 2  N1 ? ? ? 1_555 A DT 15 N3 ? ? B DA 202 B DT 215 10_444 ? ? ? ? ? ? WATSON-CRICK ? ? ? 
hydrog4  hydrog ? ? A DA 2  N6 ? ? ? 1_555 A DT 15 O4 ? ? B DA 202 B DT 215 10_444 ? ? ? ? ? ? WATSON-CRICK ? ? ? 
hydrog5  hydrog ? ? A DC 3  N3 ? ? ? 1_555 A DG 14 N1 ? ? B DC 203 B DG 214 10_444 ? ? ? ? ? ? WATSON-CRICK ? ? ? 
hydrog6  hydrog ? ? A DC 3  N4 ? ? ? 1_555 A DG 14 O6 ? ? B DC 203 B DG 214 10_444 ? ? ? ? ? ? WATSON-CRICK ? ? ? 
hydrog7  hydrog ? ? A DC 3  O2 ? ? ? 1_555 A DG 14 N2 ? ? B DC 203 B DG 214 10_444 ? ? ? ? ? ? WATSON-CRICK ? ? ? 
hydrog8  hydrog ? ? A DT 4  N3 ? ? ? 1_555 A DA 13 N1 ? ? B DT 204 B DA 213 10_444 ? ? ? ? ? ? WATSON-CRICK ? ? ? 
hydrog9  hydrog ? ? A DT 4  O4 ? ? ? 1_555 A DA 13 N6 ? ? B DT 204 B DA 213 10_444 ? ? ? ? ? ? WATSON-CRICK ? ? ? 
hydrog10 hydrog ? ? A DA 5  N1 ? ? ? 1_555 A DT 12 N3 ? ? B DA 205 B DT 212 10_444 ? ? ? ? ? ? WATSON-CRICK ? ? ? 
hydrog11 hydrog ? ? A DA 5  N6 ? ? ? 1_555 A DT 12 O4 ? ? B DA 205 B DT 212 10_444 ? ? ? ? ? ? WATSON-CRICK ? ? ? 
hydrog12 hydrog ? ? A DC 6  N3 ? ? ? 1_555 A DG 11 N1 ? ? B DC 206 B DG 211 10_444 ? ? ? ? ? ? WATSON-CRICK ? ? ? 
hydrog13 hydrog ? ? A DC 6  N4 ? ? ? 1_555 A DG 11 O6 ? ? B DC 206 B DG 211 10_444 ? ? ? ? ? ? WATSON-CRICK ? ? ? 
hydrog14 hydrog ? ? A DC 6  O2 ? ? ? 1_555 A DG 11 N2 ? ? B DC 206 B DG 211 10_444 ? ? ? ? ? ? WATSON-CRICK ? ? ? 
hydrog15 hydrog ? ? A DA 7  N1 ? ? ? 1_555 A DT 10 N3 ? ? B DA 207 B DT 210 10_444 ? ? ? ? ? ? WATSON-CRICK ? ? ? 
hydrog16 hydrog ? ? A DA 7  N6 ? ? ? 1_555 A DT 10 O4 ? ? B DA 207 B DT 210 10_444 ? ? ? ? ? ? WATSON-CRICK ? ? ? 
hydrog17 hydrog ? ? A DT 8  N3 ? ? ? 1_555 A DA 9  N1 ? ? B DT 208 B DA 209 10_444 ? ? ? ? ? ? WATSON-CRICK ? ? ? 
hydrog18 hydrog ? ? A DT 8  O4 ? ? ? 1_555 A DA 9  N6 ? ? B DT 208 B DA 209 10_444 ? ? ? ? ? ? WATSON-CRICK ? ? ? 
hydrog19 hydrog ? ? A DA 9  N1 ? ? ? 1_555 A DT 8  N3 ? ? B DA 209 B DT 208 10_444 ? ? ? ? ? ? WATSON-CRICK ? ? ? 
hydrog20 hydrog ? ? A DA 9  N6 ? ? ? 1_555 A DT 8  O4 ? ? B DA 209 B DT 208 10_444 ? ? ? ? ? ? WATSON-CRICK ? ? ? 
hydrog21 hydrog ? ? A DT 10 N3 ? ? ? 1_555 A DA 7  N1 ? ? B DT 210 B DA 207 10_444 ? ? ? ? ? ? WATSON-CRICK ? ? ? 
hydrog22 hydrog ? ? A DT 10 O4 ? ? ? 1_555 A DA 7  N6 ? ? B DT 210 B DA 207 10_444 ? ? ? ? ? ? WATSON-CRICK ? ? ? 
hydrog23 hydrog ? ? A DG 11 N1 ? ? ? 1_555 A DC 6  N3 ? ? B DG 211 B DC 206 10_444 ? ? ? ? ? ? WATSON-CRICK ? ? ? 
hydrog24 hydrog ? ? A DG 11 N2 ? ? ? 1_555 A DC 6  O2 ? ? B DG 211 B DC 206 10_444 ? ? ? ? ? ? WATSON-CRICK ? ? ? 
hydrog25 hydrog ? ? A DG 11 O6 ? ? ? 1_555 A DC 6  N4 ? ? B DG 211 B DC 206 10_444 ? ? ? ? ? ? WATSON-CRICK ? ? ? 
hydrog26 hydrog ? ? A DT 12 N3 ? ? ? 1_555 A DA 5  N1 ? ? B DT 212 B DA 205 10_444 ? ? ? ? ? ? WATSON-CRICK ? ? ? 
hydrog27 hydrog ? ? A DT 12 O4 ? ? ? 1_555 A DA 5  N6 ? ? B DT 212 B DA 205 10_444 ? ? ? ? ? ? WATSON-CRICK ? ? ? 
hydrog28 hydrog ? ? A DA 13 N1 ? ? ? 1_555 A DT 4  N3 ? ? B DA 213 B DT 204 10_444 ? ? ? ? ? ? WATSON-CRICK ? ? ? 
hydrog29 hydrog ? ? A DA 13 N6 ? ? ? 1_555 A DT 4  O4 ? ? B DA 213 B DT 204 10_444 ? ? ? ? ? ? WATSON-CRICK ? ? ? 
hydrog30 hydrog ? ? A DG 14 N1 ? ? ? 1_555 A DC 3  N3 ? ? B DG 214 B DC 203 10_444 ? ? ? ? ? ? WATSON-CRICK ? ? ? 
hydrog31 hydrog ? ? A DG 14 N2 ? ? ? 1_555 A DC 3  O2 ? ? B DG 214 B DC 203 10_444 ? ? ? ? ? ? WATSON-CRICK ? ? ? 
hydrog32 hydrog ? ? A DG 14 O6 ? ? ? 1_555 A DC 3  N4 ? ? B DG 214 B DC 203 10_444 ? ? ? ? ? ? WATSON-CRICK ? ? ? 
hydrog33 hydrog ? ? A DT 15 N3 ? ? ? 1_555 A DA 2  N1 ? ? B DT 215 B DA 202 10_444 ? ? ? ? ? ? WATSON-CRICK ? ? ? 
hydrog34 hydrog ? ? A DT 15 O4 ? ? ? 1_555 A DA 2  N6 ? ? B DT 215 B DA 202 10_444 ? ? ? ? ? ? WATSON-CRICK ? ? ? 
hydrog35 hydrog ? ? A DA 16 N1 ? ? ? 1_555 A DT 1  N3 ? ? B DA 216 B DT 201 10_444 ? ? ? ? ? ? WATSON-CRICK ? ? ? 
hydrog36 hydrog ? ? A DA 16 N6 ? ? ? 1_555 A DT 1  O4 ? ? B DA 216 B DT 201 10_444 ? ? ? ? ? ? WATSON-CRICK ? ? ? 
# 
_struct_conn_type.id          hydrog 
_struct_conn_type.criteria    ? 
_struct_conn_type.reference   ? 
# 
_struct_sheet.id               A 
_struct_sheet.type             ? 
_struct_sheet.number_strands   3 
_struct_sheet.details          ? 
# 
loop_
_struct_sheet_order.sheet_id 
_struct_sheet_order.range_id_1 
_struct_sheet_order.range_id_2 
_struct_sheet_order.offset 
_struct_sheet_order.sense 
A 1 2 ? anti-parallel 
A 2 3 ? anti-parallel 
# 
loop_
_struct_sheet_range.sheet_id 
_struct_sheet_range.id 
_struct_sheet_range.beg_label_comp_id 
_struct_sheet_range.beg_label_asym_id 
_struct_sheet_range.beg_label_seq_id 
_struct_sheet_range.pdbx_beg_PDB_ins_code 
_struct_sheet_range.end_label_comp_id 
_struct_sheet_range.end_label_asym_id 
_struct_sheet_range.end_label_seq_id 
_struct_sheet_range.pdbx_end_PDB_ins_code 
_struct_sheet_range.beg_auth_comp_id 
_struct_sheet_range.beg_auth_asym_id 
_struct_sheet_range.beg_auth_seq_id 
_struct_sheet_range.end_auth_comp_id 
_struct_sheet_range.end_auth_asym_id 
_struct_sheet_range.end_auth_seq_id 
A 1 VAL B 25 ? SER B 26 ? VAL A 25 SER A 26 
A 2 TYR B 67 ? SER B 71 ? TYR A 67 SER A 71 
A 3 ILE B 58 ? LYS B 62 ? ILE A 58 LYS A 62 
# 
loop_
_pdbx_struct_sheet_hbond.sheet_id 
_pdbx_struct_sheet_hbond.range_id_1 
_pdbx_struct_sheet_hbond.range_id_2 
_pdbx_struct_sheet_hbond.range_1_label_atom_id 
_pdbx_struct_sheet_hbond.range_1_label_comp_id 
_pdbx_struct_sheet_hbond.range_1_label_asym_id 
_pdbx_struct_sheet_hbond.range_1_label_seq_id 
_pdbx_struct_sheet_hbond.range_1_PDB_ins_code 
_pdbx_struct_sheet_hbond.range_1_auth_atom_id 
_pdbx_struct_sheet_hbond.range_1_auth_comp_id 
_pdbx_struct_sheet_hbond.range_1_auth_asym_id 
_pdbx_struct_sheet_hbond.range_1_auth_seq_id 
_pdbx_struct_sheet_hbond.range_2_label_atom_id 
_pdbx_struct_sheet_hbond.range_2_label_comp_id 
_pdbx_struct_sheet_hbond.range_2_label_asym_id 
_pdbx_struct_sheet_hbond.range_2_label_seq_id 
_pdbx_struct_sheet_hbond.range_2_PDB_ins_code 
_pdbx_struct_sheet_hbond.range_2_auth_atom_id 
_pdbx_struct_sheet_hbond.range_2_auth_comp_id 
_pdbx_struct_sheet_hbond.range_2_auth_asym_id 
_pdbx_struct_sheet_hbond.range_2_auth_seq_id 
A 1 2 N VAL B 25 ? N VAL A 25 O TYR B 69 ? O TYR A 69 
A 2 3 O SER B 70 ? O SER A 70 N LYS B 59 ? N LYS A 59 
# 
_atom_sites.entry_id                    1XSD 
_atom_sites.fract_transf_matrix[1][1]   -0.01242283 
_atom_sites.fract_transf_matrix[1][2]   0.00496845 
_atom_sites.fract_transf_matrix[1][3]   -0.00362529 
_atom_sites.fract_transf_matrix[2][1]   -0.00235385 
_atom_sites.fract_transf_matrix[2][2]   0.00370804 
_atom_sites.fract_transf_matrix[2][3]   0.01314781 
_atom_sites.fract_transf_matrix[3][1]   0.00168351 
_atom_sites.fract_transf_matrix[3][2]   0.00367336 
_atom_sites.fract_transf_matrix[3][3]   -0.00073459 
_atom_sites.fract_transf_vector[1]      -0.071710 
_atom_sites.fract_transf_vector[2]      0.128311 
_atom_sites.fract_transf_vector[3]      0.148551 
# 
loop_
_atom_type.symbol 
C 
N 
O 
P 
S 
# 
loop_
_atom_site.group_PDB 
_atom_site.id 
_atom_site.type_symbol 
_atom_site.label_atom_id 
_atom_site.label_alt_id 
_atom_site.label_comp_id 
_atom_site.label_asym_id 
_atom_site.label_entity_id 
_atom_site.label_seq_id 
_atom_site.pdbx_PDB_ins_code 
_atom_site.Cartn_x 
_atom_site.Cartn_y 
_atom_site.Cartn_z 
_atom_site.occupancy 
_atom_site.B_iso_or_equiv 
_atom_site.pdbx_formal_charge 
_atom_site.auth_seq_id 
_atom_site.auth_comp_id 
_atom_site.auth_asym_id 
_atom_site.auth_atom_id 
_atom_site.pdbx_PDB_model_num 
ATOM   1    P P     . DT  A 1 1   ? -6.316  13.237  -38.423 1.00 57.35  ? 201 DT  B P     1 
ATOM   2    O OP1   . DT  A 1 1   ? -6.397  12.822  -36.971 1.00 55.35  ? 201 DT  B OP1   1 
ATOM   3    O OP2   . DT  A 1 1   ? -5.788  12.262  -39.461 1.00 56.48  ? 201 DT  B OP2   1 
ATOM   4    O "O5'" . DT  A 1 1   ? -5.326  14.471  -38.486 1.00 52.21  ? 201 DT  B "O5'" 1 
ATOM   5    C "C5'" . DT  A 1 1   ? -4.433  14.591  -39.561 1.00 48.03  ? 201 DT  B "C5'" 1 
ATOM   6    C "C4'" . DT  A 1 1   ? -3.242  15.418  -39.156 1.00 46.63  ? 201 DT  B "C4'" 1 
ATOM   7    O "O4'" . DT  A 1 1   ? -3.710  16.707  -38.677 1.00 45.11  ? 201 DT  B "O4'" 1 
ATOM   8    C "C3'" . DT  A 1 1   ? -2.342  14.849  -38.055 1.00 46.58  ? 201 DT  B "C3'" 1 
ATOM   9    O "O3'" . DT  A 1 1   ? -0.989  14.819  -38.556 1.00 47.39  ? 201 DT  B "O3'" 1 
ATOM   10   C "C2'" . DT  A 1 1   ? -2.543  15.810  -36.880 1.00 44.20  ? 201 DT  B "C2'" 1 
ATOM   11   C "C1'" . DT  A 1 1   ? -2.929  17.107  -37.568 1.00 40.58  ? 201 DT  B "C1'" 1 
ATOM   12   N N1    . DT  A 1 1   ? -3.734  18.077  -36.800 1.00 36.46  ? 201 DT  B N1    1 
ATOM   13   C C2    . DT  A 1 1   ? -3.261  19.398  -36.673 1.00 35.82  ? 201 DT  B C2    1 
ATOM   14   O O2    . DT  A 1 1   ? -2.194  19.798  -37.154 1.00 36.45  ? 201 DT  B O2    1 
ATOM   15   N N3    . DT  A 1 1   ? -4.093  20.239  -35.973 1.00 31.30  ? 201 DT  B N3    1 
ATOM   16   C C4    . DT  A 1 1   ? -5.313  19.927  -35.423 1.00 32.46  ? 201 DT  B C4    1 
ATOM   17   O O4    . DT  A 1 1   ? -5.967  20.802  -34.861 1.00 33.17  ? 201 DT  B O4    1 
ATOM   18   C C5    . DT  A 1 1   ? -5.736  18.541  -35.576 1.00 34.05  ? 201 DT  B C5    1 
ATOM   19   C C7    . DT  A 1 1   ? -7.054  18.122  -34.991 1.00 33.37  ? 201 DT  B C7    1 
ATOM   20   C C6    . DT  A 1 1   ? -4.929  17.694  -36.244 1.00 33.81  ? 201 DT  B C6    1 
ATOM   21   P P     . DA  A 1 2   ? 0.237   14.500  -37.568 1.00 49.35  ? 202 DA  B P     1 
ATOM   22   O OP1   . DA  A 1 2   ? 1.342   13.821  -38.324 1.00 48.16  ? 202 DA  B OP1   1 
ATOM   23   O OP2   . DA  A 1 2   ? -0.329  13.844  -36.356 1.00 49.63  ? 202 DA  B OP2   1 
ATOM   24   O "O5'" . DA  A 1 2   ? 0.732   15.962  -37.170 1.00 48.64  ? 202 DA  B "O5'" 1 
ATOM   25   C "C5'" . DA  A 1 2   ? 1.240   16.852  -38.163 1.00 45.53  ? 202 DA  B "C5'" 1 
ATOM   26   C "C4'" . DA  A 1 2   ? 1.906   18.034  -37.506 1.00 44.18  ? 202 DA  B "C4'" 1 
ATOM   27   O "O4'" . DA  A 1 2   ? 0.889   18.843  -36.854 1.00 43.12  ? 202 DA  B "O4'" 1 
ATOM   28   C "C3'" . DA  A 1 2   ? 2.921   17.662  -36.423 1.00 45.90  ? 202 DA  B "C3'" 1 
ATOM   29   O "O3'" . DA  A 1 2   ? 4.058   18.520  -36.537 1.00 51.05  ? 202 DA  B "O3'" 1 
ATOM   30   C "C2'" . DA  A 1 2   ? 2.169   17.921  -35.124 1.00 42.94  ? 202 DA  B "C2'" 1 
ATOM   31   C "C1'" . DA  A 1 2   ? 1.250   19.083  -35.494 1.00 38.42  ? 202 DA  B "C1'" 1 
ATOM   32   N N9    . DA  A 1 2   ? 0.008   19.199  -34.718 1.00 30.79  ? 202 DA  B N9    1 
ATOM   33   C C8    . DA  A 1 2   ? -0.909  18.212  -34.430 1.00 28.15  ? 202 DA  B C8    1 
ATOM   34   N N7    . DA  A 1 2   ? -1.965  18.648  -33.764 1.00 24.98  ? 202 DA  B N7    1 
ATOM   35   C C5    . DA  A 1 2   ? -1.722  20.002  -33.610 1.00 21.46  ? 202 DA  B C5    1 
ATOM   36   C C6    . DA  A 1 2   ? -2.485  21.026  -33.032 1.00 20.53  ? 202 DA  B C6    1 
ATOM   37   N N6    . DA  A 1 2   ? -3.692  20.831  -32.516 1.00 22.23  ? 202 DA  B N6    1 
ATOM   38   N N1    . DA  A 1 2   ? -1.972  22.274  -33.010 1.00 18.97  ? 202 DA  B N1    1 
ATOM   39   C C2    . DA  A 1 2   ? -0.764  22.460  -33.560 1.00 24.19  ? 202 DA  B C2    1 
ATOM   40   N N3    . DA  A 1 2   ? 0.058   21.560  -34.163 1.00 24.95  ? 202 DA  B N3    1 
ATOM   41   C C4    . DA  A 1 2   ? -0.497  20.347  -34.156 1.00 24.84  ? 202 DA  B C4    1 
ATOM   42   P P     . DC  A 1 3   ? 5.434   18.158  -35.762 1.00 56.60  ? 203 DC  B P     1 
ATOM   43   O OP1   . DC  A 1 3   ? 6.525   18.249  -36.783 1.00 56.12  ? 203 DC  B OP1   1 
ATOM   44   O OP2   . DC  A 1 3   ? 5.312   16.932  -34.904 1.00 56.37  ? 203 DC  B OP2   1 
ATOM   45   O "O5'" . DC  A 1 3   ? 5.575   19.372  -34.753 1.00 55.72  ? 203 DC  B "O5'" 1 
ATOM   46   C "C5'" . DC  A 1 3   ? 4.407   19.874  -34.163 1.00 55.49  ? 203 DC  B "C5'" 1 
ATOM   47   C "C4'" . DC  A 1 3   ? 4.578   21.320  -33.808 1.00 53.65  ? 203 DC  B "C4'" 1 
ATOM   48   O "O4'" . DC  A 1 3   ? 3.269   21.748  -33.388 1.00 53.65  ? 203 DC  B "O4'" 1 
ATOM   49   C "C3'" . DC  A 1 3   ? 5.474   21.509  -32.598 1.00 54.72  ? 203 DC  B "C3'" 1 
ATOM   50   O "O3'" . DC  A 1 3   ? 6.010   22.832  -32.618 1.00 58.94  ? 203 DC  B "O3'" 1 
ATOM   51   C "C2'" . DC  A 1 3   ? 4.515   21.321  -31.434 1.00 51.65  ? 203 DC  B "C2'" 1 
ATOM   52   C "C1'" . DC  A 1 3   ? 3.227   21.926  -31.972 1.00 48.07  ? 203 DC  B "C1'" 1 
ATOM   53   N N1    . DC  A 1 3   ? 2.002   21.269  -31.488 1.00 42.37  ? 203 DC  B N1    1 
ATOM   54   C C2    . DC  A 1 3   ? 0.995   22.039  -30.879 1.00 37.38  ? 203 DC  B C2    1 
ATOM   55   O O2    . DC  A 1 3   ? 1.167   23.246  -30.766 1.00 35.14  ? 203 DC  B O2    1 
ATOM   56   N N3    . DC  A 1 3   ? -0.128  21.427  -30.435 1.00 34.73  ? 203 DC  B N3    1 
ATOM   57   C C4    . DC  A 1 3   ? -0.264  20.099  -30.584 1.00 34.41  ? 203 DC  B C4    1 
ATOM   58   N N4    . DC  A 1 3   ? -1.371  19.522  -30.161 1.00 32.48  ? 203 DC  B N4    1 
ATOM   59   C C5    . DC  A 1 3   ? 0.739   19.301  -31.188 1.00 36.84  ? 203 DC  B C5    1 
ATOM   60   C C6    . DC  A 1 3   ? 1.846   19.919  -31.630 1.00 40.35  ? 203 DC  B C6    1 
ATOM   61   P P     . DT  A 1 4   ? 6.987   23.317  -31.432 1.00 61.57  ? 204 DT  B P     1 
ATOM   62   O OP1   . DT  A 1 4   ? 7.948   24.318  -32.018 1.00 60.32  ? 204 DT  B OP1   1 
ATOM   63   O OP2   . DT  A 1 4   ? 7.503   22.106  -30.700 1.00 59.81  ? 204 DT  B OP2   1 
ATOM   64   O "O5'" . DT  A 1 4   ? 6.007   24.091  -30.461 1.00 59.94  ? 204 DT  B "O5'" 1 
ATOM   65   C "C5'" . DT  A 1 4   ? 5.176   25.100  -30.968 1.00 58.37  ? 204 DT  B "C5'" 1 
ATOM   66   C "C4'" . DT  A 1 4   ? 4.324   25.645  -29.853 1.00 58.39  ? 204 DT  B "C4'" 1 
ATOM   67   O "O4'" . DT  A 1 4   ? 3.245   24.728  -29.511 1.00 56.89  ? 204 DT  B "O4'" 1 
ATOM   68   C "C3'" . DT  A 1 4   ? 5.087   25.914  -28.555 1.00 58.89  ? 204 DT  B "C3'" 1 
ATOM   69   O "O3'" . DT  A 1 4   ? 4.676   27.223  -28.129 1.00 63.04  ? 204 DT  B "O3'" 1 
ATOM   70   C "C2'" . DT  A 1 4   ? 4.616   24.790  -27.630 1.00 55.00  ? 204 DT  B "C2'" 1 
ATOM   71   C "C1'" . DT  A 1 4   ? 3.176   24.585  -28.094 1.00 51.68  ? 204 DT  B "C1'" 1 
ATOM   72   N N1    . DT  A 1 4   ? 2.509   23.278  -27.797 1.00 44.68  ? 204 DT  B N1    1 
ATOM   73   C C2    . DT  A 1 4   ? 1.249   23.242  -27.159 1.00 43.57  ? 204 DT  B C2    1 
ATOM   74   O O2    . DT  A 1 4   ? 0.646   24.228  -26.731 1.00 45.16  ? 204 DT  B O2    1 
ATOM   75   N N3    . DT  A 1 4   ? 0.718   21.989  -27.032 1.00 39.28  ? 204 DT  B N3    1 
ATOM   76   C C4    . DT  A 1 4   ? 1.286   20.803  -27.430 1.00 36.71  ? 204 DT  B C4    1 
ATOM   77   O O4    . DT  A 1 4   ? 0.676   19.751  -27.242 1.00 38.97  ? 204 DT  B O4    1 
ATOM   78   C C5    . DT  A 1 4   ? 2.595   20.910  -28.045 1.00 34.27  ? 204 DT  B C5    1 
ATOM   79   C C7    . DT  A 1 4   ? 3.292   19.668  -28.503 1.00 29.46  ? 204 DT  B C7    1 
ATOM   80   C C6    . DT  A 1 4   ? 3.130   22.123  -28.187 1.00 38.72  ? 204 DT  B C6    1 
ATOM   81   P P     . DA  A 1 5   ? 5.371   27.944  -26.863 1.00 65.70  ? 205 DA  B P     1 
ATOM   82   O OP1   . DA  A 1 5   ? 5.339   29.409  -27.178 1.00 65.83  ? 205 DA  B OP1   1 
ATOM   83   O OP2   . DA  A 1 5   ? 6.676   27.276  -26.562 1.00 63.62  ? 205 DA  B OP2   1 
ATOM   84   O "O5'" . DA  A 1 5   ? 4.266   27.704  -25.741 1.00 64.46  ? 205 DA  B "O5'" 1 
ATOM   85   C "C5'" . DA  A 1 5   ? 2.888   27.896  -26.095 1.00 64.62  ? 205 DA  B "C5'" 1 
ATOM   86   C "C4'" . DA  A 1 5   ? 2.005   27.845  -24.874 1.00 64.35  ? 205 DA  B "C4'" 1 
ATOM   87   O "O4'" . DA  A 1 5   ? 1.385   26.545  -24.728 1.00 61.53  ? 205 DA  B "O4'" 1 
ATOM   88   C "C3'" . DA  A 1 5   ? 2.734   28.129  -23.562 1.00 66.17  ? 205 DA  B "C3'" 1 
ATOM   89   O "O3'" . DA  A 1 5   ? 1.848   28.894  -22.732 1.00 71.44  ? 205 DA  B "O3'" 1 
ATOM   90   C "C2'" . DA  A 1 5   ? 2.999   26.728  -23.014 1.00 61.34  ? 205 DA  B "C2'" 1 
ATOM   91   C "C1'" . DA  A 1 5   ? 1.738   25.987  -23.461 1.00 56.95  ? 205 DA  B "C1'" 1 
ATOM   92   N N9    . DA  A 1 5   ? 1.830   24.530  -23.627 1.00 49.69  ? 205 DA  B N9    1 
ATOM   93   C C8    . DA  A 1 5   ? 2.839   23.774  -24.198 1.00 47.10  ? 205 DA  B C8    1 
ATOM   94   N N7    . DA  A 1 5   ? 2.561   22.492  -24.272 1.00 43.42  ? 205 DA  B N7    1 
ATOM   95   C C5    . DA  A 1 5   ? 1.293   22.397  -23.697 1.00 42.32  ? 205 DA  B C5    1 
ATOM   96   C C6    . DA  A 1 5   ? 0.433   21.304  -23.485 1.00 39.86  ? 205 DA  B C6    1 
ATOM   97   N N6    . DA  A 1 5   ? 0.724   20.063  -23.886 1.00 38.26  ? 205 DA  B N6    1 
ATOM   98   N N1    . DA  A 1 5   ? -0.747  21.535  -22.848 1.00 38.22  ? 205 DA  B N1    1 
ATOM   99   C C2    . DA  A 1 5   ? -1.031  22.789  -22.474 1.00 39.66  ? 205 DA  B C2    1 
ATOM   100  N N3    . DA  A 1 5   ? -0.309  23.908  -22.642 1.00 40.56  ? 205 DA  B N3    1 
ATOM   101  C C4    . DA  A 1 5   ? 0.851   23.636  -23.266 1.00 43.55  ? 205 DA  B C4    1 
ATOM   102  P P     . DC  A 1 6   ? 2.406   29.639  -21.408 1.00 76.49  ? 206 DC  B P     1 
ATOM   103  O OP1   . DC  A 1 6   ? 2.226   31.101  -21.669 1.00 75.98  ? 206 DC  B OP1   1 
ATOM   104  O OP2   . DC  A 1 6   ? 3.760   29.117  -21.012 1.00 73.24  ? 206 DC  B OP2   1 
ATOM   105  O "O5'" . DC  A 1 6   ? 1.335   29.200  -20.303 1.00 74.37  ? 206 DC  B "O5'" 1 
ATOM   106  C "C5'" . DC  A 1 6   ? 0.505   28.058  -20.522 1.00 71.23  ? 206 DC  B "C5'" 1 
ATOM   107  C "C4'" . DC  A 1 6   ? 0.255   27.332  -19.222 1.00 69.84  ? 206 DC  B "C4'" 1 
ATOM   108  O "O4'" . DC  A 1 6   ? 0.112   25.910  -19.504 1.00 66.04  ? 206 DC  B "O4'" 1 
ATOM   109  C "C3'" . DC  A 1 6   ? 1.407   27.435  -18.212 1.00 69.65  ? 206 DC  B "C3'" 1 
ATOM   110  O "O3'" . DC  A 1 6   ? 0.856   27.239  -16.886 1.00 74.18  ? 206 DC  B "O3'" 1 
ATOM   111  C "C2'" . DC  A 1 6   ? 2.244   26.229  -18.576 1.00 65.59  ? 206 DC  B "C2'" 1 
ATOM   112  C "C1'" . DC  A 1 6   ? 1.125   25.218  -18.786 1.00 62.22  ? 206 DC  B "C1'" 1 
ATOM   113  N N1    . DC  A 1 6   ? 1.479   23.968  -19.486 1.00 56.13  ? 206 DC  B N1    1 
ATOM   114  C C2    . DC  A 1 6   ? 0.561   22.890  -19.473 1.00 53.74  ? 206 DC  B C2    1 
ATOM   115  O O2    . DC  A 1 6   ? -0.586  23.073  -19.006 1.00 51.58  ? 206 DC  B O2    1 
ATOM   116  N N3    . DC  A 1 6   ? 0.952   21.693  -19.977 1.00 50.59  ? 206 DC  B N3    1 
ATOM   117  C C4    . DC  A 1 6   ? 2.180   21.556  -20.498 1.00 49.64  ? 206 DC  B C4    1 
ATOM   118  N N4    . DC  A 1 6   ? 2.557   20.344  -20.918 1.00 46.28  ? 206 DC  B N4    1 
ATOM   119  C C5    . DC  A 1 6   ? 3.088   22.653  -20.596 1.00 50.54  ? 206 DC  B C5    1 
ATOM   120  C C6    . DC  A 1 6   ? 2.701   23.826  -20.086 1.00 52.76  ? 206 DC  B C6    1 
ATOM   121  P P     . DA  A 1 7   ? 1.391   28.102  -15.619 1.00 76.60  ? 207 DA  B P     1 
ATOM   122  O OP1   . DA  A 1 7   ? 0.886   29.485  -15.858 1.00 76.41  ? 207 DA  B OP1   1 
ATOM   123  O OP2   . DA  A 1 7   ? 2.845   27.862  -15.319 1.00 72.60  ? 207 DA  B OP2   1 
ATOM   124  O "O5'" . DA  A 1 7   ? 0.525   27.532  -14.410 1.00 75.25  ? 207 DA  B "O5'" 1 
ATOM   125  C "C5'" . DA  A 1 7   ? -0.907  27.607  -14.448 1.00 74.72  ? 207 DA  B "C5'" 1 
ATOM   126  C "C4'" . DA  A 1 7   ? -1.501  26.382  -13.796 1.00 73.19  ? 207 DA  B "C4'" 1 
ATOM   127  O "O4'" . DA  A 1 7   ? -1.115  25.233  -14.590 1.00 71.89  ? 207 DA  B "O4'" 1 
ATOM   128  C "C3'" . DA  A 1 7   ? -0.944  26.132  -12.401 1.00 74.08  ? 207 DA  B "C3'" 1 
ATOM   129  O "O3'" . DA  A 1 7   ? -1.958  25.635  -11.515 1.00 77.72  ? 207 DA  B "O3'" 1 
ATOM   130  C "C2'" . DA  A 1 7   ? 0.172   25.124  -12.636 1.00 71.54  ? 207 DA  B "C2'" 1 
ATOM   131  C "C1'" . DA  A 1 7   ? -0.331  24.332  -13.830 1.00 68.26  ? 207 DA  B "C1'" 1 
ATOM   132  N N9    . DA  A 1 7   ? 0.714   23.792  -14.707 1.00 63.73  ? 207 DA  B N9    1 
ATOM   133  C C8    . DA  A 1 7   ? 1.869   24.402  -15.129 1.00 61.27  ? 207 DA  B C8    1 
ATOM   134  N N7    . DA  A 1 7   ? 2.617   23.649  -15.900 1.00 58.40  ? 207 DA  B N7    1 
ATOM   135  C C5    . DA  A 1 7   ? 1.904   22.466  -16.002 1.00 58.01  ? 207 DA  B C5    1 
ATOM   136  C C6    . DA  A 1 7   ? 2.161   21.272  -16.685 1.00 57.01  ? 207 DA  B C6    1 
ATOM   137  N N6    . DA  A 1 7   ? 3.239   21.081  -17.444 1.00 55.03  ? 207 DA  B N6    1 
ATOM   138  N N1    . DA  A 1 7   ? 1.258   20.269  -16.568 1.00 56.41  ? 207 DA  B N1    1 
ATOM   139  C C2    . DA  A 1 7   ? 0.165   20.475  -15.823 1.00 57.05  ? 207 DA  B C2    1 
ATOM   140  N N3    . DA  A 1 7   ? -0.198  21.561  -15.141 1.00 59.09  ? 207 DA  B N3    1 
ATOM   141  C C4    . DA  A 1 7   ? 0.730   22.534  -15.271 1.00 60.50  ? 207 DA  B C4    1 
ATOM   142  P P     . DT  A 1 8   ? -1.593  25.373  -9.956  1.00 80.52  ? 208 DT  B P     1 
ATOM   143  O OP1   . DT  A 1 8   ? -2.818  25.595  -9.137  1.00 79.69  ? 208 DT  B OP1   1 
ATOM   144  O OP2   . DT  A 1 8   ? -0.330  26.112  -9.634  1.00 79.36  ? 208 DT  B OP2   1 
ATOM   145  O "O5'" . DT  A 1 8   ? -1.305  23.810  -9.900  1.00 78.05  ? 208 DT  B "O5'" 1 
ATOM   146  C "C5'" . DT  A 1 8   ? -2.285  22.901  -10.379 1.00 74.16  ? 208 DT  B "C5'" 1 
ATOM   147  C "C4'" . DT  A 1 8   ? -1.712  21.510  -10.456 1.00 71.10  ? 208 DT  B "C4'" 1 
ATOM   148  O "O4'" . DT  A 1 8   ? -0.737  21.402  -11.526 1.00 70.25  ? 208 DT  B "O4'" 1 
ATOM   149  C "C3'" . DT  A 1 8   ? -0.993  21.055  -9.186  1.00 70.63  ? 208 DT  B "C3'" 1 
ATOM   150  O "O3'" . DT  A 1 8   ? -1.482  19.760  -8.830  1.00 69.47  ? 208 DT  B "O3'" 1 
ATOM   151  C "C2'" . DT  A 1 8   ? 0.468   20.978  -9.614  1.00 69.25  ? 208 DT  B "C2'" 1 
ATOM   152  C "C1'" . DT  A 1 8   ? 0.307   20.573  -11.059 1.00 68.58  ? 208 DT  B "C1'" 1 
ATOM   153  N N1    . DT  A 1 8   ? 1.490   20.708  -11.950 1.00 66.44  ? 208 DT  B N1    1 
ATOM   154  C C2    . DT  A 1 8   ? 1.851   19.607  -12.721 1.00 65.87  ? 208 DT  B C2    1 
ATOM   155  O O2    . DT  A 1 8   ? 1.217   18.559  -12.752 1.00 65.20  ? 208 DT  B O2    1 
ATOM   156  N N3    . DT  A 1 8   ? 2.986   19.780  -13.465 1.00 64.78  ? 208 DT  B N3    1 
ATOM   157  C C4    . DT  A 1 8   ? 3.772   20.910  -13.538 1.00 65.33  ? 208 DT  B C4    1 
ATOM   158  O O4    . DT  A 1 8   ? 4.776   20.918  -14.254 1.00 62.98  ? 208 DT  B O4    1 
ATOM   159  C C5    . DT  A 1 8   ? 3.325   22.024  -12.735 1.00 66.28  ? 208 DT  B C5    1 
ATOM   160  C C7    . DT  A 1 8   ? 4.122   23.295  -12.764 1.00 67.51  ? 208 DT  B C7    1 
ATOM   161  C C6    . DT  A 1 8   ? 2.215   21.872  -11.994 1.00 65.83  ? 208 DT  B C6    1 
ATOM   162  P P     . DA  A 1 9   ? -1.054  19.097  -7.426  1.00 70.09  ? 209 DA  B P     1 
ATOM   163  O OP1   . DA  A 1 9   ? -2.323  18.708  -6.736  1.00 69.96  ? 209 DA  B OP1   1 
ATOM   164  O OP2   . DA  A 1 9   ? -0.026  19.902  -6.696  1.00 67.23  ? 209 DA  B OP2   1 
ATOM   165  O "O5'" . DA  A 1 9   ? -0.307  17.784  -7.904  1.00 63.60  ? 209 DA  B "O5'" 1 
ATOM   166  C "C5'" . DA  A 1 9   ? -0.785  17.095  -9.016  1.00 55.39  ? 209 DA  B "C5'" 1 
ATOM   167  C "C4'" . DA  A 1 9   ? 0.263   16.132  -9.495  1.00 52.38  ? 209 DA  B "C4'" 1 
ATOM   168  O "O4'" . DA  A 1 9   ? 1.273   16.829  -10.243 1.00 50.66  ? 209 DA  B "O4'" 1 
ATOM   169  C "C3'" . DA  A 1 9   ? 0.993   15.347  -8.410  1.00 50.27  ? 209 DA  B "C3'" 1 
ATOM   170  O "O3'" . DA  A 1 9   ? 1.026   13.980  -8.819  1.00 48.99  ? 209 DA  B "O3'" 1 
ATOM   171  C "C2'" . DA  A 1 9   ? 2.391   15.957  -8.396  1.00 48.42  ? 209 DA  B "C2'" 1 
ATOM   172  C "C1'" . DA  A 1 9   ? 2.556   16.394  -9.836  1.00 48.15  ? 209 DA  B "C1'" 1 
ATOM   173  N N9    . DA  A 1 9   ? 3.494   17.481  -10.143 1.00 46.03  ? 209 DA  B N9    1 
ATOM   174  C C8    . DA  A 1 9   ? 3.481   18.791  -9.713  1.00 42.98  ? 209 DA  B C8    1 
ATOM   175  N N7    . DA  A 1 9   ? 4.407   19.536  -10.268 1.00 42.12  ? 209 DA  B N7    1 
ATOM   176  C C5    . DA  A 1 9   ? 5.089   18.657  -11.102 1.00 42.67  ? 209 DA  B C5    1 
ATOM   177  C C6    . DA  A 1 9   ? 6.174   18.835  -11.995 1.00 43.63  ? 209 DA  B C6    1 
ATOM   178  N N6    . DA  A 1 9   ? 6.799   20.010  -12.168 1.00 41.82  ? 209 DA  B N6    1 
ATOM   179  N N1    . DA  A 1 9   ? 6.601   17.745  -12.705 1.00 42.08  ? 209 DA  B N1    1 
ATOM   180  C C2    . DA  A 1 9   ? 5.997   16.568  -12.490 1.00 41.12  ? 209 DA  B C2    1 
ATOM   181  N N3    . DA  A 1 9   ? 4.982   16.278  -11.665 1.00 41.78  ? 209 DA  B N3    1 
ATOM   182  C C4    . DA  A 1 9   ? 4.561   17.381  -11.010 1.00 43.10  ? 209 DA  B C4    1 
ATOM   183  P P     . DT  A 1 10  ? 1.284   12.836  -7.739  1.00 47.83  ? 210 DT  B P     1 
ATOM   184  O OP1   . DT  A 1 10  ? 0.360   11.708  -7.989  1.00 50.33  ? 210 DT  B OP1   1 
ATOM   185  O OP2   . DT  A 1 10  ? 1.303   13.506  -6.408  1.00 49.49  ? 210 DT  B OP2   1 
ATOM   186  O "O5'" . DT  A 1 10  ? 2.717   12.294  -8.133  1.00 46.12  ? 210 DT  B "O5'" 1 
ATOM   187  C "C5'" . DT  A 1 10  ? 2.983   11.946  -9.477  1.00 42.56  ? 210 DT  B "C5'" 1 
ATOM   188  C "C4'" . DT  A 1 10  ? 4.467   11.826  -9.692  1.00 42.43  ? 210 DT  B "C4'" 1 
ATOM   189  O "O4'" . DT  A 1 10  ? 5.076   13.104  -10.015 1.00 43.08  ? 210 DT  B "O4'" 1 
ATOM   190  C "C3'" . DT  A 1 10  ? 5.182   11.321  -8.452  1.00 43.02  ? 210 DT  B "C3'" 1 
ATOM   191  O "O3'" . DT  A 1 10  ? 5.976   10.218  -8.774  1.00 47.65  ? 210 DT  B "O3'" 1 
ATOM   192  C "C2'" . DT  A 1 10  ? 6.098   12.467  -8.056  1.00 42.59  ? 210 DT  B "C2'" 1 
ATOM   193  C "C1'" . DT  A 1 10  ? 6.334   13.170  -9.369  1.00 40.33  ? 210 DT  B "C1'" 1 
ATOM   194  N N1    . DT  A 1 10  ? 6.728   14.598  -9.261  1.00 38.16  ? 210 DT  B N1    1 
ATOM   195  C C2    . DT  A 1 10  ? 7.792   15.058  -10.033 1.00 35.99  ? 210 DT  B C2    1 
ATOM   196  O O2    . DT  A 1 10  ? 8.489   14.333  -10.715 1.00 34.97  ? 210 DT  B O2    1 
ATOM   197  N N3    . DT  A 1 10  ? 8.021   16.404  -9.950  1.00 33.06  ? 210 DT  B N3    1 
ATOM   198  C C4    . DT  A 1 10  ? 7.337   17.313  -9.172  1.00 34.47  ? 210 DT  B C4    1 
ATOM   199  O O4    . DT  A 1 10  ? 7.611   18.507  -9.246  1.00 37.31  ? 210 DT  B O4    1 
ATOM   200  C C5    . DT  A 1 10  ? 6.298   16.757  -8.325  1.00 33.84  ? 210 DT  B C5    1 
ATOM   201  C C7    . DT  A 1 10  ? 5.572   17.663  -7.383  1.00 29.69  ? 210 DT  B C7    1 
ATOM   202  C C6    . DT  A 1 10  ? 6.039   15.448  -8.421  1.00 35.81  ? 210 DT  B C6    1 
ATOM   203  P P     . DG  A 1 11  ? 6.432   9.231   -7.605  1.00 51.85  ? 211 DG  B P     1 
ATOM   204  O OP1   . DG  A 1 11  ? 5.397   8.158   -7.598  1.00 49.76  ? 211 DG  B OP1   1 
ATOM   205  O OP2   . DG  A 1 11  ? 6.729   10.011  -6.347  1.00 49.54  ? 211 DG  B OP2   1 
ATOM   206  O "O5'" . DG  A 1 11  ? 7.830   8.702   -8.147  1.00 51.61  ? 211 DG  B "O5'" 1 
ATOM   207  C "C5'" . DG  A 1 11  ? 8.347   9.186   -9.388  1.00 51.03  ? 211 DG  B "C5'" 1 
ATOM   208  C "C4'" . DG  A 1 11  ? 9.854   9.264   -9.334  1.00 50.16  ? 211 DG  B "C4'" 1 
ATOM   209  O "O4'" . DG  A 1 11  ? 10.286  10.641  -9.388  1.00 50.95  ? 211 DG  B "O4'" 1 
ATOM   210  C "C3'" . DG  A 1 11  ? 10.472  8.691   -8.077  1.00 49.41  ? 211 DG  B "C3'" 1 
ATOM   211  O "O3'" . DG  A 1 11  ? 11.722  8.131   -8.415  1.00 51.35  ? 211 DG  B "O3'" 1 
ATOM   212  C "C2'" . DG  A 1 11  ? 10.637  9.916   -7.195  1.00 48.72  ? 211 DG  B "C2'" 1 
ATOM   213  C "C1'" . DG  A 1 11  ? 10.940  11.024  -8.195  1.00 46.85  ? 211 DG  B "C1'" 1 
ATOM   214  N N9    . DG  A 1 11  ? 10.410  12.333  -7.823  1.00 42.69  ? 211 DG  B N9    1 
ATOM   215  C C8    . DG  A 1 11  ? 9.297   12.574  -7.062  1.00 40.73  ? 211 DG  B C8    1 
ATOM   216  N N7    . DG  A 1 11  ? 9.063   13.845  -6.878  1.00 38.54  ? 211 DG  B N7    1 
ATOM   217  C C5    . DG  A 1 11  ? 10.084  14.483  -7.560  1.00 38.33  ? 211 DG  B C5    1 
ATOM   218  C C6    . DG  A 1 11  ? 10.367  15.876  -7.697  1.00 37.19  ? 211 DG  B C6    1 
ATOM   219  O O6    . DG  A 1 11  ? 9.763   16.844  -7.209  1.00 32.44  ? 211 DG  B O6    1 
ATOM   220  N N1    . DG  A 1 11  ? 11.496  16.089  -8.486  1.00 38.54  ? 211 DG  B N1    1 
ATOM   221  C C2    . DG  A 1 11  ? 12.258  15.095  -9.062  1.00 40.71  ? 211 DG  B C2    1 
ATOM   222  N N2    . DG  A 1 11  ? 13.306  15.513  -9.796  1.00 39.60  ? 211 DG  B N2    1 
ATOM   223  N N3    . DG  A 1 11  ? 12.010  13.787  -8.925  1.00 41.64  ? 211 DG  B N3    1 
ATOM   224  C C4    . DG  A 1 11  ? 10.918  13.562  -8.164  1.00 40.23  ? 211 DG  B C4    1 
ATOM   225  P P     . DT  A 1 12  ? 12.665  7.558   -7.257  1.00 56.70  ? 212 DT  B P     1 
ATOM   226  O OP1   . DT  A 1 12  ? 12.984  6.132   -7.565  1.00 58.23  ? 212 DT  B OP1   1 
ATOM   227  O OP2   . DT  A 1 12  ? 12.049  7.897   -5.948  1.00 59.35  ? 212 DT  B OP2   1 
ATOM   228  O "O5'" . DT  A 1 12  ? 13.977  8.447   -7.389  1.00 57.33  ? 212 DT  B "O5'" 1 
ATOM   229  C "C5'" . DT  A 1 12  ? 13.860  9.821   -7.701  1.00 58.48  ? 212 DT  B "C5'" 1 
ATOM   230  C "C4'" . DT  A 1 12  ? 15.221  10.462  -7.803  1.00 59.42  ? 212 DT  B "C4'" 1 
ATOM   231  O "O4'" . DT  A 1 12  ? 14.929  11.875  -7.944  1.00 59.89  ? 212 DT  B "O4'" 1 
ATOM   232  C "C3'" . DT  A 1 12  ? 16.050  10.322  -6.529  1.00 60.65  ? 212 DT  B "C3'" 1 
ATOM   233  O "O3'" . DT  A 1 12  ? 17.451  10.176  -6.747  1.00 63.27  ? 212 DT  B "O3'" 1 
ATOM   234  C "C2'" . DT  A 1 12  ? 15.808  11.618  -5.788  1.00 60.28  ? 212 DT  B "C2'" 1 
ATOM   235  C "C1'" . DT  A 1 12  ? 15.427  12.617  -6.859  1.00 56.45  ? 212 DT  B "C1'" 1 
ATOM   236  N N1    . DT  A 1 12  ? 14.352  13.482  -6.366  1.00 53.61  ? 212 DT  B N1    1 
ATOM   237  C C2    . DT  A 1 12  ? 14.512  14.827  -6.536  1.00 52.07  ? 212 DT  B C2    1 
ATOM   238  O O2    . DT  A 1 12  ? 15.422  15.285  -7.207  1.00 53.37  ? 212 DT  B O2    1 
ATOM   239  N N3    . DT  A 1 12  ? 13.571  15.612  -5.899  1.00 49.20  ? 212 DT  B N3    1 
ATOM   240  C C4    . DT  A 1 12  ? 12.491  15.170  -5.145  1.00 49.15  ? 212 DT  B C4    1 
ATOM   241  O O4    . DT  A 1 12  ? 11.740  15.986  -4.596  1.00 45.29  ? 212 DT  B O4    1 
ATOM   242  C C5    . DT  A 1 12  ? 12.343  13.718  -5.072  1.00 50.19  ? 212 DT  B C5    1 
ATOM   243  C C7    . DT  A 1 12  ? 11.182  13.141  -4.318  1.00 48.34  ? 212 DT  B C7    1 
ATOM   244  C C6    . DT  A 1 12  ? 13.264  12.960  -5.692  1.00 51.40  ? 212 DT  B C6    1 
ATOM   245  P P     . DA  A 1 13  ? 18.433  10.113  -5.467  1.00 66.82  ? 213 DA  B P     1 
ATOM   246  O OP1   . DA  A 1 13  ? 19.758  9.599   -5.889  1.00 67.61  ? 213 DA  B OP1   1 
ATOM   247  O OP2   . DA  A 1 13  ? 17.684  9.397   -4.389  1.00 67.15  ? 213 DA  B OP2   1 
ATOM   248  O "O5'" . DA  A 1 13  ? 18.658  11.648  -5.064  1.00 67.84  ? 213 DA  B "O5'" 1 
ATOM   249  C "C5'" . DA  A 1 13  ? 19.262  12.557  -5.997  1.00 68.13  ? 213 DA  B "C5'" 1 
ATOM   250  C "C4'" . DA  A 1 13  ? 19.360  13.955  -5.423  1.00 69.05  ? 213 DA  B "C4'" 1 
ATOM   251  O "O4'" . DA  A 1 13  ? 18.070  14.634  -5.311  1.00 68.09  ? 213 DA  B "O4'" 1 
ATOM   252  C "C3'" . DA  A 1 13  ? 20.012  14.071  -4.043  1.00 70.81  ? 213 DA  B "C3'" 1 
ATOM   253  O "O3'" . DA  A 1 13  ? 20.799  15.261  -4.007  1.00 75.04  ? 213 DA  B "O3'" 1 
ATOM   254  C "C2'" . DA  A 1 13  ? 18.830  14.345  -3.141  1.00 68.62  ? 213 DA  B "C2'" 1 
ATOM   255  C "C1'" . DA  A 1 13  ? 18.048  15.281  -4.050  1.00 64.25  ? 213 DA  B "C1'" 1 
ATOM   256  N N9    . DA  A 1 13  ? 16.670  15.489  -3.605  1.00 58.42  ? 213 DA  B N9    1 
ATOM   257  C C8    . DA  A 1 13  ? 15.763  14.550  -3.172  1.00 55.68  ? 213 DA  B C8    1 
ATOM   258  N N7    . DA  A 1 13  ? 14.682  15.076  -2.641  1.00 54.14  ? 213 DA  B N7    1 
ATOM   259  C C5    . DA  A 1 13  ? 14.876  16.448  -2.769  1.00 52.02  ? 213 DA  B C5    1 
ATOM   260  C C6    . DA  A 1 13  ? 14.113  17.560  -2.356  1.00 49.71  ? 213 DA  B C6    1 
ATOM   261  N N6    . DA  A 1 13  ? 12.998  17.455  -1.638  1.00 47.80  ? 213 DA  B N6    1 
ATOM   262  N N1    . DA  A 1 13  ? 14.562  18.801  -2.682  1.00 48.55  ? 213 DA  B N1    1 
ATOM   263  C C2    . DA  A 1 13  ? 15.715  18.900  -3.328  1.00 48.35  ? 213 DA  B C2    1 
ATOM   264  N N3    . DA  A 1 13  ? 16.550  17.927  -3.729  1.00 51.63  ? 213 DA  B N3    1 
ATOM   265  C C4    . DA  A 1 13  ? 16.064  16.714  -3.414  1.00 53.76  ? 213 DA  B C4    1 
ATOM   266  P P     . DG  A 1 14  ? 22.196  15.267  -3.219  1.00 79.47  ? 214 DG  B P     1 
ATOM   267  O OP1   . DG  A 1 14  ? 23.163  14.563  -4.127  1.00 78.47  ? 214 DG  B OP1   1 
ATOM   268  O OP2   . DG  A 1 14  ? 21.967  14.749  -1.825  1.00 78.60  ? 214 DG  B OP2   1 
ATOM   269  O "O5'" . DG  A 1 14  ? 22.586  16.819  -3.131  1.00 76.42  ? 214 DG  B "O5'" 1 
ATOM   270  C "C5'" . DG  A 1 14  ? 22.681  17.631  -4.304  1.00 72.83  ? 214 DG  B "C5'" 1 
ATOM   271  C "C4'" . DG  A 1 14  ? 22.182  19.024  -4.001  1.00 70.53  ? 214 DG  B "C4'" 1 
ATOM   272  O "O4'" . DG  A 1 14  ? 20.748  18.959  -3.705  1.00 68.53  ? 214 DG  B "O4'" 1 
ATOM   273  C "C3'" . DG  A 1 14  ? 22.851  19.596  -2.744  1.00 70.33  ? 214 DG  B "C3'" 1 
ATOM   274  O "O3'" . DG  A 1 14  ? 23.170  20.991  -2.830  1.00 70.98  ? 214 DG  B "O3'" 1 
ATOM   275  C "C2'" . DG  A 1 14  ? 21.793  19.436  -1.674  1.00 67.88  ? 214 DG  B "C2'" 1 
ATOM   276  C "C1'" . DG  A 1 14  ? 20.506  19.616  -2.463  1.00 63.79  ? 214 DG  B "C1'" 1 
ATOM   277  N N9    . DG  A 1 14  ? 19.384  18.975  -1.780  1.00 56.84  ? 214 DG  B N9    1 
ATOM   278  C C8    . DG  A 1 14  ? 19.218  17.630  -1.531  1.00 55.29  ? 214 DG  B C8    1 
ATOM   279  N N7    . DG  A 1 14  ? 18.182  17.375  -0.776  1.00 52.81  ? 214 DG  B N7    1 
ATOM   280  C C5    . DG  A 1 14  ? 17.616  18.619  -0.549  1.00 50.38  ? 214 DG  B C5    1 
ATOM   281  C C6    . DG  A 1 14  ? 16.475  18.961  0.187   1.00 49.19  ? 214 DG  B C6    1 
ATOM   282  O O6    . DG  A 1 14  ? 15.733  18.214  0.809   1.00 49.64  ? 214 DG  B O6    1 
ATOM   283  N N1    . DG  A 1 14  ? 16.224  20.330  0.151   1.00 47.22  ? 214 DG  B N1    1 
ATOM   284  C C2    . DG  A 1 14  ? 16.992  21.243  -0.529  1.00 48.89  ? 214 DG  B C2    1 
ATOM   285  N N2    . DG  A 1 14  ? 16.568  22.517  -0.479  1.00 48.27  ? 214 DG  B N2    1 
ATOM   286  N N3    . DG  A 1 14  ? 18.089  20.929  -1.219  1.00 48.18  ? 214 DG  B N3    1 
ATOM   287  C C4    . DG  A 1 14  ? 18.332  19.611  -1.184  1.00 50.97  ? 214 DG  B C4    1 
ATOM   288  P P     . DT  A 1 15  ? 23.974  21.682  -1.608  1.00 70.13  ? 215 DT  B P     1 
ATOM   289  O OP1   . DT  A 1 15  ? 25.176  22.291  -2.236  1.00 71.08  ? 215 DT  B OP1   1 
ATOM   290  O OP2   . DT  A 1 15  ? 24.126  20.703  -0.492  1.00 69.04  ? 215 DT  B OP2   1 
ATOM   291  O "O5'" . DT  A 1 15  ? 23.025  22.836  -1.071  1.00 67.73  ? 215 DT  B "O5'" 1 
ATOM   292  C "C5'" . DT  A 1 15  ? 22.735  23.979  -1.860  1.00 65.19  ? 215 DT  B "C5'" 1 
ATOM   293  C "C4'" . DT  A 1 15  ? 21.867  24.919  -1.060  1.00 64.48  ? 215 DT  B "C4'" 1 
ATOM   294  O "O4'" . DT  A 1 15  ? 20.714  24.166  -0.577  1.00 63.19  ? 215 DT  B "O4'" 1 
ATOM   295  C "C3'" . DT  A 1 15  ? 22.560  25.460  0.192   1.00 64.77  ? 215 DT  B "C3'" 1 
ATOM   296  O "O3'" . DT  A 1 15  ? 22.119  26.802  0.432   1.00 66.12  ? 215 DT  B "O3'" 1 
ATOM   297  C "C2'" . DT  A 1 15  ? 22.092  24.523  1.295   1.00 62.83  ? 215 DT  B "C2'" 1 
ATOM   298  C "C1'" . DT  A 1 15  ? 20.670  24.210  0.847   1.00 60.53  ? 215 DT  B "C1'" 1 
ATOM   299  N N1    . DT  A 1 15  ? 20.123  22.925  1.343   1.00 55.42  ? 215 DT  B N1    1 
ATOM   300  C C2    . DT  A 1 15  ? 18.967  22.980  2.110   1.00 53.18  ? 215 DT  B C2    1 
ATOM   301  O O2    . DT  A 1 15  ? 18.379  24.026  2.369   1.00 50.45  ? 215 DT  B O2    1 
ATOM   302  N N3    . DT  A 1 15  ? 18.519  21.753  2.564   1.00 51.95  ? 215 DT  B N3    1 
ATOM   303  C C4    . DT  A 1 15  ? 19.095  20.512  2.326   1.00 51.33  ? 215 DT  B C4    1 
ATOM   304  O O4    . DT  A 1 15  ? 18.575  19.488  2.794   1.00 49.83  ? 215 DT  B O4    1 
ATOM   305  C C5    . DT  A 1 15  ? 20.301  20.537  1.512   1.00 50.98  ? 215 DT  B C5    1 
ATOM   306  C C7    . DT  A 1 15  ? 20.990  19.242  1.219   1.00 51.36  ? 215 DT  B C7    1 
ATOM   307  C C6    . DT  A 1 15  ? 20.745  21.723  1.063   1.00 52.28  ? 215 DT  B C6    1 
ATOM   308  P P     . DA  A 1 16  ? 22.607  27.583  1.755   1.00 66.79  ? 216 DA  B P     1 
ATOM   309  O OP1   . DA  A 1 16  ? 22.796  29.025  1.387   1.00 65.61  ? 216 DA  B OP1   1 
ATOM   310  O OP2   . DA  A 1 16  ? 23.741  26.802  2.341   1.00 67.68  ? 216 DA  B OP2   1 
ATOM   311  O "O5'" . DA  A 1 16  ? 21.361  27.492  2.744   1.00 61.27  ? 216 DA  B "O5'" 1 
ATOM   312  C "C5'" . DA  A 1 16  ? 20.159  28.168  2.429   1.00 56.03  ? 216 DA  B "C5'" 1 
ATOM   313  C "C4'" . DA  A 1 16  ? 19.239  28.163  3.619   1.00 52.26  ? 216 DA  B "C4'" 1 
ATOM   314  O "O4'" . DA  A 1 16  ? 18.884  26.785  3.913   1.00 53.12  ? 216 DA  B "O4'" 1 
ATOM   315  C "C3'" . DA  A 1 16  ? 19.881  28.708  4.886   1.00 49.22  ? 216 DA  B "C3'" 1 
ATOM   316  O "O3'" . DA  A 1 16  ? 18.819  29.350  5.678   1.00 47.18  ? 216 DA  B "O3'" 1 
ATOM   317  C "C2'" . DA  A 1 16  ? 20.380  27.445  5.580   1.00 50.16  ? 216 DA  B "C2'" 1 
ATOM   318  C "C1'" . DA  A 1 16  ? 19.282  26.437  5.239   1.00 47.84  ? 216 DA  B "C1'" 1 
ATOM   319  N N9    . DA  A 1 16  ? 19.648  25.012  5.239   1.00 41.70  ? 216 DA  B N9    1 
ATOM   320  C C8    . DA  A 1 16  ? 20.710  24.433  4.593   1.00 41.10  ? 216 DA  B C8    1 
ATOM   321  N N7    . DA  A 1 16  ? 20.764  23.127  4.728   1.00 39.12  ? 216 DA  B N7    1 
ATOM   322  C C5    . DA  A 1 16  ? 19.664  22.827  5.511   1.00 35.67  ? 216 DA  B C5    1 
ATOM   323  C C6    . DA  A 1 16  ? 19.145  21.609  5.961   1.00 35.61  ? 216 DA  B C6    1 
ATOM   324  N N6    . DA  A 1 16  ? 19.679  20.423  5.650   1.00 33.46  ? 216 DA  B N6    1 
ATOM   325  N N1    . DA  A 1 16  ? 18.040  21.641  6.735   1.00 35.63  ? 216 DA  B N1    1 
ATOM   326  C C2    . DA  A 1 16  ? 17.494  22.829  7.009   1.00 36.95  ? 216 DA  B C2    1 
ATOM   327  N N3    . DA  A 1 16  ? 17.882  24.051  6.615   1.00 38.72  ? 216 DA  B N3    1 
ATOM   328  C C4    . DA  A 1 16  ? 18.984  23.976  5.857   1.00 37.53  ? 216 DA  B C4    1 
ATOM   329  N N     . THR B 2 2   ? -14.947 19.488  4.901   1.00 112.40 ? 2   THR A N     1 
ATOM   330  C CA    . THR B 2 2   ? -15.000 18.750  3.601   1.00 112.08 ? 2   THR A CA    1 
ATOM   331  C C     . THR B 2 2   ? -13.634 18.800  2.927   1.00 111.61 ? 2   THR A C     1 
ATOM   332  O O     . THR B 2 2   ? -12.913 19.795  3.047   1.00 111.49 ? 2   THR A O     1 
ATOM   333  C CB    . THR B 2 2   ? -16.030 19.387  2.624   1.00 112.37 ? 2   THR A CB    1 
ATOM   334  O OG1   . THR B 2 2   ? -17.288 19.560  3.289   1.00 112.97 ? 2   THR A OG1   1 
ATOM   335  C CG2   . THR B 2 2   ? -16.226 18.499  1.394   1.00 111.62 ? 2   THR A CG2   1 
ATOM   336  N N     . ASN B 2 3   ? -13.276 17.722  2.232   1.00 110.94 ? 3   ASN A N     1 
ATOM   337  C CA    . ASN B 2 3   ? -12.007 17.681  1.509   1.00 109.97 ? 3   ASN A CA    1 
ATOM   338  C C     . ASN B 2 3   ? -12.153 16.844  0.229   1.00 108.62 ? 3   ASN A C     1 
ATOM   339  O O     . ASN B 2 3   ? -13.254 16.512  -0.182  1.00 108.32 ? 3   ASN A O     1 
ATOM   340  C CB    . ASN B 2 3   ? -10.901 17.118  2.406   1.00 110.90 ? 3   ASN A CB    1 
ATOM   341  C CG    . ASN B 2 3   ? -9.565  17.782  2.150   1.00 111.88 ? 3   ASN A CG    1 
ATOM   342  O OD1   . ASN B 2 3   ? -9.438  19.009  2.251   1.00 112.50 ? 3   ASN A OD1   1 
ATOM   343  N ND2   . ASN B 2 3   ? -8.559  16.978  1.808   1.00 111.99 ? 3   ASN A ND2   1 
ATOM   344  N N     . LYS B 2 4   ? -11.064 16.503  -0.428  1.00 106.81 ? 4   LYS A N     1 
ATOM   345  C CA    . LYS B 2 4   ? -11.193 15.699  -1.636  1.00 104.34 ? 4   LYS A CA    1 
ATOM   346  C C     . LYS B 2 4   ? -10.304 14.479  -1.671  1.00 101.74 ? 4   LYS A C     1 
ATOM   347  O O     . LYS B 2 4   ? -10.043 13.825  -0.641  1.00 101.54 ? 4   LYS A O     1 
ATOM   348  C CB    . LYS B 2 4   ? -10.871 16.529  -2.881  1.00 105.25 ? 4   LYS A CB    1 
ATOM   349  C CG    . LYS B 2 4   ? -11.846 17.645  -3.183  1.00 105.76 ? 4   LYS A CG    1 
ATOM   350  C CD    . LYS B 2 4   ? -11.406 18.417  -4.421  1.00 106.75 ? 4   LYS A CD    1 
ATOM   351  C CE    . LYS B 2 4   ? -12.324 19.604  -4.684  1.00 107.13 ? 4   LYS A CE    1 
ATOM   352  N NZ    . LYS B 2 4   ? -11.943 20.352  -5.921  1.00 107.37 ? 4   LYS A NZ    1 
ATOM   353  N N     . GLN B 2 5   ? -9.869  14.240  -2.918  1.00 98.30  ? 5   GLN A N     1 
ATOM   354  C CA    . GLN B 2 5   ? -9.000  13.162  -3.360  1.00 94.62  ? 5   GLN A CA    1 
ATOM   355  C C     . GLN B 2 5   ? -7.908  12.865  -2.368  1.00 91.16  ? 5   GLN A C     1 
ATOM   356  O O     . GLN B 2 5   ? -7.105  13.743  -2.045  1.00 91.07  ? 5   GLN A O     1 
ATOM   357  C CB    . GLN B 2 5   ? -8.341  13.527  -4.703  1.00 96.30  ? 5   GLN A CB    1 
ATOM   358  C CG    . GLN B 2 5   ? -7.491  14.818  -4.645  1.00 98.14  ? 5   GLN A CG    1 
ATOM   359  C CD    . GLN B 2 5   ? -6.899  15.235  -5.995  1.00 99.23  ? 5   GLN A CD    1 
ATOM   360  O OE1   . GLN B 2 5   ? -7.628  15.485  -6.964  1.00 99.40  ? 5   GLN A OE1   1 
ATOM   361  N NE2   . GLN B 2 5   ? -5.571  15.320  -6.056  1.00 99.78  ? 5   GLN A NE2   1 
ATOM   362  N N     . VAL B 2 6   ? -7.886  11.634  -1.866  1.00 86.69  ? 6   VAL A N     1 
ATOM   363  C CA    . VAL B 2 6   ? -6.825  11.226  -0.965  1.00 80.57  ? 6   VAL A CA    1 
ATOM   364  C C     . VAL B 2 6   ? -5.844  10.632  -1.935  1.00 75.79  ? 6   VAL A C     1 
ATOM   365  O O     . VAL B 2 6   ? -6.194  9.749   -2.723  1.00 75.52  ? 6   VAL A O     1 
ATOM   366  C CB    . VAL B 2 6   ? -7.262  10.164  0.022   1.00 81.68  ? 6   VAL A CB    1 
ATOM   367  C CG1   . VAL B 2 6   ? -6.134  9.171   0.206   1.00 81.22  ? 6   VAL A CG1   1 
ATOM   368  C CG2   . VAL B 2 6   ? -7.625  10.828  1.376   1.00 81.39  ? 6   VAL A CG2   1 
ATOM   369  N N     . GLU B 2 7   ? -4.622  11.140  -1.876  1.00 70.23  ? 7   GLU A N     1 
ATOM   370  C CA    . GLU B 2 7   ? -3.573  10.736  -2.785  1.00 63.98  ? 7   GLU A CA    1 
ATOM   371  C C     . GLU B 2 7   ? -2.360  10.054  -2.177  1.00 58.79  ? 7   GLU A C     1 
ATOM   372  O O     . GLU B 2 7   ? -1.903  10.397  -1.069  1.00 57.50  ? 7   GLU A O     1 
ATOM   373  C CB    . GLU B 2 7   ? -3.098  11.958  -3.592  1.00 66.09  ? 7   GLU A CB    1 
ATOM   374  C CG    . GLU B 2 7   ? -3.953  12.245  -4.796  1.00 69.37  ? 7   GLU A CG    1 
ATOM   375  C CD    . GLU B 2 7   ? -4.072  11.015  -5.682  1.00 71.81  ? 7   GLU A CD    1 
ATOM   376  O OE1   . GLU B 2 7   ? -3.048  10.616  -6.281  1.00 73.52  ? 7   GLU A OE1   1 
ATOM   377  O OE2   . GLU B 2 7   ? -5.178  10.433  -5.760  1.00 73.07  ? 7   GLU A OE2   1 
ATOM   378  N N     . ILE B 2 8   ? -1.853  9.084   -2.937  1.00 52.00  ? 8   ILE A N     1 
ATOM   379  C CA    . ILE B 2 8   ? -0.662  8.347   -2.585  1.00 44.77  ? 8   ILE A CA    1 
ATOM   380  C C     . ILE B 2 8   ? 0.076   8.029   -3.881  1.00 42.05  ? 8   ILE A C     1 
ATOM   381  O O     . ILE B 2 8   ? -0.220  7.068   -4.575  1.00 41.47  ? 8   ILE A O     1 
ATOM   382  C CB    . ILE B 2 8   ? -0.994  7.058   -1.833  1.00 43.30  ? 8   ILE A CB    1 
ATOM   383  C CG1   . ILE B 2 8   ? -1.857  7.384   -0.621  1.00 40.95  ? 8   ILE A CG1   1 
ATOM   384  C CG2   . ILE B 2 8   ? 0.287   6.365   -1.404  1.00 41.50  ? 8   ILE A CG2   1 
ATOM   385  C CD1   . ILE B 2 8   ? -2.213  6.205   0.190   1.00 40.75  ? 8   ILE A CD1   1 
ATOM   386  N N     . SER B 2 9   ? 1.042   8.869   -4.213  1.00 39.60  ? 9   SER A N     1 
ATOM   387  C CA    . SER B 2 9   ? 1.830   8.673   -5.404  1.00 36.03  ? 9   SER A CA    1 
ATOM   388  C C     . SER B 2 9   ? 2.355   7.219   -5.409  1.00 34.51  ? 9   SER A C     1 
ATOM   389  O O     . SER B 2 9   ? 2.451   6.587   -4.373  1.00 32.51  ? 9   SER A O     1 
ATOM   390  C CB    . SER B 2 9   ? 2.968   9.692   -5.427  1.00 35.56  ? 9   SER A CB    1 
ATOM   391  O OG    . SER B 2 9   ? 4.030   9.310   -4.571  1.00 34.67  ? 9   SER A OG    1 
ATOM   392  N N     . MET B 2 10  ? 2.690   6.699   -6.585  1.00 33.38  ? 10  MET A N     1 
ATOM   393  C CA    . MET B 2 10  ? 3.141   5.333   -6.686  1.00 32.64  ? 10  MET A CA    1 
ATOM   394  C C     . MET B 2 10  ? 4.335   5.073   -5.766  1.00 32.59  ? 10  MET A C     1 
ATOM   395  O O     . MET B 2 10  ? 4.442   4.016   -5.123  1.00 32.61  ? 10  MET A O     1 
ATOM   396  C CB    . MET B 2 10  ? 3.458   4.998   -8.172  1.00 32.44  ? 10  MET A CB    1 
ATOM   397  C CG    . MET B 2 10  ? 3.311   3.488   -8.591  1.00 31.58  ? 10  MET A CG    1 
ATOM   398  S SD    . MET B 2 10  ? 1.707   2.698   -8.050  1.00 33.11  ? 10  MET A SD    1 
ATOM   399  C CE    . MET B 2 10  ? 0.428   3.924   -8.413  1.00 27.27  ? 10  MET A CE    1 
ATOM   400  N N     . ALA B 2 11  ? 5.218   6.048   -5.667  1.00 31.69  ? 11  ALA A N     1 
ATOM   401  C CA    . ALA B 2 11  ? 6.398   5.856   -4.850  1.00 32.13  ? 11  ALA A CA    1 
ATOM   402  C C     . ALA B 2 11  ? 6.145   6.041   -3.376  1.00 32.09  ? 11  ALA A C     1 
ATOM   403  O O     . ALA B 2 11  ? 6.989   5.680   -2.554  1.00 33.59  ? 11  ALA A O     1 
ATOM   404  C CB    . ALA B 2 11  ? 7.490   6.799   -5.304  1.00 33.40  ? 11  ALA A CB    1 
ATOM   405  N N     . GLU B 2 12  ? 4.983   6.590   -3.044  1.00 30.17  ? 12  GLU A N     1 
ATOM   406  C CA    . GLU B 2 12  ? 4.630   6.853   -1.670  1.00 28.70  ? 12  GLU A CA    1 
ATOM   407  C C     . GLU B 2 12  ? 4.165   5.624   -0.899  1.00 30.34  ? 12  GLU A C     1 
ATOM   408  O O     . GLU B 2 12  ? 4.340   5.541   0.354   1.00 31.89  ? 12  GLU A O     1 
ATOM   409  C CB    . GLU B 2 12  ? 3.562   7.926   -1.640  1.00 26.81  ? 12  GLU A CB    1 
ATOM   410  C CG    . GLU B 2 12  ? 4.148   9.262   -1.343  1.00 26.30  ? 12  GLU A CG    1 
ATOM   411  C CD    . GLU B 2 12  ? 3.293   10.402  -1.839  1.00 26.56  ? 12  GLU A CD    1 
ATOM   412  O OE1   . GLU B 2 12  ? 2.043   10.253  -1.785  1.00 21.60  ? 12  GLU A OE1   1 
ATOM   413  O OE2   . GLU B 2 12  ? 3.888   11.441  -2.281  1.00 27.88  ? 12  GLU A OE2   1 
ATOM   414  N N     . TRP B 2 13  ? 3.573   4.675   -1.625  1.00 27.30  ? 13  TRP A N     1 
ATOM   415  C CA    . TRP B 2 13  ? 3.093   3.476   -1.001  1.00 26.05  ? 13  TRP A CA    1 
ATOM   416  C C     . TRP B 2 13  ? 4.222   2.841   -0.227  1.00 27.05  ? 13  TRP A C     1 
ATOM   417  O O     . TRP B 2 13  ? 4.001   2.267   0.822   1.00 27.72  ? 13  TRP A O     1 
ATOM   418  C CB    . TRP B 2 13  ? 2.546   2.486   -2.054  1.00 27.01  ? 13  TRP A CB    1 
ATOM   419  C CG    . TRP B 2 13  ? 1.251   2.948   -2.746  1.00 27.42  ? 13  TRP A CG    1 
ATOM   420  C CD1   . TRP B 2 13  ? 1.142   3.610   -3.945  1.00 27.43  ? 13  TRP A CD1   1 
ATOM   421  C CD2   . TRP B 2 13  ? -0.084  2.843   -2.232  1.00 26.65  ? 13  TRP A CD2   1 
ATOM   422  N NE1   . TRP B 2 13  ? -0.174  3.925   -4.202  1.00 28.08  ? 13  TRP A NE1   1 
ATOM   423  C CE2   . TRP B 2 13  ? -0.949  3.461   -3.173  1.00 28.39  ? 13  TRP A CE2   1 
ATOM   424  C CE3   . TRP B 2 13  ? -0.632  2.295   -1.068  1.00 26.53  ? 13  TRP A CE3   1 
ATOM   425  C CZ2   . TRP B 2 13  ? -2.346  3.535   -2.982  1.00 29.61  ? 13  TRP A CZ2   1 
ATOM   426  C CZ3   . TRP B 2 13  ? -2.025  2.364   -0.868  1.00 28.22  ? 13  TRP A CZ3   1 
ATOM   427  C CH2   . TRP B 2 13  ? -2.866  2.978   -1.824  1.00 29.42  ? 13  TRP A CH2   1 
ATOM   428  N N     . ASP B 2 14  ? 5.455   2.935   -0.708  1.00 29.04  ? 14  ASP A N     1 
ATOM   429  C CA    . ASP B 2 14  ? 6.524   2.272   0.051   1.00 31.98  ? 14  ASP A CA    1 
ATOM   430  C C     . ASP B 2 14  ? 6.646   2.847   1.441   1.00 30.51  ? 14  ASP A C     1 
ATOM   431  O O     . ASP B 2 14  ? 7.002   2.145   2.386   1.00 30.51  ? 14  ASP A O     1 
ATOM   432  C CB    . ASP B 2 14  ? 7.899   2.346   -0.640  1.00 34.62  ? 14  ASP A CB    1 
ATOM   433  C CG    . ASP B 2 14  ? 7.867   1.778   -2.046  1.00 38.61  ? 14  ASP A CG    1 
ATOM   434  O OD1   . ASP B 2 14  ? 7.118   0.794   -2.259  1.00 38.49  ? 14  ASP A OD1   1 
ATOM   435  O OD2   . ASP B 2 14  ? 8.595   2.319   -2.928  1.00 42.59  ? 14  ASP A OD2   1 
ATOM   436  N N     . VAL B 2 15  ? 6.354   4.127   1.562   1.00 27.95  ? 15  VAL A N     1 
ATOM   437  C CA    . VAL B 2 15  ? 6.450   4.743   2.851   1.00 25.72  ? 15  VAL A CA    1 
ATOM   438  C C     . VAL B 2 15  ? 5.211   4.319   3.652   1.00 25.48  ? 15  VAL A C     1 
ATOM   439  O O     . VAL B 2 15  ? 5.329   3.780   4.766   1.00 24.92  ? 15  VAL A O     1 
ATOM   440  C CB    . VAL B 2 15  ? 6.583   6.285   2.670   1.00 25.35  ? 15  VAL A CB    1 
ATOM   441  C CG1   . VAL B 2 15  ? 6.314   7.054   3.997   1.00 19.50  ? 15  VAL A CG1   1 
ATOM   442  C CG2   . VAL B 2 15  ? 7.963   6.570   2.109   1.00 20.68  ? 15  VAL A CG2   1 
ATOM   443  N N     . MET B 2 16  ? 4.029   4.508   3.086   1.00 23.56  ? 16  MET A N     1 
ATOM   444  C CA    . MET B 2 16  ? 2.836   4.150   3.834   1.00 24.79  ? 16  MET A CA    1 
ATOM   445  C C     . MET B 2 16  ? 2.826   2.679   4.280   1.00 27.10  ? 16  MET A C     1 
ATOM   446  O O     . MET B 2 16  ? 2.509   2.357   5.440   1.00 26.54  ? 16  MET A O     1 
ATOM   447  C CB    . MET B 2 16  ? 1.570   4.496   3.020   1.00 20.47  ? 16  MET A CB    1 
ATOM   448  C CG    . MET B 2 16  ? 1.375   6.047   2.808   1.00 18.65  ? 16  MET A CG    1 
ATOM   449  S SD    . MET B 2 16  ? 1.358   7.011   4.367   1.00 3.95   ? 16  MET A SD    1 
ATOM   450  C CE    . MET B 2 16  ? -0.232  6.356   5.012   1.00 15.30  ? 16  MET A CE    1 
ATOM   451  N N     . ASN B 2 17  ? 3.191   1.765   3.390   1.00 29.90  ? 17  ASN A N     1 
ATOM   452  C CA    . ASN B 2 17  ? 3.153   0.392   3.815   1.00 32.40  ? 17  ASN A CA    1 
ATOM   453  C C     . ASN B 2 17  ? 4.000   0.231   5.047   1.00 33.83  ? 17  ASN A C     1 
ATOM   454  O O     . ASN B 2 17  ? 3.675   -0.558  5.928   1.00 36.61  ? 17  ASN A O     1 
ATOM   455  C CB    . ASN B 2 17  ? 3.589   -0.544  2.712   1.00 32.64  ? 17  ASN A CB    1 
ATOM   456  C CG    . ASN B 2 17  ? 2.500   -0.757  1.702   1.00 33.38  ? 17  ASN A CG    1 
ATOM   457  O OD1   . ASN B 2 17  ? 1.337   -0.923  2.057   1.00 33.06  ? 17  ASN A OD1   1 
ATOM   458  N ND2   . ASN B 2 17  ? 2.867   -0.763  0.436   1.00 34.45  ? 17  ASN A ND2   1 
ATOM   459  N N     . ILE B 2 18  ? 5.078   0.982   5.149   1.00 33.05  ? 18  ILE A N     1 
ATOM   460  C CA    . ILE B 2 18  ? 5.849   0.858   6.353   1.00 33.62  ? 18  ILE A CA    1 
ATOM   461  C C     . ILE B 2 18  ? 5.123   1.507   7.542   1.00 34.49  ? 18  ILE A C     1 
ATOM   462  O O     . ILE B 2 18  ? 5.093   0.926   8.627   1.00 34.70  ? 18  ILE A O     1 
ATOM   463  C CB    . ILE B 2 18  ? 7.246   1.441   6.182   1.00 33.83  ? 18  ILE A CB    1 
ATOM   464  C CG1   . ILE B 2 18  ? 8.087   0.409   5.445   1.00 32.68  ? 18  ILE A CG1   1 
ATOM   465  C CG2   . ILE B 2 18  ? 7.871   1.804   7.577   1.00 30.36  ? 18  ILE A CG2   1 
ATOM   466  C CD1   . ILE B 2 18  ? 9.305   1.002   4.915   1.00 37.45  ? 18  ILE A CD1   1 
ATOM   467  N N     . ILE B 2 19  ? 4.526   2.680   7.354   1.00 33.61  ? 19  ILE A N     1 
ATOM   468  C CA    . ILE B 2 19  ? 3.843   3.312   8.467   1.00 34.23  ? 19  ILE A CA    1 
ATOM   469  C C     . ILE B 2 19  ? 2.694   2.422   8.985   1.00 36.51  ? 19  ILE A C     1 
ATOM   470  O O     . ILE B 2 19  ? 2.511   2.252   10.202  1.00 36.85  ? 19  ILE A O     1 
ATOM   471  C CB    . ILE B 2 19  ? 3.353   4.730   8.056   1.00 32.89  ? 19  ILE A CB    1 
ATOM   472  C CG1   . ILE B 2 19  ? 4.596   5.619   7.855   1.00 32.84  ? 19  ILE A CG1   1 
ATOM   473  C CG2   . ILE B 2 19  ? 2.352   5.337   9.105   1.00 28.90  ? 19  ILE A CG2   1 
ATOM   474  C CD1   . ILE B 2 19  ? 4.291   7.073   7.371   1.00 30.57  ? 19  ILE A CD1   1 
ATOM   475  N N     . TRP B 2 20  ? 1.925   1.846   8.069   1.00 38.42  ? 20  TRP A N     1 
ATOM   476  C CA    . TRP B 2 20  ? 0.829   0.982   8.461   1.00 39.58  ? 20  TRP A CA    1 
ATOM   477  C C     . TRP B 2 20  ? 1.353   -0.289  9.126   1.00 42.44  ? 20  TRP A C     1 
ATOM   478  O O     . TRP B 2 20  ? 0.723   -0.851  10.007  1.00 42.79  ? 20  TRP A O     1 
ATOM   479  C CB    . TRP B 2 20  ? 0.031   0.551   7.245   1.00 36.38  ? 20  TRP A CB    1 
ATOM   480  C CG    . TRP B 2 20  ? -0.873  1.562   6.663   1.00 31.37  ? 20  TRP A CG    1 
ATOM   481  C CD1   . TRP B 2 20  ? -1.746  2.327   7.312   1.00 29.45  ? 20  TRP A CD1   1 
ATOM   482  C CD2   . TRP B 2 20  ? -1.053  1.832   5.274   1.00 30.86  ? 20  TRP A CD2   1 
ATOM   483  N NE1   . TRP B 2 20  ? -2.484  3.071   6.431   1.00 28.81  ? 20  TRP A NE1   1 
ATOM   484  C CE2   . TRP B 2 20  ? -2.070  2.790   5.168   1.00 29.70  ? 20  TRP A CE2   1 
ATOM   485  C CE3   . TRP B 2 20  ? -0.448  1.351   4.104   1.00 28.11  ? 20  TRP A CE3   1 
ATOM   486  C CZ2   . TRP B 2 20  ? -2.499  3.287   3.951   1.00 30.35  ? 20  TRP A CZ2   1 
ATOM   487  C CZ3   . TRP B 2 20  ? -0.866  1.829   2.913   1.00 26.89  ? 20  TRP A CZ3   1 
ATOM   488  C CH2   . TRP B 2 20  ? -1.885  2.793   2.832   1.00 28.68  ? 20  TRP A CH2   1 
ATOM   489  N N     . ASP B 2 21  ? 2.511   -0.749  8.701   1.00 46.36  ? 21  ASP A N     1 
ATOM   490  C CA    . ASP B 2 21  ? 3.024   -1.993  9.244   1.00 52.80  ? 21  ASP A CA    1 
ATOM   491  C C     . ASP B 2 21  ? 3.635   -1.833  10.630  1.00 54.17  ? 21  ASP A C     1 
ATOM   492  O O     . ASP B 2 21  ? 3.570   -2.759  11.458  1.00 56.49  ? 21  ASP A O     1 
ATOM   493  C CB    . ASP B 2 21  ? 4.055   -2.644  8.260   1.00 57.91  ? 21  ASP A CB    1 
ATOM   494  C CG    . ASP B 2 21  ? 3.423   -3.758  7.324   1.00 61.94  ? 21  ASP A CG    1 
ATOM   495  O OD1   . ASP B 2 21  ? 2.909   -3.459  6.202   1.00 61.23  ? 21  ASP A OD1   1 
ATOM   496  O OD2   . ASP B 2 21  ? 3.458   -4.951  7.736   1.00 64.51  ? 21  ASP A OD2   1 
ATOM   497  N N     . LYS B 2 22  ? 4.226   -0.674  10.898  1.00 53.34  ? 22  LYS A N     1 
ATOM   498  C CA    . LYS B 2 22  ? 4.835   -0.472  12.196  1.00 52.06  ? 22  LYS A CA    1 
ATOM   499  C C     . LYS B 2 22  ? 4.060   0.463   13.109  1.00 51.71  ? 22  LYS A C     1 
ATOM   500  O O     . LYS B 2 22  ? 4.581   0.881   14.133  1.00 51.85  ? 22  LYS A O     1 
ATOM   501  C CB    . LYS B 2 22  ? 6.276   -0.009  12.016  1.00 52.17  ? 22  LYS A CB    1 
ATOM   502  C CG    . LYS B 2 22  ? 7.073   -1.004  11.170  1.00 54.72  ? 22  LYS A CG    1 
ATOM   503  C CD    . LYS B 2 22  ? 8.583   -0.738  11.173  1.00 57.24  ? 22  LYS A CD    1 
ATOM   504  C CE    . LYS B 2 22  ? 9.249   -1.179  12.479  1.00 59.50  ? 22  LYS A CE    1 
ATOM   505  N NZ    . LYS B 2 22  ? 10.716  -0.840  12.550  1.00 61.80  ? 22  LYS A NZ    1 
ATOM   506  N N     . LYS B 2 23  ? 2.817   0.780   12.736  1.00 50.47  ? 23  LYS A N     1 
ATOM   507  C CA    . LYS B 2 23  ? 1.949   1.644   13.545  1.00 50.07  ? 23  LYS A CA    1 
ATOM   508  C C     . LYS B 2 23  ? 2.447   3.055   13.925  1.00 48.58  ? 23  LYS A C     1 
ATOM   509  O O     . LYS B 2 23  ? 1.720   4.025   13.746  1.00 47.99  ? 23  LYS A O     1 
ATOM   510  C CB    . LYS B 2 23  ? 1.513   0.872   14.791  1.00 50.91  ? 23  LYS A CB    1 
ATOM   511  C CG    . LYS B 2 23  ? 0.374   -0.115  14.504  1.00 53.73  ? 23  LYS A CG    1 
ATOM   512  C CD    . LYS B 2 23  ? -0.895  0.682   14.247  1.00 54.98  ? 23  LYS A CD    1 
ATOM   513  C CE    . LYS B 2 23  ? -2.183  -0.147  14.188  1.00 56.09  ? 23  LYS A CE    1 
ATOM   514  N NZ    . LYS B 2 23  ? -3.311  0.789   14.537  1.00 53.57  ? 23  LYS A NZ    1 
ATOM   515  N N     . SER B 2 24  ? 3.651   3.176   14.469  1.00 47.20  ? 24  SER A N     1 
ATOM   516  C CA    . SER B 2 24  ? 4.209   4.490   14.790  1.00 47.18  ? 24  SER A CA    1 
ATOM   517  C C     . SER B 2 24  ? 5.721   4.441   14.500  1.00 46.15  ? 24  SER A C     1 
ATOM   518  O O     . SER B 2 24  ? 6.450   3.635   15.085  1.00 45.77  ? 24  SER A O     1 
ATOM   519  C CB    . SER B 2 24  ? 3.936   4.851   16.240  1.00 48.44  ? 24  SER A CB    1 
ATOM   520  O OG    . SER B 2 24  ? 4.776   5.923   16.628  1.00 50.45  ? 24  SER A OG    1 
ATOM   521  N N     . VAL B 2 25  ? 6.185   5.288   13.580  1.00 44.97  ? 25  VAL A N     1 
ATOM   522  C CA    . VAL B 2 25  ? 7.592   5.258   13.165  1.00 44.78  ? 25  VAL A CA    1 
ATOM   523  C C     . VAL B 2 25  ? 8.251   6.595   12.899  1.00 45.37  ? 25  VAL A C     1 
ATOM   524  O O     . VAL B 2 25  ? 7.596   7.628   12.643  1.00 44.91  ? 25  VAL A O     1 
ATOM   525  C CB    . VAL B 2 25  ? 7.815   4.409   11.859  1.00 44.27  ? 25  VAL A CB    1 
ATOM   526  C CG1   . VAL B 2 25  ? 7.900   2.950   12.179  1.00 44.75  ? 25  VAL A CG1   1 
ATOM   527  C CG2   . VAL B 2 25  ? 6.672   4.621   10.880  1.00 43.73  ? 25  VAL A CG2   1 
ATOM   528  N N     . SER B 2 26  ? 9.576   6.547   12.965  1.00 45.20  ? 26  SER A N     1 
ATOM   529  C CA    . SER B 2 26  ? 10.406  7.702   12.737  1.00 44.96  ? 26  SER A CA    1 
ATOM   530  C C     . SER B 2 26  ? 10.913  7.642   11.294  1.00 45.63  ? 26  SER A C     1 
ATOM   531  O O     . SER B 2 26  ? 11.150  6.552   10.721  1.00 45.82  ? 26  SER A O     1 
ATOM   532  C CB    . SER B 2 26  ? 11.578  7.701   13.712  1.00 44.68  ? 26  SER A CB    1 
ATOM   533  O OG    . SER B 2 26  ? 12.642  6.894   13.247  1.00 44.42  ? 26  SER A OG    1 
ATOM   534  N N     . ALA B 2 27  ? 11.063  8.824   10.715  1.00 44.76  ? 27  ALA A N     1 
ATOM   535  C CA    . ALA B 2 27  ? 11.529  8.947   9.362   1.00 44.51  ? 27  ALA A CA    1 
ATOM   536  C C     . ALA B 2 27  ? 12.737  8.064   9.184   1.00 45.17  ? 27  ALA A C     1 
ATOM   537  O O     . ALA B 2 27  ? 12.824  7.303   8.229   1.00 45.79  ? 27  ALA A O     1 
ATOM   538  C CB    . ALA B 2 27  ? 11.890  10.377  9.080   1.00 45.10  ? 27  ALA A CB    1 
ATOM   539  N N     . ASN B 2 28  ? 13.668  8.146   10.120  1.00 46.73  ? 28  ASN A N     1 
ATOM   540  C CA    . ASN B 2 28  ? 14.878  7.347   10.026  1.00 47.85  ? 28  ASN A CA    1 
ATOM   541  C C     . ASN B 2 28  ? 14.560  5.867   9.839   1.00 47.53  ? 28  ASN A C     1 
ATOM   542  O O     . ASN B 2 28  ? 15.192  5.161   9.053   1.00 45.04  ? 28  ASN A O     1 
ATOM   543  C CB    . ASN B 2 28  ? 15.718  7.531   11.284  1.00 49.91  ? 28  ASN A CB    1 
ATOM   544  C CG    . ASN B 2 28  ? 17.128  7.054   11.088  1.00 51.60  ? 28  ASN A CG    1 
ATOM   545  O OD1   . ASN B 2 28  ? 17.542  6.041   11.670  1.00 52.04  ? 28  ASN A OD1   1 
ATOM   546  N ND2   . ASN B 2 28  ? 17.880  7.767   10.231  1.00 51.36  ? 28  ASN A ND2   1 
ATOM   547  N N     . GLU B 2 29  ? 13.561  5.413   10.577  1.00 48.61  ? 29  GLU A N     1 
ATOM   548  C CA    . GLU B 2 29  ? 13.146  4.031   10.531  1.00 50.13  ? 29  GLU A CA    1 
ATOM   549  C C     . GLU B 2 29  ? 12.675  3.677   9.131   1.00 49.65  ? 29  GLU A C     1 
ATOM   550  O O     . GLU B 2 29  ? 13.183  2.738   8.486   1.00 49.98  ? 29  GLU A O     1 
ATOM   551  C CB    . GLU B 2 29  ? 12.036  3.828   11.544  1.00 52.31  ? 29  GLU A CB    1 
ATOM   552  C CG    . GLU B 2 29  ? 12.500  4.153   12.945  1.00 55.65  ? 29  GLU A CG    1 
ATOM   553  C CD    . GLU B 2 29  ? 11.485  3.766   13.990  1.00 58.17  ? 29  GLU A CD    1 
ATOM   554  O OE1   . GLU B 2 29  ? 10.375  4.361   13.991  1.00 58.45  ? 29  GLU A OE1   1 
ATOM   555  O OE2   . GLU B 2 29  ? 11.803  2.857   14.799  1.00 59.83  ? 29  GLU A OE2   1 
ATOM   556  N N     . ILE B 2 30  ? 11.701  4.452   8.670   1.00 46.90  ? 30  ILE A N     1 
ATOM   557  C CA    . ILE B 2 30  ? 11.142  4.265   7.353   1.00 44.01  ? 30  ILE A CA    1 
ATOM   558  C C     . ILE B 2 30  ? 12.319  4.181   6.423   1.00 44.01  ? 30  ILE A C     1 
ATOM   559  O O     . ILE B 2 30  ? 12.396  3.261   5.611   1.00 42.77  ? 30  ILE A O     1 
ATOM   560  C CB    . ILE B 2 30  ? 10.229  5.483   6.944   1.00 42.80  ? 30  ILE A CB    1 
ATOM   561  C CG1   . ILE B 2 30  ? 8.954   5.486   7.784   1.00 39.31  ? 30  ILE A CG1   1 
ATOM   562  C CG2   . ILE B 2 30  ? 9.926   5.475   5.448   1.00 39.02  ? 30  ILE A CG2   1 
ATOM   563  C CD1   . ILE B 2 30  ? 8.407   6.848   7.952   1.00 38.49  ? 30  ILE A CD1   1 
ATOM   564  N N     . VAL B 2 31  ? 13.267  5.109   6.582   1.00 44.68  ? 31  VAL A N     1 
ATOM   565  C CA    . VAL B 2 31  ? 14.405  5.141   5.659   1.00 46.74  ? 31  VAL A CA    1 
ATOM   566  C C     . VAL B 2 31  ? 15.249  3.893   5.622   1.00 49.76  ? 31  VAL A C     1 
ATOM   567  O O     . VAL B 2 31  ? 15.630  3.439   4.537   1.00 50.67  ? 31  VAL A O     1 
ATOM   568  C CB    . VAL B 2 31  ? 15.353  6.331   5.874   1.00 43.24  ? 31  VAL A CB    1 
ATOM   569  C CG1   . VAL B 2 31  ? 16.246  6.475   4.671   1.00 40.69  ? 31  VAL A CG1   1 
ATOM   570  C CG2   . VAL B 2 31  ? 14.575  7.587   6.019   1.00 42.76  ? 31  VAL A CG2   1 
ATOM   571  N N     . VAL B 2 32  ? 15.535  3.318   6.783   1.00 52.01  ? 32  VAL A N     1 
ATOM   572  C CA    . VAL B 2 32  ? 16.361  2.130   6.793   1.00 54.44  ? 32  VAL A CA    1 
ATOM   573  C C     . VAL B 2 32  ? 15.572  0.956   6.209   1.00 56.36  ? 32  VAL A C     1 
ATOM   574  O O     . VAL B 2 32  ? 16.092  0.214   5.362   1.00 56.20  ? 32  VAL A O     1 
ATOM   575  C CB    . VAL B 2 32  ? 16.835  1.815   8.213   1.00 54.11  ? 32  VAL A CB    1 
ATOM   576  C CG1   . VAL B 2 32  ? 17.666  0.562   8.214   1.00 54.61  ? 32  VAL A CG1   1 
ATOM   577  C CG2   . VAL B 2 32  ? 17.638  2.956   8.733   1.00 53.31  ? 32  VAL A CG2   1 
ATOM   578  N N     . GLU B 2 33  ? 14.314  0.820   6.645   1.00 57.70  ? 33  GLU A N     1 
ATOM   579  C CA    . GLU B 2 33  ? 13.438  -0.253  6.189   1.00 59.14  ? 33  GLU A CA    1 
ATOM   580  C C     . GLU B 2 33  ? 13.379  -0.306  4.673   1.00 59.57  ? 33  GLU A C     1 
ATOM   581  O O     . GLU B 2 33  ? 13.586  -1.371  4.088   1.00 61.19  ? 33  GLU A O     1 
ATOM   582  C CB    . GLU B 2 33  ? 12.026  -0.065  6.733   1.00 60.48  ? 33  GLU A CB    1 
ATOM   583  C CG    . GLU B 2 33  ? 11.347  -1.361  7.154   1.00 65.63  ? 33  GLU A CG    1 
ATOM   584  C CD    . GLU B 2 33  ? 12.117  -2.113  8.264   1.00 68.97  ? 33  GLU A CD    1 
ATOM   585  O OE1   . GLU B 2 33  ? 13.207  -2.670  7.972   1.00 69.56  ? 33  GLU A OE1   1 
ATOM   586  O OE2   . GLU B 2 33  ? 11.636  -2.140  9.431   1.00 69.53  ? 33  GLU A OE2   1 
ATOM   587  N N     . ILE B 2 34  ? 13.110  0.834   4.034   1.00 58.52  ? 34  ILE A N     1 
ATOM   588  C CA    . ILE B 2 34  ? 13.031  0.877   2.578   1.00 56.50  ? 34  ILE A CA    1 
ATOM   589  C C     . ILE B 2 34  ? 14.359  0.622   1.906   1.00 57.17  ? 34  ILE A C     1 
ATOM   590  O O     . ILE B 2 34  ? 14.404  0.075   0.815   1.00 57.61  ? 34  ILE A O     1 
ATOM   591  C CB    . ILE B 2 34  ? 12.485  2.212   2.065   1.00 54.09  ? 34  ILE A CB    1 
ATOM   592  C CG1   . ILE B 2 34  ? 11.004  2.308   2.392   1.00 54.04  ? 34  ILE A CG1   1 
ATOM   593  C CG2   . ILE B 2 34  ? 12.671  2.319   0.582   1.00 51.28  ? 34  ILE A CG2   1 
ATOM   594  C CD1   . ILE B 2 34  ? 10.339  3.571   1.913   1.00 54.55  ? 34  ILE A CD1   1 
ATOM   595  N N     . GLN B 2 35  ? 15.456  0.999   2.537   1.00 57.88  ? 35  GLN A N     1 
ATOM   596  C CA    . GLN B 2 35  ? 16.723  0.759   1.872   1.00 59.63  ? 35  GLN A CA    1 
ATOM   597  C C     . GLN B 2 35  ? 17.047  -0.731  1.827   1.00 60.98  ? 35  GLN A C     1 
ATOM   598  O O     . GLN B 2 35  ? 17.790  -1.177  0.940   1.00 62.24  ? 35  GLN A O     1 
ATOM   599  C CB    . GLN B 2 35  ? 17.844  1.539   2.546   1.00 58.74  ? 35  GLN A CB    1 
ATOM   600  C CG    . GLN B 2 35  ? 17.671  3.016   2.346   1.00 58.28  ? 35  GLN A CG    1 
ATOM   601  C CD    . GLN B 2 35  ? 18.755  3.839   2.999   1.00 57.98  ? 35  GLN A CD    1 
ATOM   602  O OE1   . GLN B 2 35  ? 19.034  3.698   4.206   1.00 56.04  ? 35  GLN A OE1   1 
ATOM   603  N NE2   . GLN B 2 35  ? 19.370  4.723   2.206   1.00 57.11  ? 35  GLN A NE2   1 
ATOM   604  N N     . LYS B 2 36  ? 16.473  -1.492  2.768   1.00 60.72  ? 36  LYS A N     1 
ATOM   605  C CA    . LYS B 2 36  ? 16.669  -2.940  2.852   1.00 59.99  ? 36  LYS A CA    1 
ATOM   606  C C     . LYS B 2 36  ? 16.225  -3.637  1.567   1.00 60.83  ? 36  LYS A C     1 
ATOM   607  O O     . LYS B 2 36  ? 16.148  -4.858  1.527   1.00 61.46  ? 36  LYS A O     1 
ATOM   608  C CB    . LYS B 2 36  ? 15.823  -3.534  3.969   1.00 59.16  ? 36  LYS A CB    1 
ATOM   609  C CG    . LYS B 2 36  ? 16.278  -3.362  5.379   1.00 59.50  ? 36  LYS A CG    1 
ATOM   610  C CD    . LYS B 2 36  ? 15.258  -4.095  6.248   1.00 61.11  ? 36  LYS A CD    1 
ATOM   611  C CE    . LYS B 2 36  ? 15.612  -4.169  7.741   1.00 62.25  ? 36  LYS A CE    1 
ATOM   612  N NZ    . LYS B 2 36  ? 14.588  -4.967  8.544   1.00 62.33  ? 36  LYS A NZ    1 
ATOM   613  N N     . TYR B 2 37  ? 15.892  -2.884  0.527   1.00 61.38  ? 37  TYR A N     1 
ATOM   614  C CA    . TYR B 2 37  ? 15.445  -3.527  -0.687  1.00 61.38  ? 37  TYR A CA    1 
ATOM   615  C C     . TYR B 2 37  ? 15.545  -2.654  -1.924  1.00 62.28  ? 37  TYR A C     1 
ATOM   616  O O     . TYR B 2 37  ? 15.065  -3.042  -2.994  1.00 61.80  ? 37  TYR A O     1 
ATOM   617  C CB    . TYR B 2 37  ? 14.019  -4.047  -0.496  1.00 60.59  ? 37  TYR A CB    1 
ATOM   618  C CG    . TYR B 2 37  ? 12.920  -2.991  -0.437  1.00 61.75  ? 37  TYR A CG    1 
ATOM   619  C CD1   . TYR B 2 37  ? 12.540  -2.264  -1.589  1.00 61.48  ? 37  TYR A CD1   1 
ATOM   620  C CD2   . TYR B 2 37  ? 12.183  -2.787  0.742   1.00 61.12  ? 37  TYR A CD2   1 
ATOM   621  C CE1   . TYR B 2 37  ? 11.451  -1.376  -1.565  1.00 59.89  ? 37  TYR A CE1   1 
ATOM   622  C CE2   . TYR B 2 37  ? 11.094  -1.905  0.769   1.00 59.87  ? 37  TYR A CE2   1 
ATOM   623  C CZ    . TYR B 2 37  ? 10.731  -1.211  -0.385  1.00 59.39  ? 37  TYR A CZ    1 
ATOM   624  O OH    . TYR B 2 37  ? 9.625   -0.385  -0.366  1.00 58.92  ? 37  TYR A OH    1 
ATOM   625  N N     . LYS B 2 38  ? 16.151  -1.475  -1.782  1.00 62.87  ? 38  LYS A N     1 
ATOM   626  C CA    . LYS B 2 38  ? 16.346  -0.585  -2.934  1.00 65.01  ? 38  LYS A CA    1 
ATOM   627  C C     . LYS B 2 38  ? 17.182  0.656   -2.665  1.00 65.36  ? 38  LYS A C     1 
ATOM   628  O O     . LYS B 2 38  ? 17.223  1.172   -1.549  1.00 65.95  ? 38  LYS A O     1 
ATOM   629  C CB    . LYS B 2 38  ? 15.010  -0.178  -3.591  1.00 65.45  ? 38  LYS A CB    1 
ATOM   630  C CG    . LYS B 2 38  ? 14.067  0.659   -2.767  1.00 66.41  ? 38  LYS A CG    1 
ATOM   631  C CD    . LYS B 2 38  ? 12.927  1.200   -3.622  1.00 67.39  ? 38  LYS A CD    1 
ATOM   632  C CE    . LYS B 2 38  ? 13.448  2.207   -4.636  1.00 67.67  ? 38  LYS A CE    1 
ATOM   633  N NZ    . LYS B 2 38  ? 12.344  3.046   -5.200  1.00 67.89  ? 38  LYS A NZ    1 
ATOM   634  N N     . GLU B 2 39  ? 17.858  1.127   -3.701  1.00 65.72  ? 39  GLU A N     1 
ATOM   635  C CA    . GLU B 2 39  ? 18.713  2.288   -3.575  1.00 67.48  ? 39  GLU A CA    1 
ATOM   636  C C     . GLU B 2 39  ? 17.965  3.619   -3.571  1.00 67.68  ? 39  GLU A C     1 
ATOM   637  O O     . GLU B 2 39  ? 17.642  4.167   -4.639  1.00 68.59  ? 39  GLU A O     1 
ATOM   638  C CB    . GLU B 2 39  ? 19.734  2.306   -4.707  1.00 69.13  ? 39  GLU A CB    1 
ATOM   639  C CG    . GLU B 2 39  ? 20.425  0.972   -4.935  1.00 72.92  ? 39  GLU A CG    1 
ATOM   640  C CD    . GLU B 2 39  ? 21.273  0.522   -3.753  1.00 74.35  ? 39  GLU A CD    1 
ATOM   641  O OE1   . GLU B 2 39  ? 22.309  1.174   -3.488  1.00 75.55  ? 39  GLU A OE1   1 
ATOM   642  O OE2   . GLU B 2 39  ? 20.903  -0.480  -3.093  1.00 75.80  ? 39  GLU A OE2   1 
ATOM   643  N N     . VAL B 2 40  ? 17.682  4.134   -2.374  1.00 66.28  ? 40  VAL A N     1 
ATOM   644  C CA    . VAL B 2 40  ? 17.031  5.427   -2.243  1.00 64.67  ? 40  VAL A CA    1 
ATOM   645  C C     . VAL B 2 40  ? 17.697  6.236   -1.135  1.00 64.11  ? 40  VAL A C     1 
ATOM   646  O O     . VAL B 2 40  ? 18.077  5.702   -0.077  1.00 63.18  ? 40  VAL A O     1 
ATOM   647  C CB    . VAL B 2 40  ? 15.520  5.310   -1.975  1.00 65.04  ? 40  VAL A CB    1 
ATOM   648  C CG1   . VAL B 2 40  ? 14.772  5.347   -3.300  1.00 65.53  ? 40  VAL A CG1   1 
ATOM   649  C CG2   . VAL B 2 40  ? 15.211  4.045   -1.205  1.00 64.49  ? 40  VAL A CG2   1 
ATOM   650  N N     . SER B 2 41  ? 17.846  7.529   -1.413  1.00 62.52  ? 41  SER A N     1 
ATOM   651  C CA    . SER B 2 41  ? 18.483  8.468   -0.505  1.00 60.94  ? 41  SER A CA    1 
ATOM   652  C C     . SER B 2 41  ? 17.561  8.875   0.628   1.00 58.69  ? 41  SER A C     1 
ATOM   653  O O     . SER B 2 41  ? 16.360  8.964   0.414   1.00 57.70  ? 41  SER A O     1 
ATOM   654  C CB    . SER B 2 41  ? 18.882  9.727   -1.272  1.00 62.84  ? 41  SER A CB    1 
ATOM   655  O OG    . SER B 2 41  ? 17.790  10.636  -1.373  1.00 65.07  ? 41  SER A OG    1 
ATOM   656  N N     . ASP B 2 42  ? 18.144  9.140   1.803   1.00 56.40  ? 42  ASP A N     1 
ATOM   657  C CA    . ASP B 2 42  ? 17.424  9.565   3.004   1.00 55.01  ? 42  ASP A CA    1 
ATOM   658  C C     . ASP B 2 42  ? 16.533  10.771  2.663   1.00 53.21  ? 42  ASP A C     1 
ATOM   659  O O     . ASP B 2 42  ? 15.352  10.815  3.028   1.00 51.60  ? 42  ASP A O     1 
ATOM   660  C CB    . ASP B 2 42  ? 18.449  9.921   4.116   1.00 57.17  ? 42  ASP A CB    1 
ATOM   661  C CG    . ASP B 2 42  ? 17.801  10.550  5.406   1.00 60.41  ? 42  ASP A CG    1 
ATOM   662  O OD1   . ASP B 2 42  ? 17.347  9.827   6.331   1.00 59.91  ? 42  ASP A OD1   1 
ATOM   663  O OD2   . ASP B 2 42  ? 17.764  11.803  5.510   1.00 62.59  ? 42  ASP A OD2   1 
ATOM   664  N N     . LYS B 2 43  ? 17.095  11.743  1.953   1.00 51.77  ? 43  LYS A N     1 
ATOM   665  C CA    . LYS B 2 43  ? 16.341  12.933  1.576   1.00 50.20  ? 43  LYS A CA    1 
ATOM   666  C C     . LYS B 2 43  ? 15.112  12.584  0.754   1.00 47.23  ? 43  LYS A C     1 
ATOM   667  O O     . LYS B 2 43  ? 14.005  13.042  1.051   1.00 47.05  ? 43  LYS A O     1 
ATOM   668  C CB    . LYS B 2 43  ? 17.215  13.929  0.776   1.00 53.91  ? 43  LYS A CB    1 
ATOM   669  C CG    . LYS B 2 43  ? 18.377  14.551  1.553   1.00 57.47  ? 43  LYS A CG    1 
ATOM   670  C CD    . LYS B 2 43  ? 17.942  15.118  2.912   1.00 60.55  ? 43  LYS A CD    1 
ATOM   671  C CE    . LYS B 2 43  ? 19.128  15.727  3.673   1.00 62.94  ? 43  LYS A CE    1 
ATOM   672  N NZ    . LYS B 2 43  ? 18.858  16.037  5.124   1.00 63.80  ? 43  LYS A NZ    1 
ATOM   673  N N     . THR B 2 44  ? 15.296  11.774  -0.280  1.00 43.93  ? 44  THR A N     1 
ATOM   674  C CA    . THR B 2 44  ? 14.172  11.409  -1.133  1.00 42.00  ? 44  THR A CA    1 
ATOM   675  C C     . THR B 2 44  ? 12.988  10.870  -0.345  1.00 40.95  ? 44  THR A C     1 
ATOM   676  O O     . THR B 2 44  ? 11.855  11.326  -0.508  1.00 40.74  ? 44  THR A O     1 
ATOM   677  C CB    . THR B 2 44  ? 14.591  10.380  -2.185  1.00 41.11  ? 44  THR A CB    1 
ATOM   678  O OG1   . THR B 2 44  ? 15.488  11.002  -3.104  1.00 40.58  ? 44  THR A OG1   1 
ATOM   679  C CG2   . THR B 2 44  ? 13.385  9.877   -2.946  1.00 41.37  ? 44  THR A CG2   1 
ATOM   680  N N     . ILE B 2 45  ? 13.265  9.901   0.514   1.00 39.76  ? 45  ILE A N     1 
ATOM   681  C CA    . ILE B 2 45  ? 12.247  9.287   1.334   1.00 39.84  ? 45  ILE A CA    1 
ATOM   682  C C     . ILE B 2 45  ? 11.596  10.306  2.244   1.00 39.63  ? 45  ILE A C     1 
ATOM   683  O O     . ILE B 2 45  ? 10.386  10.240  2.498   1.00 38.36  ? 45  ILE A O     1 
ATOM   684  C CB    . ILE B 2 45  ? 12.838  8.189   2.213   1.00 40.20  ? 45  ILE A CB    1 
ATOM   685  C CG1   . ILE B 2 45  ? 13.093  6.947   1.379   1.00 41.34  ? 45  ILE A CG1   1 
ATOM   686  C CG2   . ILE B 2 45  ? 11.907  7.869   3.351   1.00 38.57  ? 45  ILE A CG2   1 
ATOM   687  C CD1   . ILE B 2 45  ? 13.758  5.874   2.179   1.00 43.34  ? 45  ILE A CD1   1 
ATOM   688  N N     . ARG B 2 46  ? 12.398  11.250  2.735   1.00 39.20  ? 46  ARG A N     1 
ATOM   689  C CA    . ARG B 2 46  ? 11.869  12.256  3.642   1.00 37.77  ? 46  ARG A CA    1 
ATOM   690  C C     . ARG B 2 46  ? 10.957  13.197  2.916   1.00 35.71  ? 46  ARG A C     1 
ATOM   691  O O     . ARG B 2 46  ? 10.003  13.721  3.514   1.00 35.61  ? 46  ARG A O     1 
ATOM   692  C CB    . ARG B 2 46  ? 12.993  13.014  4.334   1.00 40.51  ? 46  ARG A CB    1 
ATOM   693  C CG    . ARG B 2 46  ? 13.587  12.275  5.498   1.00 41.08  ? 46  ARG A CG    1 
ATOM   694  C CD    . ARG B 2 46  ? 14.770  13.033  6.068   1.00 43.54  ? 46  ARG A CD    1 
ATOM   695  N NE    . ARG B 2 46  ? 15.404  12.234  7.120   1.00 45.37  ? 46  ARG A NE    1 
ATOM   696  C CZ    . ARG B 2 46  ? 14.926  12.106  8.353   1.00 44.17  ? 46  ARG A CZ    1 
ATOM   697  N NH1   . ARG B 2 46  ? 13.802  12.734  8.727   1.00 42.88  ? 46  ARG A NH1   1 
ATOM   698  N NH2   . ARG B 2 46  ? 15.574  11.324  9.199   1.00 44.81  ? 46  ARG A NH2   1 
ATOM   699  N N     . THR B 2 47  ? 11.221  13.385  1.625   1.00 32.54  ? 47  THR A N     1 
ATOM   700  C CA    . THR B 2 47  ? 10.360  14.251  0.836   1.00 31.02  ? 47  THR A CA    1 
ATOM   701  C C     . THR B 2 47  ? 8.974   13.591  0.779   1.00 31.04  ? 47  THR A C     1 
ATOM   702  O O     . THR B 2 47  ? 7.920   14.258  0.952   1.00 31.07  ? 47  THR A O     1 
ATOM   703  C CB    . THR B 2 47  ? 10.871  14.449  -0.636  1.00 29.86  ? 47  THR A CB    1 
ATOM   704  O OG1   . THR B 2 47  ? 12.237  14.862  -0.644  1.00 29.01  ? 47  THR A OG1   1 
ATOM   705  C CG2   . THR B 2 47  ? 10.046  15.528  -1.340  1.00 26.29  ? 47  THR A CG2   1 
ATOM   706  N N     . LEU B 2 48  ? 8.983   12.282  0.527   1.00 29.86  ? 48  LEU A N     1 
ATOM   707  C CA    . LEU B 2 48  ? 7.742   11.507  0.442   1.00 29.89  ? 48  LEU A CA    1 
ATOM   708  C C     . LEU B 2 48  ? 6.971   11.631  1.758   1.00 27.97  ? 48  LEU A C     1 
ATOM   709  O O     . LEU B 2 48  ? 5.749   11.905  1.783   1.00 25.70  ? 48  LEU A O     1 
ATOM   710  C CB    . LEU B 2 48  ? 8.072   10.046  0.141   1.00 30.86  ? 48  LEU A CB    1 
ATOM   711  C CG    . LEU B 2 48  ? 8.759   9.921   -1.216  1.00 32.60  ? 48  LEU A CG    1 
ATOM   712  C CD1   . LEU B 2 48  ? 9.049   8.459   -1.560  1.00 32.78  ? 48  LEU A CD1   1 
ATOM   713  C CD2   . LEU B 2 48  ? 7.849   10.558  -2.247  1.00 32.66  ? 48  LEU A CD2   1 
ATOM   714  N N     . ILE B 2 49  ? 7.721   11.434  2.840   1.00 25.87  ? 49  ILE A N     1 
ATOM   715  C CA    . ILE B 2 49  ? 7.205   11.575  4.181   1.00 24.48  ? 49  ILE A CA    1 
ATOM   716  C C     . ILE B 2 49  ? 6.586   12.993  4.297   1.00 23.82  ? 49  ILE A C     1 
ATOM   717  O O     . ILE B 2 49  ? 5.372   13.128  4.577   1.00 25.07  ? 49  ILE A O     1 
ATOM   718  C CB    . ILE B 2 49  ? 8.351   11.381  5.235   1.00 23.90  ? 49  ILE A CB    1 
ATOM   719  C CG1   . ILE B 2 49  ? 8.827   9.928   5.224   1.00 23.09  ? 49  ILE A CG1   1 
ATOM   720  C CG2   . ILE B 2 49  ? 7.838   11.663  6.648   1.00 25.22  ? 49  ILE A CG2   1 
ATOM   721  C CD1   . ILE B 2 49  ? 10.147  9.608   6.065   1.00 20.55  ? 49  ILE A CD1   1 
ATOM   722  N N     . THR B 2 50  ? 7.382   14.036  4.046   1.00 19.93  ? 50  THR A N     1 
ATOM   723  C CA    . THR B 2 50  ? 6.845   15.384  4.161   1.00 20.39  ? 50  THR A CA    1 
ATOM   724  C C     . THR B 2 50  ? 5.591   15.571  3.362   1.00 22.10  ? 50  THR A C     1 
ATOM   725  O O     . THR B 2 50  ? 4.612   16.153  3.848   1.00 21.94  ? 50  THR A O     1 
ATOM   726  C CB    . THR B 2 50  ? 7.815   16.454  3.678   1.00 20.82  ? 50  THR A CB    1 
ATOM   727  O OG1   . THR B 2 50  ? 9.023   16.361  4.436   1.00 21.59  ? 50  THR A OG1   1 
ATOM   728  C CG2   . THR B 2 50  ? 7.162   17.894  3.805   1.00 15.84  ? 50  THR A CG2   1 
ATOM   729  N N     . ARG B 2 51  ? 5.640   15.134  2.106   1.00 24.69  ? 51  ARG A N     1 
ATOM   730  C CA    . ARG B 2 51  ? 4.471   15.255  1.232   1.00 27.10  ? 51  ARG A CA    1 
ATOM   731  C C     . ARG B 2 51  ? 3.225   14.525  1.791   1.00 27.78  ? 51  ARG A C     1 
ATOM   732  O O     . ARG B 2 51  ? 2.100   15.070  1.766   1.00 27.40  ? 51  ARG A O     1 
ATOM   733  C CB    . ARG B 2 51  ? 4.817   14.759  -0.176  1.00 27.19  ? 51  ARG A CB    1 
ATOM   734  C CG    . ARG B 2 51  ? 5.539   15.809  -1.021  1.00 27.41  ? 51  ARG A CG    1 
ATOM   735  C CD    . ARG B 2 51  ? 6.177   15.174  -2.197  1.00 28.63  ? 51  ARG A CD    1 
ATOM   736  N NE    . ARG B 2 51  ? 6.859   16.105  -3.085  1.00 33.43  ? 51  ARG A NE    1 
ATOM   737  C CZ    . ARG B 2 51  ? 7.482   15.752  -4.219  1.00 34.53  ? 51  ARG A CZ    1 
ATOM   738  N NH1   . ARG B 2 51  ? 7.499   14.488  -4.607  1.00 33.96  ? 51  ARG A NH1   1 
ATOM   739  N NH2   . ARG B 2 51  ? 8.131   16.660  -4.953  1.00 36.26  ? 51  ARG A NH2   1 
ATOM   740  N N     . LEU B 2 52  ? 3.421   13.323  2.337   1.00 27.73  ? 52  LEU A N     1 
ATOM   741  C CA    . LEU B 2 52  ? 2.288   12.611  2.878   1.00 28.13  ? 52  LEU A CA    1 
ATOM   742  C C     . LEU B 2 52  ? 1.737   13.395  4.028   1.00 31.02  ? 52  LEU A C     1 
ATOM   743  O O     . LEU B 2 52  ? 0.523   13.619  4.115   1.00 30.98  ? 52  LEU A O     1 
ATOM   744  C CB    . LEU B 2 52  ? 2.691   11.212  3.295   1.00 25.19  ? 52  LEU A CB    1 
ATOM   745  C CG    . LEU B 2 52  ? 2.926   10.415  2.009   1.00 22.87  ? 52  LEU A CG    1 
ATOM   746  C CD1   . LEU B 2 52  ? 3.709   9.148   2.276   1.00 21.17  ? 52  LEU A CD1   1 
ATOM   747  C CD2   . LEU B 2 52  ? 1.584   10.139  1.360   1.00 20.68  ? 52  LEU A CD2   1 
ATOM   748  N N     . TYR B 2 53  ? 2.643   13.847  4.891   1.00 34.86  ? 53  TYR A N     1 
ATOM   749  C CA    . TYR B 2 53  ? 2.263   14.634  6.064   1.00 37.78  ? 53  TYR A CA    1 
ATOM   750  C C     . TYR B 2 53  ? 1.454   15.871  5.683   1.00 37.00  ? 53  TYR A C     1 
ATOM   751  O O     . TYR B 2 53  ? 0.516   16.248  6.362   1.00 36.26  ? 53  TYR A O     1 
ATOM   752  C CB    . TYR B 2 53  ? 3.515   15.052  6.852   1.00 40.14  ? 53  TYR A CB    1 
ATOM   753  C CG    . TYR B 2 53  ? 3.227   15.953  8.060   1.00 46.42  ? 53  TYR A CG    1 
ATOM   754  C CD1   . TYR B 2 53  ? 2.165   15.683  8.935   1.00 48.62  ? 53  TYR A CD1   1 
ATOM   755  C CD2   . TYR B 2 53  ? 4.050   17.049  8.360   1.00 48.81  ? 53  TYR A CD2   1 
ATOM   756  C CE1   . TYR B 2 53  ? 1.937   16.477  10.078  1.00 49.53  ? 53  TYR A CE1   1 
ATOM   757  C CE2   . TYR B 2 53  ? 3.832   17.845  9.501   1.00 49.24  ? 53  TYR A CE2   1 
ATOM   758  C CZ    . TYR B 2 53  ? 2.778   17.551  10.353  1.00 49.78  ? 53  TYR A CZ    1 
ATOM   759  O OH    . TYR B 2 53  ? 2.592   18.307  11.489  1.00 50.05  ? 53  TYR A OH    1 
ATOM   760  N N     . LYS B 2 54  ? 1.805   16.480  4.566   1.00 38.17  ? 54  LYS A N     1 
ATOM   761  C CA    . LYS B 2 54  ? 1.127   17.694  4.139   1.00 40.05  ? 54  LYS A CA    1 
ATOM   762  C C     . LYS B 2 54  ? -0.241  17.447  3.527   1.00 39.62  ? 54  LYS A C     1 
ATOM   763  O O     . LYS B 2 54  ? -1.142  18.289  3.594   1.00 38.50  ? 54  LYS A O     1 
ATOM   764  C CB    . LYS B 2 54  ? 2.047   18.484  3.185   1.00 41.47  ? 54  LYS A CB    1 
ATOM   765  C CG    . LYS B 2 54  ? 3.199   19.260  3.873   1.00 42.52  ? 54  LYS A CG    1 
ATOM   766  C CD    . LYS B 2 54  ? 3.992   20.083  2.827   1.00 47.35  ? 54  LYS A CD    1 
ATOM   767  C CE    . LYS B 2 54  ? 4.768   21.287  3.421   1.00 50.17  ? 54  LYS A CE    1 
ATOM   768  N NZ    . LYS B 2 54  ? 5.803   20.942  4.488   1.00 54.54  ? 54  LYS A NZ    1 
ATOM   769  N N     . LYS B 2 55  ? -0.387  16.278  2.930   1.00 40.75  ? 55  LYS A N     1 
ATOM   770  C CA    . LYS B 2 55  ? -1.648  15.887  2.329   1.00 41.64  ? 55  LYS A CA    1 
ATOM   771  C C     . LYS B 2 55  ? -2.515  15.306  3.457   1.00 43.50  ? 55  LYS A C     1 
ATOM   772  O O     . LYS B 2 55  ? -3.679  14.906  3.256   1.00 44.40  ? 55  LYS A O     1 
ATOM   773  C CB    . LYS B 2 55  ? -1.384  14.838  1.251   1.00 41.59  ? 55  LYS A CB    1 
ATOM   774  C CG    . LYS B 2 55  ? -0.778  15.375  -0.061  1.00 39.01  ? 55  LYS A CG    1 
ATOM   775  C CD    . LYS B 2 55  ? 0.084   14.333  -0.751  1.00 35.31  ? 55  LYS A CD    1 
ATOM   776  C CE    . LYS B 2 55  ? -0.705  13.205  -1.291  1.00 34.24  ? 55  LYS A CE    1 
ATOM   777  N NZ    . LYS B 2 55  ? 0.255   12.205  -1.850  1.00 36.89  ? 55  LYS A NZ    1 
ATOM   778  N N     . GLU B 2 56  ? -1.921  15.267  4.647   1.00 44.45  ? 56  GLU A N     1 
ATOM   779  C CA    . GLU B 2 56  ? -2.567  14.779  5.853   1.00 45.24  ? 56  GLU A CA    1 
ATOM   780  C C     . GLU B 2 56  ? -2.893  13.305  5.856   1.00 44.73  ? 56  GLU A C     1 
ATOM   781  O O     . GLU B 2 56  ? -3.842  12.896  6.507   1.00 46.72  ? 56  GLU A O     1 
ATOM   782  C CB    . GLU B 2 56  ? -3.842  15.569  6.125   1.00 46.86  ? 56  GLU A CB    1 
ATOM   783  C CG    . GLU B 2 56  ? -3.564  17.022  6.381   1.00 49.97  ? 56  GLU A CG    1 
ATOM   784  C CD    . GLU B 2 56  ? -4.767  17.762  6.929   1.00 52.49  ? 56  GLU A CD    1 
ATOM   785  O OE1   . GLU B 2 56  ? -4.952  17.764  8.178   1.00 52.73  ? 56  GLU A OE1   1 
ATOM   786  O OE2   . GLU B 2 56  ? -5.529  18.331  6.104   1.00 53.82  ? 56  GLU A OE2   1 
ATOM   787  N N     . ILE B 2 57  ? -2.122  12.499  5.143   1.00 43.08  ? 57  ILE A N     1 
ATOM   788  C CA    . ILE B 2 57  ? -2.395  11.082  5.133   1.00 41.20  ? 57  ILE A CA    1 
ATOM   789  C C     . ILE B 2 57  ? -1.702  10.466  6.353   1.00 40.69  ? 57  ILE A C     1 
ATOM   790  O O     . ILE B 2 57  ? -1.935  9.292   6.699   1.00 40.51  ? 57  ILE A O     1 
ATOM   791  C CB    . ILE B 2 57  ? -1.932  10.435  3.802   1.00 41.96  ? 57  ILE A CB    1 
ATOM   792  C CG1   . ILE B 2 57  ? -2.976  10.687  2.731   1.00 40.15  ? 57  ILE A CG1   1 
ATOM   793  C CG2   . ILE B 2 57  ? -1.762  8.933   3.937   1.00 42.69  ? 57  ILE A CG2   1 
ATOM   794  C CD1   . ILE B 2 57  ? -3.064  12.092  2.346   1.00 39.40  ? 57  ILE A CD1   1 
ATOM   795  N N     . ILE B 2 58  ? -0.861  11.249  7.026   1.00 38.38  ? 58  ILE A N     1 
ATOM   796  C CA    . ILE B 2 58  ? -0.213  10.744  8.246   1.00 36.88  ? 58  ILE A CA    1 
ATOM   797  C C     . ILE B 2 58  ? -0.096  11.850  9.257   1.00 37.15  ? 58  ILE A C     1 
ATOM   798  O O     . ILE B 2 58  ? -0.112  13.003  8.890   1.00 39.20  ? 58  ILE A O     1 
ATOM   799  C CB    . ILE B 2 58  ? 1.204   10.228  7.988   1.00 34.66  ? 58  ILE A CB    1 
ATOM   800  C CG1   . ILE B 2 58  ? 2.028   11.336  7.306   1.00 31.70  ? 58  ILE A CG1   1 
ATOM   801  C CG2   . ILE B 2 58  ? 1.131   8.881   7.259   1.00 31.00  ? 58  ILE A CG2   1 
ATOM   802  C CD1   . ILE B 2 58  ? 3.506   11.006  7.135   1.00 30.66  ? 58  ILE A CD1   1 
ATOM   803  N N     . LYS B 2 59  ? 0.018   11.533  10.529  1.00 38.14  ? 59  LYS A N     1 
ATOM   804  C CA    . LYS B 2 59  ? 0.186   12.614  11.504  1.00 39.20  ? 59  LYS A CA    1 
ATOM   805  C C     . LYS B 2 59  ? 1.407   12.321  12.343  1.00 40.30  ? 59  LYS A C     1 
ATOM   806  O O     . LYS B 2 59  ? 1.990   11.237  12.289  1.00 40.12  ? 59  LYS A O     1 
ATOM   807  C CB    . LYS B 2 59  ? -1.010  12.756  12.463  1.00 40.37  ? 59  LYS A CB    1 
ATOM   808  C CG    . LYS B 2 59  ? -2.393  12.690  11.860  1.00 39.90  ? 59  LYS A CG    1 
ATOM   809  C CD    . LYS B 2 59  ? -2.607  13.773  10.873  1.00 40.99  ? 59  LYS A CD    1 
ATOM   810  C CE    . LYS B 2 59  ? -2.687  15.123  11.494  1.00 42.77  ? 59  LYS A CE    1 
ATOM   811  N NZ    . LYS B 2 59  ? -3.016  16.101  10.394  1.00 47.37  ? 59  LYS A NZ    1 
ATOM   812  N N     . ARG B 2 60  ? 1.798   13.270  13.164  1.00 43.28  ? 60  ARG A N     1 
ATOM   813  C CA    . ARG B 2 60  ? 2.957   12.995  13.983  1.00 45.89  ? 60  ARG A CA    1 
ATOM   814  C C     . ARG B 2 60  ? 2.893   13.712  15.290  1.00 48.29  ? 60  ARG A C     1 
ATOM   815  O O     . ARG B 2 60  ? 2.078   14.625  15.487  1.00 49.03  ? 60  ARG A O     1 
ATOM   816  C CB    . ARG B 2 60  ? 4.214   13.438  13.262  1.00 46.35  ? 60  ARG A CB    1 
ATOM   817  C CG    . ARG B 2 60  ? 4.067   14.856  12.736  1.00 45.93  ? 60  ARG A CG    1 
ATOM   818  C CD    . ARG B 2 60  ? 5.364   15.394  12.240  1.00 47.59  ? 60  ARG A CD    1 
ATOM   819  N NE    . ARG B 2 60  ? 5.235   16.835  12.095  1.00 49.78  ? 60  ARG A NE    1 
ATOM   820  C CZ    . ARG B 2 60  ? 6.200   17.623  11.655  1.00 48.74  ? 60  ARG A CZ    1 
ATOM   821  N NH1   . ARG B 2 60  ? 7.365   17.103  11.305  1.00 48.93  ? 60  ARG A NH1   1 
ATOM   822  N NH2   . ARG B 2 60  ? 6.004   18.929  11.612  1.00 48.40  ? 60  ARG A NH2   1 
ATOM   823  N N     . TYR B 2 61  ? 3.778   13.266  16.171  1.00 50.93  ? 61  TYR A N     1 
ATOM   824  C CA    . TYR B 2 61  ? 3.977   13.843  17.475  1.00 55.14  ? 61  TYR A CA    1 
ATOM   825  C C     . TYR B 2 61  ? 5.476   13.630  17.690  1.00 58.58  ? 61  TYR A C     1 
ATOM   826  O O     . TYR B 2 61  ? 6.101   12.761  17.036  1.00 57.88  ? 61  TYR A O     1 
ATOM   827  C CB    . TYR B 2 61  ? 3.130   13.141  18.555  1.00 54.58  ? 61  TYR A CB    1 
ATOM   828  C CG    . TYR B 2 61  ? 3.464   11.693  18.800  1.00 56.83  ? 61  TYR A CG    1 
ATOM   829  C CD1   . TYR B 2 61  ? 4.650   11.331  19.438  1.00 58.05  ? 61  TYR A CD1   1 
ATOM   830  C CD2   . TYR B 2 61  ? 2.616   10.675  18.364  1.00 57.44  ? 61  TYR A CD2   1 
ATOM   831  C CE1   . TYR B 2 61  ? 4.999   9.992   19.626  1.00 58.95  ? 61  TYR A CE1   1 
ATOM   832  C CE2   . TYR B 2 61  ? 2.953   9.324   18.554  1.00 58.70  ? 61  TYR A CE2   1 
ATOM   833  C CZ    . TYR B 2 61  ? 4.155   8.998   19.177  1.00 58.82  ? 61  TYR A CZ    1 
ATOM   834  O OH    . TYR B 2 61  ? 4.555   7.688   19.286  1.00 60.14  ? 61  TYR A OH    1 
ATOM   835  N N     . LYS B 2 62  ? 6.061   14.446  18.569  1.00 61.79  ? 62  LYS A N     1 
ATOM   836  C CA    . LYS B 2 62  ? 7.479   14.335  18.860  1.00 64.49  ? 62  LYS A CA    1 
ATOM   837  C C     . LYS B 2 62  ? 7.624   13.425  20.069  1.00 66.44  ? 62  LYS A C     1 
ATOM   838  O O     . LYS B 2 62  ? 6.811   13.465  20.998  1.00 65.94  ? 62  LYS A O     1 
ATOM   839  C CB    . LYS B 2 62  ? 8.054   15.729  19.126  1.00 64.92  ? 62  LYS A CB    1 
ATOM   840  C CG    . LYS B 2 62  ? 9.567   15.794  19.166  1.00 66.63  ? 62  LYS A CG    1 
ATOM   841  C CD    . LYS B 2 62  ? 10.087  17.085  18.506  1.00 68.08  ? 62  LYS A CD    1 
ATOM   842  C CE    . LYS B 2 62  ? 9.748   18.359  19.304  1.00 69.77  ? 62  LYS A CE    1 
ATOM   843  N NZ    . LYS B 2 62  ? 10.199  18.327  20.751  1.00 70.00  ? 62  LYS A NZ    1 
ATOM   844  N N     . SER B 2 63  ? 8.634   12.569  20.044  1.00 69.32  ? 63  SER A N     1 
ATOM   845  C CA    . SER B 2 63  ? 8.860   11.653  21.156  1.00 72.85  ? 63  SER A CA    1 
ATOM   846  C C     . SER B 2 63  ? 10.040  12.135  21.963  1.00 75.52  ? 63  SER A C     1 
ATOM   847  O O     . SER B 2 63  ? 9.858   12.750  23.006  1.00 76.91  ? 63  SER A O     1 
ATOM   848  C CB    . SER B 2 63  ? 9.148   10.263  20.659  1.00 73.70  ? 63  SER A CB    1 
ATOM   849  O OG    . SER B 2 63  ? 9.772   9.520   21.687  1.00 74.70  ? 63  SER A OG    1 
ATOM   850  N N     . GLU B 2 64  ? 11.260  11.825  21.548  1.00 77.24  ? 64  GLU A N     1 
ATOM   851  C CA    . GLU B 2 64  ? 12.361  12.399  22.300  1.00 78.72  ? 64  GLU A CA    1 
ATOM   852  C C     . GLU B 2 64  ? 12.375  13.764  21.602  1.00 77.70  ? 64  GLU A C     1 
ATOM   853  O O     . GLU B 2 64  ? 11.610  14.655  21.976  1.00 78.18  ? 64  GLU A O     1 
ATOM   854  C CB    . GLU B 2 64  ? 13.599  11.542  22.127  1.00 82.47  ? 64  GLU A CB    1 
ATOM   855  C CG    . GLU B 2 64  ? 13.372  10.195  22.861  1.00 88.27  ? 64  GLU A CG    1 
ATOM   856  C CD    . GLU B 2 64  ? 14.554  9.234   22.772  1.00 92.21  ? 64  GLU A CD    1 
ATOM   857  O OE1   . GLU B 2 64  ? 15.648  9.563   23.318  1.00 94.42  ? 64  GLU A OE1   1 
ATOM   858  O OE2   . GLU B 2 64  ? 14.380  8.150   22.151  1.00 94.76  ? 64  GLU A OE2   1 
ATOM   859  N N     . ASN B 2 65  ? 13.185  14.005  20.601  1.00 76.10  ? 65  ASN A N     1 
ATOM   860  C CA    . ASN B 2 65  ? 12.955  15.297  19.977  1.00 74.44  ? 65  ASN A CA    1 
ATOM   861  C C     . ASN B 2 65  ? 12.695  14.946  18.528  1.00 72.52  ? 65  ASN A C     1 
ATOM   862  O O     . ASN B 2 65  ? 12.550  15.803  17.633  1.00 72.77  ? 65  ASN A O     1 
ATOM   863  C CB    . ASN B 2 65  ? 14.139  16.241  20.131  1.00 76.40  ? 65  ASN A CB    1 
ATOM   864  C CG    . ASN B 2 65  ? 13.698  17.624  20.533  1.00 76.69  ? 65  ASN A CG    1 
ATOM   865  O OD1   . ASN B 2 65  ? 12.675  18.102  20.052  1.00 77.97  ? 65  ASN A OD1   1 
ATOM   866  N ND2   . ASN B 2 65  ? 14.455  18.274  21.423  1.00 78.22  ? 65  ASN A ND2   1 
ATOM   867  N N     . ILE B 2 66  ? 12.604  13.634  18.339  1.00 69.53  ? 66  ILE A N     1 
ATOM   868  C CA    . ILE B 2 66  ? 12.378  13.014  17.045  1.00 65.75  ? 66  ILE A CA    1 
ATOM   869  C C     . ILE B 2 66  ? 10.900  12.827  16.726  1.00 62.76  ? 66  ILE A C     1 
ATOM   870  O O     . ILE B 2 66  ? 10.062  12.615  17.622  1.00 62.32  ? 66  ILE A O     1 
ATOM   871  C CB    . ILE B 2 66  ? 13.085  11.676  16.998  1.00 65.25  ? 66  ILE A CB    1 
ATOM   872  C CG1   . ILE B 2 66  ? 14.550  11.883  17.375  1.00 64.73  ? 66  ILE A CG1   1 
ATOM   873  C CG2   . ILE B 2 66  ? 12.964  11.069  15.625  1.00 64.10  ? 66  ILE A CG2   1 
ATOM   874  C CD1   . ILE B 2 66  ? 15.145  10.688  18.128  1.00 65.38  ? 66  ILE A CD1   1 
ATOM   875  N N     . TYR B 2 67  ? 10.579  12.932  15.440  1.00 59.17  ? 67  TYR A N     1 
ATOM   876  C CA    . TYR B 2 67  ? 9.197   12.780  15.037  1.00 54.91  ? 67  TYR A CA    1 
ATOM   877  C C     . TYR B 2 67  ? 8.918   11.343  14.705  1.00 51.36  ? 67  TYR A C     1 
ATOM   878  O O     . TYR B 2 67  ? 9.753   10.658  14.138  1.00 51.12  ? 67  TYR A O     1 
ATOM   879  C CB    . TYR B 2 67  ? 8.870   13.667  13.843  1.00 54.82  ? 67  TYR A CB    1 
ATOM   880  C CG    . TYR B 2 67  ? 8.627   15.125  14.183  1.00 55.02  ? 67  TYR A CG    1 
ATOM   881  C CD1   . TYR B 2 67  ? 7.513   15.510  14.929  1.00 55.59  ? 67  TYR A CD1   1 
ATOM   882  C CD2   . TYR B 2 67  ? 9.457   16.119  13.680  1.00 54.19  ? 67  TYR A CD2   1 
ATOM   883  C CE1   . TYR B 2 67  ? 7.219   16.843  15.153  1.00 55.91  ? 67  TYR A CE1   1 
ATOM   884  C CE2   . TYR B 2 67  ? 9.181   17.448  13.889  1.00 55.89  ? 67  TYR A CE2   1 
ATOM   885  C CZ    . TYR B 2 67  ? 8.055   17.813  14.623  1.00 57.31  ? 67  TYR A CZ    1 
ATOM   886  O OH    . TYR B 2 67  ? 7.746   19.155  14.776  1.00 57.61  ? 67  TYR A OH    1 
ATOM   887  N N     . PHE B 2 68  ? 7.735   10.903  15.116  1.00 47.68  ? 68  PHE A N     1 
ATOM   888  C CA    . PHE B 2 68  ? 7.239   9.555   14.893  1.00 43.11  ? 68  PHE A CA    1 
ATOM   889  C C     . PHE B 2 68  ? 5.948   9.719   14.117  1.00 41.26  ? 68  PHE A C     1 
ATOM   890  O O     . PHE B 2 68  ? 5.077   10.513  14.521  1.00 41.83  ? 68  PHE A O     1 
ATOM   891  C CB    . PHE B 2 68  ? 6.959   8.864   16.234  1.00 40.94  ? 68  PHE A CB    1 
ATOM   892  C CG    . PHE B 2 68  ? 8.166   8.231   16.823  1.00 40.22  ? 68  PHE A CG    1 
ATOM   893  C CD1   . PHE B 2 68  ? 8.551   6.943   16.426  1.00 38.73  ? 68  PHE A CD1   1 
ATOM   894  C CD2   . PHE B 2 68  ? 8.980   8.943   17.716  1.00 38.59  ? 68  PHE A CD2   1 
ATOM   895  C CE1   . PHE B 2 68  ? 9.741   6.367   16.911  1.00 39.28  ? 68  PHE A CE1   1 
ATOM   896  C CE2   . PHE B 2 68  ? 10.166  8.387   18.208  1.00 37.26  ? 68  PHE A CE2   1 
ATOM   897  C CZ    . PHE B 2 68  ? 10.555  7.092   17.807  1.00 38.47  ? 68  PHE A CZ    1 
ATOM   898  N N     . TYR B 2 69  ? 5.800   8.998   13.009  1.00 36.57  ? 69  TYR A N     1 
ATOM   899  C CA    . TYR B 2 69  ? 4.568   9.158   12.277  1.00 34.04  ? 69  TYR A CA    1 
ATOM   900  C C     . TYR B 2 69  ? 3.639   7.966   12.384  1.00 34.29  ? 69  TYR A C     1 
ATOM   901  O O     . TYR B 2 69  ? 4.055   6.840   12.678  1.00 33.01  ? 69  TYR A O     1 
ATOM   902  C CB    . TYR B 2 69  ? 4.846   9.468   10.813  1.00 32.44  ? 69  TYR A CB    1 
ATOM   903  C CG    . TYR B 2 69  ? 5.715   10.703  10.593  1.00 31.27  ? 69  TYR A CG    1 
ATOM   904  C CD1   . TYR B 2 69  ? 7.121   10.671  10.843  1.00 28.51  ? 69  TYR A CD1   1 
ATOM   905  C CD2   . TYR B 2 69  ? 5.135   11.907  10.166  1.00 28.58  ? 69  TYR A CD2   1 
ATOM   906  C CE1   . TYR B 2 69  ? 7.895   11.787  10.681  1.00 26.55  ? 69  TYR A CE1   1 
ATOM   907  C CE2   . TYR B 2 69  ? 5.909   13.045  10.001  1.00 27.71  ? 69  TYR A CE2   1 
ATOM   908  C CZ    . TYR B 2 69  ? 7.276   12.985  10.259  1.00 27.96  ? 69  TYR A CZ    1 
ATOM   909  O OH    . TYR B 2 69  ? 8.011   14.145  10.116  1.00 29.86  ? 69  TYR A OH    1 
ATOM   910  N N     . SER B 2 70  ? 2.367   8.247   12.116  1.00 34.72  ? 70  SER A N     1 
ATOM   911  C CA    . SER B 2 70  ? 1.291   7.277   12.159  1.00 34.47  ? 70  SER A CA    1 
ATOM   912  C C     . SER B 2 70  ? 0.219   7.551   11.088  1.00 33.87  ? 70  SER A C     1 
ATOM   913  O O     . SER B 2 70  ? -0.051  8.719   10.718  1.00 32.38  ? 70  SER A O     1 
ATOM   914  C CB    . SER B 2 70  ? 0.675   7.351   13.543  1.00 36.55  ? 70  SER A CB    1 
ATOM   915  O OG    . SER B 2 70  ? 1.727   7.217   14.509  1.00 44.30  ? 70  SER A OG    1 
ATOM   916  N N     . SER B 2 71  ? -0.412  6.485   10.605  1.00 32.51  ? 71  SER A N     1 
ATOM   917  C CA    . SER B 2 71  ? -1.449  6.660   9.589   1.00 33.62  ? 71  SER A CA    1 
ATOM   918  C C     . SER B 2 71  ? -2.662  7.453   10.051  1.00 32.78  ? 71  SER A C     1 
ATOM   919  O O     . SER B 2 71  ? -3.154  7.273   11.150  1.00 33.74  ? 71  SER A O     1 
ATOM   920  C CB    . SER B 2 71  ? -1.931  5.302   9.055   1.00 34.62  ? 71  SER A CB    1 
ATOM   921  O OG    . SER B 2 71  ? -3.182  5.418   8.395   1.00 34.55  ? 71  SER A OG    1 
ATOM   922  N N     . ASN B 2 72  ? -3.161  8.305   9.174   1.00 33.21  ? 72  ASN A N     1 
ATOM   923  C CA    . ASN B 2 72  ? -4.342  9.107   9.450   1.00 33.96  ? 72  ASN A CA    1 
ATOM   924  C C     . ASN B 2 72  ? -5.388  8.702   8.410   1.00 34.65  ? 72  ASN A C     1 
ATOM   925  O O     . ASN B 2 72  ? -6.306  9.470   8.078   1.00 34.53  ? 72  ASN A O     1 
ATOM   926  C CB    . ASN B 2 72  ? -4.027  10.607  9.305   1.00 33.97  ? 72  ASN A CB    1 
ATOM   927  C CG    . ASN B 2 72  ? -5.250  11.497  9.568   1.00 34.94  ? 72  ASN A CG    1 
ATOM   928  O OD1   . ASN B 2 72  ? -5.527  12.412  8.788   1.00 33.41  ? 72  ASN A OD1   1 
ATOM   929  N ND2   . ASN B 2 72  ? -5.984  11.231  10.674  1.00 31.86  ? 72  ASN A ND2   1 
ATOM   930  N N     . ILE B 2 73  ? -5.251  7.485   7.893   1.00 35.10  ? 73  ILE A N     1 
ATOM   931  C CA    . ILE B 2 73  ? -6.184  7.007   6.877   1.00 34.30  ? 73  ILE A CA    1 
ATOM   932  C C     . ILE B 2 73  ? -6.385  5.472   6.971   1.00 32.86  ? 73  ILE A C     1 
ATOM   933  O O     . ILE B 2 73  ? -5.471  4.740   7.369   1.00 32.49  ? 73  ILE A O     1 
ATOM   934  C CB    . ILE B 2 73  ? -5.667  7.487   5.476   1.00 35.53  ? 73  ILE A CB    1 
ATOM   935  C CG1   . ILE B 2 73  ? -6.675  7.155   4.395   1.00 38.86  ? 73  ILE A CG1   1 
ATOM   936  C CG2   . ILE B 2 73  ? -4.327  6.841   5.116   1.00 36.23  ? 73  ILE A CG2   1 
ATOM   937  C CD1   . ILE B 2 73  ? -6.149  7.477   3.012   1.00 40.22  ? 73  ILE A CD1   1 
ATOM   938  N N     . LYS B 2 74  ? -7.588  4.979   6.688   1.00 31.33  ? 74  LYS A N     1 
ATOM   939  C CA    . LYS B 2 74  ? -7.780  3.527   6.741   1.00 31.94  ? 74  LYS A CA    1 
ATOM   940  C C     . LYS B 2 74  ? -7.067  2.819   5.571   1.00 31.35  ? 74  LYS A C     1 
ATOM   941  O O     . LYS B 2 74  ? -7.423  3.043   4.411   1.00 29.90  ? 74  LYS A O     1 
ATOM   942  C CB    . LYS B 2 74  ? -9.235  3.137   6.615   1.00 33.43  ? 74  LYS A CB    1 
ATOM   943  C CG    . LYS B 2 74  ? -10.195 3.724   7.565   1.00 36.92  ? 74  LYS A CG    1 
ATOM   944  C CD    . LYS B 2 74  ? -11.456 2.878   7.453   1.00 38.36  ? 74  LYS A CD    1 
ATOM   945  C CE    . LYS B 2 74  ? -12.699 3.640   7.828   1.00 38.94  ? 74  LYS A CE    1 
ATOM   946  N NZ    . LYS B 2 74  ? -13.834 2.727   7.590   1.00 42.94  ? 74  LYS A NZ    1 
ATOM   947  N N     . GLU B 2 75  ? -6.113  1.943   5.880   1.00 30.86  ? 75  GLU A N     1 
ATOM   948  C CA    . GLU B 2 75  ? -5.382  1.206   4.864   1.00 32.37  ? 75  GLU A CA    1 
ATOM   949  C C     . GLU B 2 75  ? -6.356  0.445   3.958   1.00 34.81  ? 75  GLU A C     1 
ATOM   950  O O     . GLU B 2 75  ? -6.383  0.711   2.739   1.00 36.07  ? 75  GLU A O     1 
ATOM   951  C CB    . GLU B 2 75  ? -4.360  0.257   5.503   1.00 29.96  ? 75  GLU A CB    1 
ATOM   952  C CG    . GLU B 2 75  ? -3.500  -0.533  4.523   1.00 31.25  ? 75  GLU A CG    1 
ATOM   953  C CD    . GLU B 2 75  ? -2.665  -1.599  5.265   1.00 34.43  ? 75  GLU A CD    1 
ATOM   954  O OE1   . GLU B 2 75  ? -3.004  -1.803  6.438   1.00 37.82  ? 75  GLU A OE1   1 
ATOM   955  O OE2   . GLU B 2 75  ? -1.712  -2.234  4.731   1.00 31.62  ? 75  GLU A OE2   1 
ATOM   956  N N     . ASP B 2 76  ? -7.181  -0.457  4.525   1.00 35.84  ? 76  ASP A N     1 
ATOM   957  C CA    . ASP B 2 76  ? -8.119  -1.231  3.688   1.00 35.39  ? 76  ASP A CA    1 
ATOM   958  C C     . ASP B 2 76  ? -8.914  -0.297  2.767   1.00 34.23  ? 76  ASP A C     1 
ATOM   959  O O     . ASP B 2 76  ? -9.255  -0.662  1.673   1.00 35.56  ? 76  ASP A O     1 
ATOM   960  C CB    . ASP B 2 76  ? -9.140  -2.064  4.521   1.00 36.29  ? 76  ASP A CB    1 
ATOM   961  C CG    . ASP B 2 76  ? -8.485  -3.077  5.499   1.00 38.60  ? 76  ASP A CG    1 
ATOM   962  O OD1   . ASP B 2 76  ? -7.543  -3.819  5.111   1.00 41.27  ? 76  ASP A OD1   1 
ATOM   963  O OD2   . ASP B 2 76  ? -8.941  -3.168  6.669   1.00 37.32  ? 76  ASP A OD2   1 
ATOM   964  N N     . ASP B 2 77  ? -9.207  0.915   3.184   1.00 33.18  ? 77  ASP A N     1 
ATOM   965  C CA    . ASP B 2 77  ? -10.009 1.759   2.321   1.00 34.78  ? 77  ASP A CA    1 
ATOM   966  C C     . ASP B 2 77  ? -9.318  2.413   1.142   1.00 34.95  ? 77  ASP A C     1 
ATOM   967  O O     . ASP B 2 77  ? -9.867  2.485   0.054   1.00 35.63  ? 77  ASP A O     1 
ATOM   968  C CB    . ASP B 2 77  ? -10.754 2.820   3.158   1.00 35.01  ? 77  ASP A CB    1 
ATOM   969  C CG    . ASP B 2 77  ? -11.956 2.221   3.888   1.00 36.00  ? 77  ASP A CG    1 
ATOM   970  O OD1   . ASP B 2 77  ? -12.063 0.981   3.812   1.00 38.41  ? 77  ASP A OD1   1 
ATOM   971  O OD2   . ASP B 2 77  ? -12.776 2.934   4.527   1.00 33.95  ? 77  ASP A OD2   1 
ATOM   972  N N     . ILE B 2 78  ? -8.109  2.887   1.354   1.00 34.12  ? 78  ILE A N     1 
ATOM   973  C CA    . ILE B 2 78  ? -7.395  3.552   0.299   1.00 32.50  ? 78  ILE A CA    1 
ATOM   974  C C     . ILE B 2 78  ? -6.842  2.496   -0.691  1.00 32.51  ? 78  ILE A C     1 
ATOM   975  O O     . ILE B 2 78  ? -6.769  2.732   -1.892  1.00 31.66  ? 78  ILE A O     1 
ATOM   976  C CB    . ILE B 2 78  ? -6.287  4.454   0.939   1.00 31.63  ? 78  ILE A CB    1 
ATOM   977  C CG1   . ILE B 2 78  ? -5.636  5.306   -0.130  1.00 31.35  ? 78  ILE A CG1   1 
ATOM   978  C CG2   . ILE B 2 78  ? -5.274  3.600   1.722   1.00 30.54  ? 78  ILE A CG2   1 
ATOM   979  C CD1   . ILE B 2 78  ? -6.638  6.060   -0.996  1.00 31.64  ? 78  ILE A CD1   1 
ATOM   980  N N     . LYS B 2 79  ? -6.463  1.325   -0.204  1.00 31.34  ? 79  LYS A N     1 
ATOM   981  C CA    . LYS B 2 79  ? -5.980  0.327   -1.134  1.00 31.60  ? 79  LYS A CA    1 
ATOM   982  C C     . LYS B 2 79  ? -7.156  -0.147  -2.041  1.00 33.26  ? 79  LYS A C     1 
ATOM   983  O O     . LYS B 2 79  ? -7.032  -0.234  -3.288  1.00 32.33  ? 79  LYS A O     1 
ATOM   984  C CB    . LYS B 2 79  ? -5.312  -0.819  -0.361  1.00 27.52  ? 79  LYS A CB    1 
ATOM   985  C CG    . LYS B 2 79  ? -3.988  -0.363  0.275   1.00 26.69  ? 79  LYS A CG    1 
ATOM   986  C CD    . LYS B 2 79  ? -3.192  -1.517  0.865   1.00 27.30  ? 79  LYS A CD    1 
ATOM   987  C CE    . LYS B 2 79  ? -1.783  -1.055  1.275   1.00 26.33  ? 79  LYS A CE    1 
ATOM   988  N NZ    . LYS B 2 79  ? -0.891  -2.215  1.698   1.00 28.59  ? 79  LYS A NZ    1 
ATOM   989  N N     . MET B 2 80  ? -8.315  -0.354  -1.419  1.00 33.43  ? 80  MET A N     1 
ATOM   990  C CA    . MET B 2 80  ? -9.478  -0.819  -2.133  1.00 33.43  ? 80  MET A CA    1 
ATOM   991  C C     . MET B 2 80  ? -9.892  0.192   -3.199  1.00 34.95  ? 80  MET A C     1 
ATOM   992  O O     . MET B 2 80  ? -10.214 -0.169  -4.340  1.00 36.81  ? 80  MET A O     1 
ATOM   993  C CB    . MET B 2 80  ? -10.606 -1.076  -1.149  1.00 30.46  ? 80  MET A CB    1 
ATOM   994  C CG    . MET B 2 80  ? -11.799 -1.851  -1.742  1.00 27.90  ? 80  MET A CG    1 
ATOM   995  S SD    . MET B 2 80  ? -11.414 -3.431  -2.497  1.00 22.55  ? 80  MET A SD    1 
ATOM   996  C CE    . MET B 2 80  ? -12.232 -2.990  -3.768  1.00 23.40  ? 80  MET A CE    1 
ATOM   997  N N     . LYS B 2 81  ? -9.869  1.462   -2.848  1.00 35.11  ? 81  LYS A N     1 
ATOM   998  C CA    . LYS B 2 81  ? -10.235 2.501   -3.809  1.00 35.23  ? 81  LYS A CA    1 
ATOM   999  C C     . LYS B 2 81  ? -9.227  2.492   -4.978  1.00 34.02  ? 81  LYS A C     1 
ATOM   1000 O O     . LYS B 2 81  ? -9.588  2.702   -6.128  1.00 32.78  ? 81  LYS A O     1 
ATOM   1001 C CB    . LYS B 2 81  ? -10.197 3.873   -3.126  1.00 36.52  ? 81  LYS A CB    1 
ATOM   1002 C CG    . LYS B 2 81  ? -11.046 4.903   -3.765  1.00 39.59  ? 81  LYS A CG    1 
ATOM   1003 C CD    . LYS B 2 81  ? -10.352 6.259   -3.693  1.00 43.84  ? 81  LYS A CD    1 
ATOM   1004 C CE    . LYS B 2 81  ? -11.190 7.396   -4.344  1.00 46.46  ? 81  LYS A CE    1 
ATOM   1005 N NZ    . LYS B 2 81  ? -11.825 6.996   -5.659  1.00 48.91  ? 81  LYS A NZ    1 
ATOM   1006 N N     . THR B 2 82  ? -7.967  2.226   -4.675  1.00 32.51  ? 82  THR A N     1 
ATOM   1007 C CA    . THR B 2 82  ? -6.950  2.233   -5.702  1.00 34.39  ? 82  THR A CA    1 
ATOM   1008 C C     . THR B 2 82  ? -7.180  1.059   -6.657  1.00 34.34  ? 82  THR A C     1 
ATOM   1009 O O     . THR B 2 82  ? -7.212  1.228   -7.888  1.00 33.78  ? 82  THR A O     1 
ATOM   1010 C CB    . THR B 2 82  ? -5.550  2.203   -5.038  1.00 35.39  ? 82  THR A CB    1 
ATOM   1011 O OG1   . THR B 2 82  ? -5.362  3.427   -4.332  1.00 37.38  ? 82  THR A OG1   1 
ATOM   1012 C CG2   . THR B 2 82  ? -4.446  2.115   -6.049  1.00 35.52  ? 82  THR A CG2   1 
ATOM   1013 N N     . ALA B 2 83  ? -7.385  -0.108  -6.054  1.00 34.13  ? 83  ALA A N     1 
ATOM   1014 C CA    . ALA B 2 83  ? -7.667  -1.336  -6.768  1.00 33.71  ? 83  ALA A CA    1 
ATOM   1015 C C     . ALA B 2 83  ? -8.916  -1.221  -7.688  1.00 33.15  ? 83  ALA A C     1 
ATOM   1016 O O     . ALA B 2 83  ? -8.871  -1.706  -8.820  1.00 33.95  ? 83  ALA A O     1 
ATOM   1017 C CB    . ALA B 2 83  ? -7.825  -2.502  -5.760  1.00 32.98  ? 83  ALA A CB    1 
ATOM   1018 N N     . LYS B 2 84  ? -10.014 -0.612  -7.247  1.00 31.67  ? 84  LYS A N     1 
ATOM   1019 C CA    . LYS B 2 84  ? -11.148 -0.501  -8.165  1.00 33.90  ? 84  LYS A CA    1 
ATOM   1020 C C     . LYS B 2 84  ? -10.715 0.327   -9.391  1.00 34.70  ? 84  LYS A C     1 
ATOM   1021 O O     . LYS B 2 84  ? -11.012 -0.010  -10.566 1.00 32.58  ? 84  LYS A O     1 
ATOM   1022 C CB    . LYS B 2 84  ? -12.373 0.151   -7.482  1.00 34.32  ? 84  LYS A CB    1 
ATOM   1023 C CG    . LYS B 2 84  ? -12.904 -0.695  -6.335  1.00 36.76  ? 84  LYS A CG    1 
ATOM   1024 C CD    . LYS B 2 84  ? -14.041 -0.066  -5.599  1.00 38.73  ? 84  LYS A CD    1 
ATOM   1025 C CE    . LYS B 2 84  ? -15.351 -0.483  -6.199  1.00 42.55  ? 84  LYS A CE    1 
ATOM   1026 N NZ    . LYS B 2 84  ? -16.443 0.536   -5.928  1.00 45.70  ? 84  LYS A NZ    1 
ATOM   1027 N N     . THR B 2 85  ? -9.972  1.394   -9.108  1.00 35.86  ? 85  THR A N     1 
ATOM   1028 C CA    . THR B 2 85  ? -9.519  2.265   -10.161 1.00 36.93  ? 85  THR A CA    1 
ATOM   1029 C C     . THR B 2 85  ? -8.724  1.506   -11.174 1.00 37.96  ? 85  THR A C     1 
ATOM   1030 O O     . THR B 2 85  ? -8.932  1.643   -12.395 1.00 37.45  ? 85  THR A O     1 
ATOM   1031 C CB    . THR B 2 85  ? -8.695  3.372   -9.612  1.00 36.31  ? 85  THR A CB    1 
ATOM   1032 O OG1   . THR B 2 85  ? -9.600  4.363   -9.132  1.00 37.09  ? 85  THR A OG1   1 
ATOM   1033 C CG2   . THR B 2 85  ? -7.803  4.001   -10.718 1.00 38.25  ? 85  THR A CG2   1 
ATOM   1034 N N     . PHE B 2 86  ? -7.803  0.716   -10.640 1.00 37.60  ? 86  PHE A N     1 
ATOM   1035 C CA    . PHE B 2 86  ? -6.936  -0.125  -11.424 1.00 37.74  ? 86  PHE A CA    1 
ATOM   1036 C C     . PHE B 2 86  ? -7.755  -1.136  -12.237 1.00 38.08  ? 86  PHE A C     1 
ATOM   1037 O O     . PHE B 2 86  ? -7.610  -1.228  -13.460 1.00 37.13  ? 86  PHE A O     1 
ATOM   1038 C CB    . PHE B 2 86  ? -6.008  -0.834  -10.473 1.00 38.99  ? 86  PHE A CB    1 
ATOM   1039 C CG    . PHE B 2 86  ? -5.490  -2.097  -10.990 1.00 42.32  ? 86  PHE A CG    1 
ATOM   1040 C CD1   . PHE B 2 86  ? -4.423  -2.105  -11.874 1.00 45.35  ? 86  PHE A CD1   1 
ATOM   1041 C CD2   . PHE B 2 86  ? -6.063  -3.294  -10.596 1.00 44.33  ? 86  PHE A CD2   1 
ATOM   1042 C CE1   . PHE B 2 86  ? -3.909  -3.316  -12.377 1.00 48.22  ? 86  PHE A CE1   1 
ATOM   1043 C CE2   . PHE B 2 86  ? -5.581  -4.508  -11.073 1.00 46.60  ? 86  PHE A CE2   1 
ATOM   1044 C CZ    . PHE B 2 86  ? -4.493  -4.526  -11.972 1.00 48.77  ? 86  PHE A CZ    1 
ATOM   1045 N N     . LEU B 2 87  ? -8.615  -1.889  -11.556 1.00 37.33  ? 87  LEU A N     1 
ATOM   1046 C CA    . LEU B 2 87  ? -9.449  -2.889  -12.211 1.00 37.01  ? 87  LEU A CA    1 
ATOM   1047 C C     . LEU B 2 87  ? -10.362 -2.291  -13.341 1.00 37.44  ? 87  LEU A C     1 
ATOM   1048 O O     . LEU B 2 87  ? -10.580 -2.891  -14.397 1.00 34.91  ? 87  LEU A O     1 
ATOM   1049 C CB    . LEU B 2 87  ? -10.280 -3.576  -11.134 1.00 36.79  ? 87  LEU A CB    1 
ATOM   1050 C CG    . LEU B 2 87  ? -10.329 -5.103  -11.180 1.00 37.13  ? 87  LEU A CG    1 
ATOM   1051 C CD1   . LEU B 2 87  ? -10.915 -5.490  -12.496 1.00 37.08  ? 87  LEU A CD1   1 
ATOM   1052 C CD2   . LEU B 2 87  ? -8.961  -5.728  -10.998 1.00 34.24  ? 87  LEU A CD2   1 
ATOM   1053 N N     . ASN B 2 88  ? -10.894 -1.103  -13.115 1.00 38.71  ? 88  ASN A N     1 
ATOM   1054 C CA    . ASN B 2 88  ? -11.734 -0.470  -14.119 1.00 41.08  ? 88  ASN A CA    1 
ATOM   1055 C C     . ASN B 2 88  ? -10.944 -0.112  -15.388 1.00 42.40  ? 88  ASN A C     1 
ATOM   1056 O O     . ASN B 2 88  ? -11.398 -0.299  -16.548 1.00 43.27  ? 88  ASN A O     1 
ATOM   1057 C CB    . ASN B 2 88  ? -12.330 0.798   -13.532 1.00 41.58  ? 88  ASN A CB    1 
ATOM   1058 C CG    . ASN B 2 88  ? -13.361 0.501   -12.503 1.00 42.77  ? 88  ASN A CG    1 
ATOM   1059 O OD1   . ASN B 2 88  ? -13.927 -0.596  -12.489 1.00 43.00  ? 88  ASN A OD1   1 
ATOM   1060 N ND2   . ASN B 2 88  ? -13.641 1.474   -11.642 1.00 42.92  ? 88  ASN A ND2   1 
ATOM   1061 N N     . LYS B 2 89  ? -9.768  0.437   -15.144 1.00 41.65  ? 89  LYS A N     1 
ATOM   1062 C CA    . LYS B 2 89  ? -8.903  0.815   -16.205 1.00 42.25  ? 89  LYS A CA    1 
ATOM   1063 C C     . LYS B 2 89  ? -8.326  -0.405  -16.905 1.00 42.33  ? 89  LYS A C     1 
ATOM   1064 O O     . LYS B 2 89  ? -8.316  -0.442  -18.118 1.00 45.28  ? 89  LYS A O     1 
ATOM   1065 C CB    . LYS B 2 89  ? -7.793  1.707   -15.661 1.00 43.35  ? 89  LYS A CB    1 
ATOM   1066 C CG    . LYS B 2 89  ? -8.298  3.087   -15.292 1.00 46.14  ? 89  LYS A CG    1 
ATOM   1067 C CD    . LYS B 2 89  ? -7.660  4.214   -16.129 1.00 48.56  ? 89  LYS A CD    1 
ATOM   1068 C CE    . LYS B 2 89  ? -8.567  5.478   -16.182 1.00 49.40  ? 89  LYS A CE    1 
ATOM   1069 N NZ    . LYS B 2 89  ? -7.966  6.619   -16.960 1.00 49.30  ? 89  LYS A NZ    1 
ATOM   1070 N N     . LEU B 2 90  ? -7.866  -1.426  -16.195 1.00 41.09  ? 90  LEU A N     1 
ATOM   1071 C CA    . LEU B 2 90  ? -7.290  -2.547  -16.933 1.00 40.18  ? 90  LEU A CA    1 
ATOM   1072 C C     . LEU B 2 90  ? -8.212  -3.702  -17.246 1.00 41.81  ? 90  LEU A C     1 
ATOM   1073 O O     . LEU B 2 90  ? -7.861  -4.552  -18.089 1.00 44.09  ? 90  LEU A O     1 
ATOM   1074 C CB    . LEU B 2 90  ? -6.035  -3.087  -16.244 1.00 36.58  ? 90  LEU A CB    1 
ATOM   1075 C CG    . LEU B 2 90  ? -4.751  -2.311  -16.566 1.00 35.58  ? 90  LEU A CG    1 
ATOM   1076 C CD1   . LEU B 2 90  ? -4.935  -0.817  -16.338 1.00 36.71  ? 90  LEU A CD1   1 
ATOM   1077 C CD2   . LEU B 2 90  ? -3.633  -2.803  -15.689 1.00 34.80  ? 90  LEU A CD2   1 
ATOM   1078 N N     . TYR B 2 91  ? -9.386  -3.755  -16.616 1.00 40.91  ? 91  TYR A N     1 
ATOM   1079 C CA    . TYR B 2 91  ? -10.285 -4.885  -16.878 1.00 39.94  ? 91  TYR A CA    1 
ATOM   1080 C C     . TYR B 2 91  ? -11.770 -4.567  -16.799 1.00 40.64  ? 91  TYR A C     1 
ATOM   1081 O O     . TYR B 2 91  ? -12.569 -5.486  -16.627 1.00 41.69  ? 91  TYR A O     1 
ATOM   1082 C CB    . TYR B 2 91  ? -9.979  -6.016  -15.901 1.00 36.36  ? 91  TYR A CB    1 
ATOM   1083 C CG    . TYR B 2 91  ? -8.512  -6.413  -15.825 1.00 34.48  ? 91  TYR A CG    1 
ATOM   1084 C CD1   . TYR B 2 91  ? -7.969  -7.368  -16.693 1.00 34.55  ? 91  TYR A CD1   1 
ATOM   1085 C CD2   . TYR B 2 91  ? -7.668  -5.832  -14.896 1.00 33.28  ? 91  TYR A CD2   1 
ATOM   1086 C CE1   . TYR B 2 91  ? -6.611  -7.733  -16.633 1.00 34.44  ? 91  TYR A CE1   1 
ATOM   1087 C CE2   . TYR B 2 91  ? -6.315  -6.177  -14.822 1.00 34.70  ? 91  TYR A CE2   1 
ATOM   1088 C CZ    . TYR B 2 91  ? -5.786  -7.120  -15.695 1.00 35.76  ? 91  TYR A CZ    1 
ATOM   1089 O OH    . TYR B 2 91  ? -4.426  -7.379  -15.676 1.00 34.30  ? 91  TYR A OH    1 
ATOM   1090 N N     . GLY B 2 92  ? -12.140 -3.290  -16.932 1.00 41.15  ? 92  GLY A N     1 
ATOM   1091 C CA    . GLY B 2 92  ? -13.543 -2.914  -16.835 1.00 41.57  ? 92  GLY A CA    1 
ATOM   1092 C C     . GLY B 2 92  ? -14.066 -3.506  -15.533 1.00 43.42  ? 92  GLY A C     1 
ATOM   1093 O O     . GLY B 2 92  ? -15.107 -4.184  -15.475 1.00 42.29  ? 92  GLY A O     1 
ATOM   1094 N N     . GLY B 2 93  ? -13.296 -3.260  -14.477 1.00 43.81  ? 93  GLY A N     1 
ATOM   1095 C CA    . GLY B 2 93  ? -13.638 -3.761  -13.163 1.00 44.08  ? 93  GLY A CA    1 
ATOM   1096 C C     . GLY B 2 93  ? -14.207 -5.160  -13.115 1.00 44.07  ? 93  GLY A C     1 
ATOM   1097 O O     . GLY B 2 93  ? -15.353 -5.332  -12.775 1.00 45.62  ? 93  GLY A O     1 
ATOM   1098 N N     . ASP B 2 94  ? -13.420 -6.167  -13.460 1.00 44.65  ? 94  ASP A N     1 
ATOM   1099 C CA    . ASP B 2 94  ? -13.894 -7.541  -13.413 1.00 43.20  ? 94  ASP A CA    1 
ATOM   1100 C C     . ASP B 2 94  ? -12.782 -8.413  -12.844 1.00 42.43  ? 94  ASP A C     1 
ATOM   1101 O O     . ASP B 2 94  ? -11.816 -8.755  -13.553 1.00 42.00  ? 94  ASP A O     1 
ATOM   1102 C CB    . ASP B 2 94  ? -14.264 -8.021  -14.816 1.00 46.01  ? 94  ASP A CB    1 
ATOM   1103 C CG    . ASP B 2 94  ? -15.000 -9.366  -14.802 1.00 49.14  ? 94  ASP A CG    1 
ATOM   1104 O OD1   . ASP B 2 94  ? -14.840 -10.110 -13.782 1.00 47.51  ? 94  ASP A OD1   1 
ATOM   1105 O OD2   . ASP B 2 94  ? -15.718 -9.664  -15.813 1.00 49.74  ? 94  ASP A OD2   1 
ATOM   1106 N N     . MET B 2 95  ? -12.890 -8.753  -11.558 1.00 40.96  ? 95  MET A N     1 
ATOM   1107 C CA    . MET B 2 95  ? -11.866 -9.593  -10.944 1.00 40.52  ? 95  MET A CA    1 
ATOM   1108 C C     . MET B 2 95  ? -11.654 -10.850 -11.784 1.00 41.04  ? 95  MET A C     1 
ATOM   1109 O O     . MET B 2 95  ? -10.534 -11.363 -11.885 1.00 40.41  ? 95  MET A O     1 
ATOM   1110 C CB    . MET B 2 95  ? -12.250 -10.029 -9.527  1.00 37.43  ? 95  MET A CB    1 
ATOM   1111 C CG    . MET B 2 95  ? -11.626 -9.196  -8.436  1.00 34.84  ? 95  MET A CG    1 
ATOM   1112 S SD    . MET B 2 95  ? -9.919  -9.104  -8.603  1.00 28.09  ? 95  MET A SD    1 
ATOM   1113 C CE    . MET B 2 95  ? -9.357  -10.146 -7.466  1.00 30.13  ? 95  MET A CE    1 
ATOM   1114 N N     . LYS B 2 96  ? -12.732 -11.357 -12.371 1.00 41.10  ? 96  LYS A N     1 
ATOM   1115 C CA    . LYS B 2 96  ? -12.598 -12.554 -13.178 1.00 42.62  ? 96  LYS A CA    1 
ATOM   1116 C C     . LYS B 2 96  ? -11.597 -12.276 -14.296 1.00 40.65  ? 96  LYS A C     1 
ATOM   1117 O O     . LYS B 2 96  ? -10.553 -12.945 -14.426 1.00 36.77  ? 96  LYS A O     1 
ATOM   1118 C CB    . LYS B 2 96  ? -13.970 -12.964 -13.745 1.00 44.92  ? 96  LYS A CB    1 
ATOM   1119 C CG    . LYS B 2 96  ? -15.012 -13.316 -12.651 1.00 48.18  ? 96  LYS A CG    1 
ATOM   1120 C CD    . LYS B 2 96  ? -16.429 -13.480 -13.231 1.00 50.91  ? 96  LYS A CD    1 
ATOM   1121 C CE    . LYS B 2 96  ? -16.992 -12.155 -13.779 1.00 51.60  ? 96  LYS A CE    1 
ATOM   1122 N NZ    . LYS B 2 96  ? -16.952 -11.097 -12.721 1.00 53.24  ? 96  LYS A NZ    1 
ATOM   1123 N N     . SER B 2 97  ? -11.918 -11.247 -15.069 1.00 40.13  ? 97  SER A N     1 
ATOM   1124 C CA    . SER B 2 97  ? -11.084 -10.867 -16.179 1.00 42.35  ? 97  SER A CA    1 
ATOM   1125 C C     . SER B 2 97  ? -9.627  -10.659 -15.800 1.00 42.61  ? 97  SER A C     1 
ATOM   1126 O O     . SER B 2 97  ? -8.752  -10.850 -16.631 1.00 43.64  ? 97  SER A O     1 
ATOM   1127 C CB    . SER B 2 97  ? -11.638 -9.620  -16.848 1.00 43.42  ? 97  SER A CB    1 
ATOM   1128 O OG    . SER B 2 97  ? -10.848 -9.304  -17.983 1.00 45.98  ? 97  SER A OG    1 
ATOM   1129 N N     . LEU B 2 98  ? -9.370  -10.268 -14.553 1.00 43.08  ? 98  LEU A N     1 
ATOM   1130 C CA    . LEU B 2 98  ? -8.011  -10.071 -14.069 1.00 42.56  ? 98  LEU A CA    1 
ATOM   1131 C C     . LEU B 2 98  ? -7.430  -11.380 -13.518 1.00 44.22  ? 98  LEU A C     1 
ATOM   1132 O O     . LEU B 2 98  ? -6.222  -11.654 -13.623 1.00 43.92  ? 98  LEU A O     1 
ATOM   1133 C CB    . LEU B 2 98  ? -8.005  -8.995  -12.993 1.00 41.22  ? 98  LEU A CB    1 
ATOM   1134 C CG    . LEU B 2 98  ? -6.804  -8.688  -12.072 1.00 40.49  ? 98  LEU A CG    1 
ATOM   1135 C CD1   . LEU B 2 98  ? -6.909  -9.452  -10.776 1.00 40.79  ? 98  LEU A CD1   1 
ATOM   1136 C CD2   . LEU B 2 98  ? -5.498  -8.995  -12.767 1.00 41.49  ? 98  LEU A CD2   1 
ATOM   1137 N N     . VAL B 2 99  ? -8.271  -12.210 -12.927 1.00 46.03  ? 99  VAL A N     1 
ATOM   1138 C CA    . VAL B 2 99  ? -7.730  -13.451 -12.418 1.00 49.12  ? 99  VAL A CA    1 
ATOM   1139 C C     . VAL B 2 99  ? -7.490  -14.372 -13.612 1.00 50.49  ? 99  VAL A C     1 
ATOM   1140 O O     . VAL B 2 99  ? -6.593  -15.216 -13.612 1.00 51.33  ? 99  VAL A O     1 
ATOM   1141 C CB    . VAL B 2 99  ? -8.664  -14.114 -11.417 1.00 49.04  ? 99  VAL A CB    1 
ATOM   1142 C CG1   . VAL B 2 99  ? -9.753  -14.827 -12.135 1.00 50.80  ? 99  VAL A CG1   1 
ATOM   1143 C CG2   . VAL B 2 99  ? -7.872  -15.056 -10.551 1.00 49.77  ? 99  VAL A CG2   1 
ATOM   1144 N N     . LEU B 2 100 ? -8.275  -14.187 -14.658 1.00 51.95  ? 100 LEU A N     1 
ATOM   1145 C CA    . LEU B 2 100 ? -8.079  -14.997 -15.835 1.00 52.87  ? 100 LEU A CA    1 
ATOM   1146 C C     . LEU B 2 100 ? -6.822  -14.555 -16.624 1.00 53.35  ? 100 LEU A C     1 
ATOM   1147 O O     . LEU B 2 100 ? -6.134  -15.391 -17.202 1.00 53.13  ? 100 LEU A O     1 
ATOM   1148 C CB    . LEU B 2 100 ? -9.335  -14.936 -16.701 1.00 53.07  ? 100 LEU A CB    1 
ATOM   1149 C CG    . LEU B 2 100 ? -9.375  -16.091 -17.688 1.00 54.23  ? 100 LEU A CG    1 
ATOM   1150 C CD1   . LEU B 2 100 ? -8.864  -17.360 -16.966 1.00 54.21  ? 100 LEU A CD1   1 
ATOM   1151 C CD2   . LEU B 2 100 ? -10.798 -16.246 -18.289 1.00 54.05  ? 100 LEU A CD2   1 
ATOM   1152 N N     . ASN B 2 101 ? -6.531  -13.251 -16.652 1.00 54.31  ? 101 ASN A N     1 
ATOM   1153 C CA    . ASN B 2 101 ? -5.348  -12.733 -17.342 1.00 55.08  ? 101 ASN A CA    1 
ATOM   1154 C C     . ASN B 2 101 ? -4.133  -13.288 -16.571 1.00 54.91  ? 101 ASN A C     1 
ATOM   1155 O O     . ASN B 2 101 ? -3.068  -13.504 -17.137 1.00 53.65  ? 101 ASN A O     1 
ATOM   1156 C CB    . ASN B 2 101 ? -5.377  -11.187 -17.339 1.00 57.83  ? 101 ASN A CB    1 
ATOM   1157 C CG    . ASN B 2 101 ? -3.972  -10.522 -17.630 1.00 63.29  ? 101 ASN A CG    1 
ATOM   1158 O OD1   . ASN B 2 101 ? -2.917  -10.963 -17.113 1.00 66.65  ? 101 ASN A OD1   1 
ATOM   1159 N ND2   . ASN B 2 101 ? -3.976  -9.438  -18.425 1.00 61.95  ? 101 ASN A ND2   1 
ATOM   1160 N N     . PHE B 2 102 ? -4.302  -13.540 -15.278 1.00 55.00  ? 102 PHE A N     1 
ATOM   1161 C CA    . PHE B 2 102 ? -3.203  -14.071 -14.485 1.00 55.47  ? 102 PHE A CA    1 
ATOM   1162 C C     . PHE B 2 102 ? -2.875  -15.482 -14.858 1.00 56.10  ? 102 PHE A C     1 
ATOM   1163 O O     . PHE B 2 102 ? -1.748  -15.795 -15.239 1.00 56.89  ? 102 PHE A O     1 
ATOM   1164 C CB    . PHE B 2 102 ? -3.529  -14.038 -13.008 1.00 54.51  ? 102 PHE A CB    1 
ATOM   1165 C CG    . PHE B 2 102 ? -2.715  -13.057 -12.262 1.00 52.70  ? 102 PHE A CG    1 
ATOM   1166 C CD1   . PHE B 2 102 ? -1.482  -13.408 -11.783 1.00 52.02  ? 102 PHE A CD1   1 
ATOM   1167 C CD2   . PHE B 2 102 ? -3.121  -11.733 -12.188 1.00 53.38  ? 102 PHE A CD2   1 
ATOM   1168 C CE1   . PHE B 2 102 ? -0.651  -12.449 -11.251 1.00 53.73  ? 102 PHE A CE1   1 
ATOM   1169 C CE2   . PHE B 2 102 ? -2.300  -10.753 -11.660 1.00 53.12  ? 102 PHE A CE2   1 
ATOM   1170 C CZ    . PHE B 2 102 ? -1.062  -11.100 -11.195 1.00 53.41  ? 102 PHE A CZ    1 
ATOM   1171 N N     . ALA B 2 103 ? -3.859  -16.352 -14.732 1.00 56.30  ? 103 ALA A N     1 
ATOM   1172 C CA    . ALA B 2 103 ? -3.614  -17.735 -15.082 1.00 56.92  ? 103 ALA A CA    1 
ATOM   1173 C C     . ALA B 2 103 ? -2.998  -17.759 -16.505 1.00 56.61  ? 103 ALA A C     1 
ATOM   1174 O O     . ALA B 2 103 ? -1.876  -18.241 -16.700 1.00 58.69  ? 103 ALA A O     1 
ATOM   1175 C CB    . ALA B 2 103 ? -4.914  -18.521 -15.021 1.00 56.46  ? 103 ALA A CB    1 
ATOM   1176 N N     . LYS B 2 104 ? -3.715  -17.195 -17.472 1.00 54.44  ? 104 LYS A N     1 
ATOM   1177 C CA    . LYS B 2 104 ? -3.285  -17.135 -18.859 1.00 52.53  ? 104 LYS A CA    1 
ATOM   1178 C C     . LYS B 2 104 ? -1.782  -16.850 -18.989 1.00 54.29  ? 104 LYS A C     1 
ATOM   1179 O O     . LYS B 2 104 ? -1.019  -17.757 -19.323 1.00 53.21  ? 104 LYS A O     1 
ATOM   1180 C CB    . LYS B 2 104 ? -4.140  -16.093 -19.559 1.00 49.87  ? 104 LYS A CB    1 
ATOM   1181 C CG    . LYS B 2 104 ? -3.632  -15.614 -20.855 1.00 48.42  ? 104 LYS A CG    1 
ATOM   1182 C CD    . LYS B 2 104 ? -4.433  -14.415 -21.310 1.00 46.86  ? 104 LYS A CD    1 
ATOM   1183 C CE    . LYS B 2 104 ? -5.915  -14.702 -21.319 1.00 47.41  ? 104 LYS A CE    1 
ATOM   1184 N NZ    . LYS B 2 104 ? -6.675  -13.550 -21.883 1.00 48.52  ? 104 LYS A NZ    1 
ATOM   1185 N N     . ASN B 2 105 ? -1.343  -15.617 -18.711 1.00 56.60  ? 105 ASN A N     1 
ATOM   1186 C CA    . ASN B 2 105 ? 0.092   -15.277 -18.789 1.00 57.25  ? 105 ASN A CA    1 
ATOM   1187 C C     . ASN B 2 105 ? 0.966   -16.161 -17.922 1.00 59.95  ? 105 ASN A C     1 
ATOM   1188 O O     . ASN B 2 105 ? 2.172   -15.942 -17.851 1.00 61.00  ? 105 ASN A O     1 
ATOM   1189 C CB    . ASN B 2 105 ? 0.359   -13.829 -18.392 1.00 54.01  ? 105 ASN A CB    1 
ATOM   1190 C CG    . ASN B 2 105 ? -0.079  -12.859 -19.443 1.00 52.85  ? 105 ASN A CG    1 
ATOM   1191 O OD1   . ASN B 2 105 ? 0.698   -12.024 -19.899 1.00 51.54  ? 105 ASN A OD1   1 
ATOM   1192 N ND2   . ASN B 2 105 ? -1.329  -12.966 -19.850 1.00 51.67  ? 105 ASN A ND2   1 
ATOM   1193 N N     . GLU B 2 106 ? 0.360   -17.134 -17.242 1.00 62.38  ? 106 GLU A N     1 
ATOM   1194 C CA    . GLU B 2 106 ? 1.107   -18.082 -16.414 1.00 64.89  ? 106 GLU A CA    1 
ATOM   1195 C C     . GLU B 2 106 ? 1.908   -17.410 -15.331 1.00 65.96  ? 106 GLU A C     1 
ATOM   1196 O O     . GLU B 2 106 ? 3.107   -17.627 -15.196 1.00 65.32  ? 106 GLU A O     1 
ATOM   1197 C CB    . GLU B 2 106 ? 2.049   -18.909 -17.286 1.00 65.87  ? 106 GLU A CB    1 
ATOM   1198 C CG    . GLU B 2 106 ? 1.357   -19.548 -18.476 1.00 68.74  ? 106 GLU A CG    1 
ATOM   1199 C CD    . GLU B 2 106 ? 2.332   -20.175 -19.461 1.00 70.54  ? 106 GLU A CD    1 
ATOM   1200 O OE1   . GLU B 2 106 ? 3.149   -21.014 -19.010 1.00 70.62  ? 106 GLU A OE1   1 
ATOM   1201 O OE2   . GLU B 2 106 ? 2.273   -19.832 -20.673 1.00 69.77  ? 106 GLU A OE2   1 
ATOM   1202 N N     . GLU B 2 107 ? 1.217   -16.584 -14.567 1.00 68.15  ? 107 GLU A N     1 
ATOM   1203 C CA    . GLU B 2 107 ? 1.804   -15.872 -13.458 1.00 70.33  ? 107 GLU A CA    1 
ATOM   1204 C C     . GLU B 2 107 ? 1.371   -16.588 -12.185 1.00 72.14  ? 107 GLU A C     1 
ATOM   1205 O O     . GLU B 2 107 ? 1.553   -16.078 -11.079 1.00 72.05  ? 107 GLU A O     1 
ATOM   1206 C CB    . GLU B 2 107 ? 1.293   -14.433 -13.434 1.00 70.07  ? 107 GLU A CB    1 
ATOM   1207 C CG    . GLU B 2 107 ? 1.846   -13.546 -14.523 1.00 70.45  ? 107 GLU A CG    1 
ATOM   1208 C CD    . GLU B 2 107 ? 3.348   -13.387 -14.422 1.00 69.93  ? 107 GLU A CD    1 
ATOM   1209 O OE1   . GLU B 2 107 ? 3.859   -13.307 -13.280 1.00 68.90  ? 107 GLU A OE1   1 
ATOM   1210 O OE2   . GLU B 2 107 ? 4.005   -13.332 -15.486 1.00 69.58  ? 107 GLU A OE2   1 
ATOM   1211 N N     . LEU B 2 108 ? 0.779   -17.767 -12.347 1.00 74.41  ? 108 LEU A N     1 
ATOM   1212 C CA    . LEU B 2 108 ? 0.325   -18.548 -11.199 1.00 76.73  ? 108 LEU A CA    1 
ATOM   1213 C C     . LEU B 2 108 ? 0.507   -20.055 -11.390 1.00 78.48  ? 108 LEU A C     1 
ATOM   1214 O O     . LEU B 2 108 ? 0.014   -20.632 -12.372 1.00 78.58  ? 108 LEU A O     1 
ATOM   1215 C CB    . LEU B 2 108 ? -1.153  -18.270 -10.893 1.00 76.03  ? 108 LEU A CB    1 
ATOM   1216 C CG    . LEU B 2 108 ? -1.637  -16.837 -10.652 1.00 77.07  ? 108 LEU A CG    1 
ATOM   1217 C CD1   . LEU B 2 108 ? -3.086  -16.878 -10.182 1.00 76.45  ? 108 LEU A CD1   1 
ATOM   1218 C CD2   . LEU B 2 108 ? -0.780  -16.144 -9.604  1.00 78.31  ? 108 LEU A CD2   1 
ATOM   1219 N N     . ASN B 2 109 ? 1.229   -20.679 -10.457 1.00 80.35  ? 109 ASN A N     1 
ATOM   1220 C CA    . ASN B 2 109 ? 1.433   -22.119 -10.488 1.00 81.47  ? 109 ASN A CA    1 
ATOM   1221 C C     . ASN B 2 109 ? 0.253   -22.755 -9.770  1.00 81.42  ? 109 ASN A C     1 
ATOM   1222 O O     . ASN B 2 109 ? -0.271  -22.189 -8.804  1.00 80.77  ? 109 ASN A O     1 
ATOM   1223 C CB    . ASN B 2 109 ? 2.716   -22.529 -9.776  1.00 83.39  ? 109 ASN A CB    1 
ATOM   1224 C CG    . ASN B 2 109 ? 2.783   -24.042 -9.552  1.00 87.21  ? 109 ASN A CG    1 
ATOM   1225 O OD1   . ASN B 2 109 ? 2.160   -24.570 -8.610  1.00 88.05  ? 109 ASN A OD1   1 
ATOM   1226 N ND2   . ASN B 2 109 ? 3.515   -24.756 -10.435 1.00 86.74  ? 109 ASN A ND2   1 
ATOM   1227 N N     . ASN B 2 110 ? -0.151  -23.937 -10.236 1.00 81.77  ? 110 ASN A N     1 
ATOM   1228 C CA    . ASN B 2 110 ? -1.289  -24.658 -9.655  1.00 81.93  ? 110 ASN A CA    1 
ATOM   1229 C C     . ASN B 2 110 ? -1.269  -24.686 -8.116  1.00 81.15  ? 110 ASN A C     1 
ATOM   1230 O O     . ASN B 2 110 ? -2.323  -24.835 -7.473  1.00 80.74  ? 110 ASN A O     1 
ATOM   1231 C CB    . ASN B 2 110 ? -1.359  -26.096 -10.203 1.00 82.37  ? 110 ASN A CB    1 
ATOM   1232 C CG    . ASN B 2 110 ? -2.658  -26.817 -9.807  1.00 83.01  ? 110 ASN A CG    1 
ATOM   1233 O OD1   . ASN B 2 110 ? -3.714  -26.626 -10.433 1.00 82.72  ? 110 ASN A OD1   1 
ATOM   1234 N ND2   . ASN B 2 110 ? -2.582  -27.639 -8.755  1.00 82.41  ? 110 ASN A ND2   1 
ATOM   1235 N N     . LYS B 2 111 ? -0.087  -24.556 -7.520  1.00 79.98  ? 111 LYS A N     1 
ATOM   1236 C CA    . LYS B 2 111 ? -0.038  -24.546 -6.075  1.00 79.45  ? 111 LYS A CA    1 
ATOM   1237 C C     . LYS B 2 111 ? -0.764  -23.275 -5.633  1.00 78.89  ? 111 LYS A C     1 
ATOM   1238 O O     . LYS B 2 111 ? -1.701  -23.330 -4.828  1.00 78.78  ? 111 LYS A O     1 
ATOM   1239 C CB    . LYS B 2 111 ? 1.401   -24.550 -5.563  1.00 80.46  ? 111 LYS A CB    1 
ATOM   1240 C CG    . LYS B 2 111 ? 1.502   -24.449 -4.034  1.00 82.09  ? 111 LYS A CG    1 
ATOM   1241 C CD    . LYS B 2 111 ? 2.947   -24.449 -3.556  1.00 85.42  ? 111 LYS A CD    1 
ATOM   1242 C CE    . LYS B 2 111 ? 3.647   -25.793 -3.864  1.00 88.38  ? 111 LYS A CE    1 
ATOM   1243 N NZ    . LYS B 2 111 ? 5.156   -25.763 -3.713  1.00 90.20  ? 111 LYS A NZ    1 
ATOM   1244 N N     . GLU B 2 112 ? -0.355  -22.134 -6.179  1.00 77.61  ? 112 GLU A N     1 
ATOM   1245 C CA    . GLU B 2 112 ? -0.996  -20.879 -5.828  1.00 76.26  ? 112 GLU A CA    1 
ATOM   1246 C C     . GLU B 2 112 ? -2.418  -20.863 -6.380  1.00 76.18  ? 112 GLU A C     1 
ATOM   1247 O O     . GLU B 2 112 ? -3.329  -20.274 -5.772  1.00 76.11  ? 112 GLU A O     1 
ATOM   1248 C CB    . GLU B 2 112 ? -0.197  -19.718 -6.388  1.00 75.50  ? 112 GLU A CB    1 
ATOM   1249 C CG    . GLU B 2 112 ? 1.232   -19.785 -5.968  1.00 74.97  ? 112 GLU A CG    1 
ATOM   1250 C CD    . GLU B 2 112 ? 2.091   -18.761 -6.665  1.00 75.28  ? 112 GLU A CD    1 
ATOM   1251 O OE1   . GLU B 2 112 ? 2.083   -18.717 -7.921  1.00 75.07  ? 112 GLU A OE1   1 
ATOM   1252 O OE2   . GLU B 2 112 ? 2.781   -18.005 -5.947  1.00 75.69  ? 112 GLU A OE2   1 
ATOM   1253 N N     . ILE B 2 113 ? -2.617  -21.521 -7.523  1.00 75.32  ? 113 ILE A N     1 
ATOM   1254 C CA    . ILE B 2 113 ? -3.943  -21.571 -8.132  1.00 74.69  ? 113 ILE A CA    1 
ATOM   1255 C C     . ILE B 2 113 ? -4.902  -22.271 -7.206  1.00 73.40  ? 113 ILE A C     1 
ATOM   1256 O O     . ILE B 2 113 ? -6.064  -21.886 -7.105  1.00 72.62  ? 113 ILE A O     1 
ATOM   1257 C CB    . ILE B 2 113 ? -3.979  -22.359 -9.442  1.00 75.95  ? 113 ILE A CB    1 
ATOM   1258 C CG1   . ILE B 2 113 ? -2.970  -21.779 -10.455 1.00 76.53  ? 113 ILE A CG1   1 
ATOM   1259 C CG2   . ILE B 2 113 ? -5.416  -22.347 -9.970  1.00 75.74  ? 113 ILE A CG2   1 
ATOM   1260 C CD1   . ILE B 2 113 ? -2.811  -22.596 -11.758 1.00 75.00  ? 113 ILE A CD1   1 
ATOM   1261 N N     . GLU B 2 114 ? -4.409  -23.316 -6.546  1.00 72.48  ? 114 GLU A N     1 
ATOM   1262 C CA    . GLU B 2 114 ? -5.237  -24.075 -5.625  1.00 71.81  ? 114 GLU A CA    1 
ATOM   1263 C C     . GLU B 2 114 ? -5.411  -23.317 -4.306  1.00 71.36  ? 114 GLU A C     1 
ATOM   1264 O O     . GLU B 2 114 ? -6.536  -23.256 -3.794  1.00 70.91  ? 114 GLU A O     1 
ATOM   1265 C CB    . GLU B 2 114 ? -4.657  -25.487 -5.401  1.00 71.36  ? 114 GLU A CB    1 
ATOM   1266 C CG    . GLU B 2 114 ? -5.666  -26.524 -4.806  1.00 72.05  ? 114 GLU A CG    1 
ATOM   1267 C CD    . GLU B 2 114 ? -6.793  -26.982 -5.776  1.00 73.19  ? 114 GLU A CD    1 
ATOM   1268 O OE1   . GLU B 2 114 ? -7.468  -26.111 -6.364  1.00 73.72  ? 114 GLU A OE1   1 
ATOM   1269 O OE2   . GLU B 2 114 ? -7.027  -28.212 -5.942  1.00 73.03  ? 114 GLU A OE2   1 
ATOM   1270 N N     . GLU B 2 115 ? -4.333  -22.733 -3.760  1.00 71.15  ? 115 GLU A N     1 
ATOM   1271 C CA    . GLU B 2 115 ? -4.440  -21.959 -2.501  1.00 70.75  ? 115 GLU A CA    1 
ATOM   1272 C C     . GLU B 2 115 ? -5.501  -20.915 -2.717  1.00 70.67  ? 115 GLU A C     1 
ATOM   1273 O O     . GLU B 2 115 ? -6.341  -20.675 -1.856  1.00 70.95  ? 115 GLU A O     1 
ATOM   1274 C CB    . GLU B 2 115 ? -3.168  -21.197 -2.147  1.00 69.79  ? 115 GLU A CB    1 
ATOM   1275 C CG    . GLU B 2 115 ? -1.971  -22.041 -1.935  1.00 72.38  ? 115 GLU A CG    1 
ATOM   1276 C CD    . GLU B 2 115 ? -0.770  -21.201 -1.618  1.00 73.33  ? 115 GLU A CD    1 
ATOM   1277 O OE1   . GLU B 2 115 ? -0.583  -20.186 -2.322  1.00 74.08  ? 115 GLU A OE1   1 
ATOM   1278 O OE2   . GLU B 2 115 ? -0.016  -21.550 -0.679  1.00 75.23  ? 115 GLU A OE2   1 
ATOM   1279 N N     . LEU B 2 116 ? -5.452  -20.269 -3.873  1.00 70.30  ? 116 LEU A N     1 
ATOM   1280 C CA    . LEU B 2 116 ? -6.448  -19.258 -4.158  1.00 69.84  ? 116 LEU A CA    1 
ATOM   1281 C C     . LEU B 2 116 ? -7.813  -19.929 -4.131  1.00 69.65  ? 116 LEU A C     1 
ATOM   1282 O O     . LEU B 2 116 ? -8.600  -19.691 -3.213  1.00 68.08  ? 116 LEU A O     1 
ATOM   1283 C CB    . LEU B 2 116 ? -6.193  -18.620 -5.517  1.00 68.38  ? 116 LEU A CB    1 
ATOM   1284 C CG    . LEU B 2 116 ? -6.735  -17.197 -5.569  1.00 66.74  ? 116 LEU A CG    1 
ATOM   1285 C CD1   . LEU B 2 116 ? -6.042  -16.319 -4.526  1.00 65.92  ? 116 LEU A CD1   1 
ATOM   1286 C CD2   . LEU B 2 116 ? -6.517  -16.653 -6.943  1.00 67.93  ? 116 LEU A CD2   1 
ATOM   1287 N N     . ARG B 2 117 ? -8.064  -20.788 -5.125  1.00 70.64  ? 117 ARG A N     1 
ATOM   1288 C CA    . ARG B 2 117 ? -9.330  -21.526 -5.238  1.00 71.54  ? 117 ARG A CA    1 
ATOM   1289 C C     . ARG B 2 117 ? -9.786  -21.927 -3.840  1.00 70.13  ? 117 ARG A C     1 
ATOM   1290 O O     . ARG B 2 117 ? -10.976 -21.949 -3.542  1.00 69.06  ? 117 ARG A O     1 
ATOM   1291 C CB    . ARG B 2 117 ? -9.167  -22.793 -6.111  1.00 73.93  ? 117 ARG A CB    1 
ATOM   1292 C CG    . ARG B 2 117 ? -10.498 -23.501 -6.473  1.00 76.87  ? 117 ARG A CG    1 
ATOM   1293 C CD    . ARG B 2 117 ? -10.448 -25.008 -6.244  1.00 79.27  ? 117 ARG A CD    1 
ATOM   1294 N NE    . ARG B 2 117 ? -10.207 -25.278 -4.828  1.00 84.74  ? 117 ARG A NE    1 
ATOM   1295 C CZ    . ARG B 2 117 ? -9.887  -26.461 -4.298  1.00 85.95  ? 117 ARG A CZ    1 
ATOM   1296 N NH1   . ARG B 2 117 ? -9.764  -27.538 -5.074  1.00 86.14  ? 117 ARG A NH1   1 
ATOM   1297 N NH2   . ARG B 2 117 ? -9.667  -26.553 -2.979  1.00 86.31  ? 117 ARG A NH2   1 
ATOM   1298 N N     . ASP B 2 118 ? -8.822  -22.237 -2.986  1.00 69.49  ? 118 ASP A N     1 
ATOM   1299 C CA    . ASP B 2 118 ? -9.132  -22.613 -1.624  1.00 70.14  ? 118 ASP A CA    1 
ATOM   1300 C C     . ASP B 2 118 ? -9.763  -21.372 -0.992  1.00 70.71  ? 118 ASP A C     1 
ATOM   1301 O O     . ASP B 2 118 ? -10.958 -21.149 -1.150  1.00 70.87  ? 118 ASP A O     1 
ATOM   1302 C CB    . ASP B 2 118 ? -7.856  -23.012 -0.897  1.00 69.65  ? 118 ASP A CB    1 
ATOM   1303 C CG    . ASP B 2 118 ? -8.127  -23.791 0.346   1.00 68.95  ? 118 ASP A CG    1 
ATOM   1304 O OD1   . ASP B 2 118 ? -9.136  -23.484 1.019   1.00 69.87  ? 118 ASP A OD1   1 
ATOM   1305 O OD2   . ASP B 2 118 ? -7.318  -24.693 0.654   1.00 68.50  ? 118 ASP A OD2   1 
ATOM   1306 N N     . ILE B 2 119 ? -8.961  -20.574 -0.288  1.00 71.41  ? 119 ILE A N     1 
ATOM   1307 C CA    . ILE B 2 119 ? -9.406  -19.319 0.348   1.00 71.89  ? 119 ILE A CA    1 
ATOM   1308 C C     . ILE B 2 119 ? -10.702 -18.726 -0.263  1.00 72.52  ? 119 ILE A C     1 
ATOM   1309 O O     . ILE B 2 119 ? -11.617 -18.297 0.452   1.00 71.23  ? 119 ILE A O     1 
ATOM   1310 C CB    . ILE B 2 119 ? -8.268  -18.253 0.246   1.00 71.68  ? 119 ILE A CB    1 
ATOM   1311 C CG1   . ILE B 2 119 ? -8.729  -16.916 0.796   1.00 72.25  ? 119 ILE A CG1   1 
ATOM   1312 C CG2   . ILE B 2 119 ? -7.864  -18.037 -1.211  1.00 71.10  ? 119 ILE A CG2   1 
ATOM   1313 C CD1   . ILE B 2 119 ? -7.830  -15.785 0.366   1.00 72.63  ? 119 ILE A CD1   1 
ATOM   1314 N N     . LEU B 2 120 ? -10.749 -18.711 -1.595  1.00 73.57  ? 120 LEU A N     1 
ATOM   1315 C CA    . LEU B 2 120 ? -11.872 -18.190 -2.369  1.00 74.36  ? 120 LEU A CA    1 
ATOM   1316 C C     . LEU B 2 120 ? -13.106 -19.062 -2.221  1.00 75.20  ? 120 LEU A C     1 
ATOM   1317 O O     . LEU B 2 120 ? -14.226 -18.559 -2.163  1.00 75.51  ? 120 LEU A O     1 
ATOM   1318 C CB    . LEU B 2 120 ? -11.480 -18.118 -3.843  1.00 75.09  ? 120 LEU A CB    1 
ATOM   1319 C CG    . LEU B 2 120 ? -12.515 -17.622 -4.855  1.00 75.29  ? 120 LEU A CG    1 
ATOM   1320 C CD1   . LEU B 2 120 ? -13.111 -16.295 -4.358  1.00 74.73  ? 120 LEU A CD1   1 
ATOM   1321 C CD2   . LEU B 2 120 ? -11.843 -17.464 -6.235  1.00 74.26  ? 120 LEU A CD2   1 
ATOM   1322 N N     . ASN B 2 121 ? -12.904 -20.377 -2.207  1.00 75.77  ? 121 ASN A N     1 
ATOM   1323 C CA    . ASN B 2 121 ? -14.011 -21.311 -2.029  1.00 75.17  ? 121 ASN A CA    1 
ATOM   1324 C C     . ASN B 2 121 ? -14.452 -21.124 -0.572  1.00 74.71  ? 121 ASN A C     1 
ATOM   1325 O O     . ASN B 2 121 ? -15.638 -21.209 -0.240  1.00 74.59  ? 121 ASN A O     1 
ATOM   1326 C CB    . ASN B 2 121 ? -13.532 -22.746 -2.298  1.00 75.46  ? 121 ASN A CB    1 
ATOM   1327 C CG    . ASN B 2 121 ? -14.395 -23.797 -1.611  1.00 77.46  ? 121 ASN A CG    1 
ATOM   1328 O OD1   . ASN B 2 121 ? -14.100 -24.232 -0.488  1.00 78.13  ? 121 ASN A OD1   1 
ATOM   1329 N ND2   . ASN B 2 121 ? -15.478 -24.200 -2.276  1.00 78.58  ? 121 ASN A ND2   1 
ATOM   1330 N N     . ASP B 2 122 ? -13.463 -20.829 0.266   1.00 73.35  ? 122 ASP A N     1 
ATOM   1331 C CA    . ASP B 2 122 ? -13.640 -20.600 1.677   1.00 73.02  ? 122 ASP A CA    1 
ATOM   1332 C C     . ASP B 2 122 ? -14.490 -19.339 1.932   1.00 74.20  ? 122 ASP A C     1 
ATOM   1333 O O     . ASP B 2 122 ? -15.188 -19.244 2.943   1.00 74.63  ? 122 ASP A O     1 
ATOM   1334 C CB    . ASP B 2 122 ? -12.240 -20.499 2.313   1.00 71.33  ? 122 ASP A CB    1 
ATOM   1335 C CG    . ASP B 2 122 ? -12.267 -20.280 3.832   1.00 69.53  ? 122 ASP A CG    1 
ATOM   1336 O OD1   . ASP B 2 122 ? -13.214 -20.764 4.497   1.00 69.09  ? 122 ASP A OD1   1 
ATOM   1337 O OD2   . ASP B 2 122 ? -11.317 -19.646 4.361   1.00 66.37  ? 122 ASP A OD2   1 
ATOM   1338 N N     . ILE B 2 123 ? -14.458 -18.381 1.012   1.00 75.09  ? 123 ILE A N     1 
ATOM   1339 C CA    . ILE B 2 123 ? -15.228 -17.146 1.188   1.00 77.22  ? 123 ILE A CA    1 
ATOM   1340 C C     . ILE B 2 123 ? -16.692 -17.340 0.845   1.00 78.71  ? 123 ILE A C     1 
ATOM   1341 O O     . ILE B 2 123 ? -17.581 -16.758 1.482   1.00 78.67  ? 123 ILE A O     1 
ATOM   1342 C CB    . ILE B 2 123 ? -14.701 -16.003 0.298   1.00 77.37  ? 123 ILE A CB    1 
ATOM   1343 C CG1   . ILE B 2 123 ? -13.201 -15.791 0.544   1.00 77.81  ? 123 ILE A CG1   1 
ATOM   1344 C CG2   . ILE B 2 123 ? -15.510 -14.730 0.567   1.00 76.53  ? 123 ILE A CG2   1 
ATOM   1345 C CD1   . ILE B 2 123 ? -12.466 -15.196 -0.656  1.00 78.23  ? 123 ILE A CD1   1 
ATOM   1346 N N     . SER B 2 124 ? -16.922 -18.148 -0.186  1.00 80.98  ? 124 SER A N     1 
ATOM   1347 C CA    . SER B 2 124 ? -18.262 -18.466 -0.653  1.00 83.07  ? 124 SER A CA    1 
ATOM   1348 C C     . SER B 2 124 ? -18.995 -19.259 0.423   1.00 84.61  ? 124 SER A C     1 
ATOM   1349 O O     . SER B 2 124 ? -20.225 -19.256 0.471   1.00 84.27  ? 124 SER A O     1 
ATOM   1350 C CB    . SER B 2 124 ? -18.188 -19.296 -1.934  1.00 82.71  ? 124 SER A CB    1 
ATOM   1351 O OG    . SER B 2 124 ? -19.492 -19.561 -2.429  1.00 83.40  ? 124 SER A OG    1 
ATOM   1352 N N     . LYS B 2 125 ? -18.216 -19.934 1.273   1.00 87.26  ? 125 LYS A N     1 
ATOM   1353 C CA    . LYS B 2 125 ? -18.727 -20.758 2.375   1.00 89.57  ? 125 LYS A CA    1 
ATOM   1354 C C     . LYS B 2 125 ? -19.290 -19.878 3.477   1.00 91.27  ? 125 LYS A C     1 
ATOM   1355 O O     . LYS B 2 125 ? -18.563 -19.088 4.090   1.00 91.84  ? 125 LYS A O     1 
ATOM   1356 C CB    . LYS B 2 125 ? -17.612 -21.649 2.951   1.00 89.03  ? 125 LYS A CB    1 
ATOM   1357 C CG    . LYS B 2 125 ? -17.042 -22.642 1.939   1.00 88.96  ? 125 LYS A CG    1 
ATOM   1358 C CD    . LYS B 2 125 ? -16.070 -23.653 2.553   1.00 89.33  ? 125 LYS A CD    1 
ATOM   1359 C CE    . LYS B 2 125 ? -14.823 -23.000 3.143   1.00 89.00  ? 125 LYS A CE    1 
ATOM   1360 N NZ    . LYS B 2 125 ? -13.772 -23.989 3.515   1.00 87.25  ? 125 LYS A NZ    1 
ATOM   1361 N N     . LYS B 2 126 ? -20.593 -20.015 3.707   1.00 92.81  ? 126 LYS A N     1 
ATOM   1362 C CA    . LYS B 2 126 ? -21.279 -19.239 4.731   1.00 93.92  ? 126 LYS A CA    1 
ATOM   1363 C C     . LYS B 2 126 ? -21.484 -20.075 5.990   1.00 94.45  ? 126 LYS A C     1 
ATOM   1364 O O     . LYS B 2 126 ? -20.902 -21.184 6.027   1.00 94.87  ? 126 LYS A O     1 
ATOM   1365 C CB    . LYS B 2 126 ? -22.623 -18.715 4.198   1.00 93.97  ? 126 LYS A CB    1 
ATOM   1366 C CG    . LYS B 2 126 ? -23.487 -19.732 3.483   1.00 92.90  ? 126 LYS A CG    1 
ATOM   1367 C CD    . LYS B 2 126 ? -24.700 -19.046 2.872   1.00 92.65  ? 126 LYS A CD    1 
ATOM   1368 C CE    . LYS B 2 126 ? -25.383 -19.933 1.835   1.00 93.30  ? 126 LYS A CE    1 
ATOM   1369 N NZ    . LYS B 2 126 ? -25.782 -21.281 2.361   1.00 93.27  ? 126 LYS A NZ    1 
ATOM   1370 O OXT   . LYS B 2 126 ? -22.189 -19.611 6.919   1.00 94.72  ? 126 LYS A OXT   1 
HETATM 1371 O O     . HOH C 3 .   ? 15.379  39.506  -18.208 0.50 109.35 ? 302 HOH B O     1 
HETATM 1372 O O     . HOH C 3 .   ? -1.359  20.325  -39.361 0.50 69.39  ? 305 HOH B O     1 
HETATM 1373 O O     . HOH C 3 .   ? 15.479  26.818  3.551   1.00 47.81  ? 306 HOH B O     1 
HETATM 1374 O O     . HOH C 3 .   ? 13.285  40.731  -24.869 1.00 62.81  ? 319 HOH B O     1 
HETATM 1375 O O     . HOH C 3 .   ? 16.514  43.348  -22.287 1.00 74.35  ? 320 HOH B O     1 
HETATM 1376 O O     . HOH C 3 .   ? 2.828   37.621  -19.203 1.00 58.73  ? 321 HOH B O     1 
HETATM 1377 O O     . HOH C 3 .   ? 12.679  25.295  -32.955 1.00 67.52  ? 322 HOH B O     1 
HETATM 1378 O O     . HOH C 3 .   ? -2.019  29.839  -11.227 1.00 67.03  ? 323 HOH B O     1 
HETATM 1379 O O     . HOH C 3 .   ? 25.322  23.985  2.465   1.00 52.88  ? 350 HOH B O     1 
HETATM 1380 O O     . HOH C 3 .   ? 28.084  14.447  -8.784  1.00 58.01  ? 367 HOH B O     1 
HETATM 1381 O O     . HOH C 3 .   ? 29.946  17.894  -12.422 1.00 58.22  ? 370 HOH B O     1 
HETATM 1382 O O     . HOH C 3 .   ? 32.680  13.939  -15.015 1.00 66.01  ? 371 HOH B O     1 
HETATM 1383 O O     . HOH C 3 .   ? 32.420  10.106  -13.153 1.00 77.11  ? 372 HOH B O     1 
HETATM 1384 O O     . HOH C 3 .   ? -0.932  15.321  -4.638  1.00 63.06  ? 377 HOH B O     1 
HETATM 1385 O O     . HOH C 3 .   ? -6.108  30.829  -3.784  1.00 75.19  ? 387 HOH B O     1 
HETATM 1386 O O     . HOH C 3 .   ? -4.032  17.064  -32.444 1.00 62.02  ? 409 HOH B O     1 
HETATM 1387 O O     . HOH C 3 .   ? 33.142  19.144  -13.098 1.00 55.47  ? 417 HOH B O     1 
HETATM 1388 O O     . HOH C 3 .   ? 23.311  16.748  0.026   1.00 53.93  ? 418 HOH B O     1 
HETATM 1389 O O     . HOH C 3 .   ? 26.157  28.481  -11.163 1.00 64.66  ? 421 HOH B O     1 
HETATM 1390 O O     . HOH C 3 .   ? 35.146  23.332  -11.931 1.00 71.41  ? 422 HOH B O     1 
HETATM 1391 O O     . HOH C 3 .   ? 9.313   31.972  -18.046 1.00 73.08  ? 431 HOH B O     1 
HETATM 1392 O O     . HOH C 3 .   ? 21.256  11.422  -8.273  1.00 77.96  ? 436 HOH B O     1 
HETATM 1393 O O     . HOH C 3 .   ? -3.593  29.787  -0.732  1.00 62.26  ? 439 HOH B O     1 
HETATM 1394 O O     . HOH C 3 .   ? -2.544  32.618  -2.682  1.00 60.46  ? 449 HOH B O     1 
HETATM 1395 O O     . HOH C 3 .   ? 12.168  11.646  -11.740 1.00 56.53  ? 450 HOH B O     1 
HETATM 1396 O O     . HOH C 3 .   ? 22.601  21.451  -6.935  1.00 59.95  ? 452 HOH B O     1 
HETATM 1397 O O     . HOH C 3 .   ? 29.387  21.632  -10.049 1.00 63.98  ? 461 HOH B O     1 
HETATM 1398 O O     . HOH C 3 .   ? 13.608  41.939  -18.470 1.00 56.71  ? 466 HOH B O     1 
HETATM 1399 O O     . HOH C 3 .   ? 1.125   8.721   -8.358  1.00 74.10  ? 474 HOH B O     1 
HETATM 1400 O O     . HOH D 3 .   ? -2.310  1.059   -10.501 0.50 46.96  ? 301 HOH A O     1 
HETATM 1401 O O     . HOH D 3 .   ? -8.618  -0.899  7.919   0.50 42.59  ? 303 HOH A O     1 
HETATM 1402 O O     . HOH D 3 .   ? -0.412  -4.167  10.316  0.50 66.86  ? 304 HOH A O     1 
HETATM 1403 O O     . HOH D 3 .   ? 25.998  -5.220  17.238  1.00 51.42  ? 307 HOH A O     1 
HETATM 1404 O O     . HOH D 3 .   ? 22.243  -10.060 15.734  1.00 49.67  ? 308 HOH A O     1 
HETATM 1405 O O     . HOH D 3 .   ? 21.414  -10.533 9.475   1.00 56.16  ? 309 HOH A O     1 
HETATM 1406 O O     . HOH D 3 .   ? 6.111   -16.920 -16.210 1.00 50.67  ? 310 HOH A O     1 
HETATM 1407 O O     . HOH D 3 .   ? 26.347  -37.234 -22.772 1.00 56.01  ? 311 HOH A O     1 
HETATM 1408 O O     . HOH D 3 .   ? 8.304   -26.911 -6.673  1.00 76.65  ? 312 HOH A O     1 
HETATM 1409 O O     . HOH D 3 .   ? 10.523  -22.234 -5.912  1.00 51.21  ? 313 HOH A O     1 
HETATM 1410 O O     . HOH D 3 .   ? 6.234   -21.836 -5.381  1.00 60.34  ? 314 HOH A O     1 
HETATM 1411 O O     . HOH D 3 .   ? 15.025  1.500   30.447  1.00 61.97  ? 315 HOH A O     1 
HETATM 1412 O O     . HOH D 3 .   ? 15.147  5.235   21.768  1.00 63.30  ? 316 HOH A O     1 
HETATM 1413 O O     . HOH D 3 .   ? 8.482   12.984  24.577  1.00 69.20  ? 317 HOH A O     1 
HETATM 1414 O O     . HOH D 3 .   ? 16.130  4.377   30.224  1.00 71.21  ? 318 HOH A O     1 
HETATM 1415 O O     . HOH D 3 .   ? -11.245 26.086  4.624   1.00 74.98  ? 324 HOH A O     1 
HETATM 1416 O O     . HOH D 3 .   ? -17.778 28.852  -7.106  1.00 53.51  ? 325 HOH A O     1 
HETATM 1417 O O     . HOH D 3 .   ? -17.211 -28.183 -2.771  1.00 61.56  ? 326 HOH A O     1 
HETATM 1418 O O     . HOH D 3 .   ? -26.104 -26.501 9.388   1.00 72.56  ? 327 HOH A O     1 
HETATM 1419 O O     . HOH D 3 .   ? -15.377 11.076  0.607   1.00 52.43  ? 328 HOH A O     1 
HETATM 1420 O O     . HOH D 3 .   ? -19.428 17.619  -4.938  1.00 66.72  ? 329 HOH A O     1 
HETATM 1421 O O     . HOH D 3 .   ? -17.421 21.211  -6.476  1.00 80.86  ? 330 HOH A O     1 
HETATM 1422 O O     . HOH D 3 .   ? -9.664  20.692  -0.105  1.00 77.79  ? 331 HOH A O     1 
HETATM 1423 O O     . HOH D 3 .   ? -23.684 21.779  1.778   1.00 61.44  ? 332 HOH A O     1 
HETATM 1424 O O     . HOH D 3 .   ? -25.260 15.476  -3.571  1.00 74.07  ? 333 HOH A O     1 
HETATM 1425 O O     . HOH D 3 .   ? -28.797 8.758   -2.739  1.00 62.27  ? 334 HOH A O     1 
HETATM 1426 O O     . HOH D 3 .   ? -14.476 8.778   -10.938 1.00 65.92  ? 335 HOH A O     1 
HETATM 1427 O O     . HOH D 3 .   ? -13.823 1.983   -3.382  1.00 57.12  ? 336 HOH A O     1 
HETATM 1428 O O     . HOH D 3 .   ? -14.749 6.849   6.208   1.00 47.02  ? 337 HOH A O     1 
HETATM 1429 O O     . HOH D 3 .   ? 21.790  -0.612  3.042   1.00 54.67  ? 338 HOH A O     1 
HETATM 1430 O O     . HOH D 3 .   ? 18.555  -0.185  -6.972  1.00 56.80  ? 339 HOH A O     1 
HETATM 1431 O O     . HOH D 3 .   ? 19.935  -3.165  -1.973  1.00 60.75  ? 340 HOH A O     1 
HETATM 1432 O O     . HOH D 3 .   ? 21.172  8.862   1.776   1.00 58.41  ? 341 HOH A O     1 
HETATM 1433 O O     . HOH D 3 .   ? 22.535  3.184   1.670   1.00 70.44  ? 342 HOH A O     1 
HETATM 1434 O O     . HOH D 3 .   ? 6.745   -3.032  7.418   1.00 70.01  ? 343 HOH A O     1 
HETATM 1435 O O     . HOH D 3 .   ? 14.891  -4.602  11.769  1.00 62.04  ? 344 HOH A O     1 
HETATM 1436 O O     . HOH D 3 .   ? 22.554  -17.123 11.338  1.00 57.77  ? 345 HOH A O     1 
HETATM 1437 O O     . HOH D 3 .   ? 26.745  -11.581 6.723   1.00 69.42  ? 346 HOH A O     1 
HETATM 1438 O O     . HOH D 3 .   ? 28.172  -16.929 7.097   1.00 94.20  ? 347 HOH A O     1 
HETATM 1439 O O     . HOH D 3 .   ? 18.752  -11.866 0.926   1.00 70.67  ? 348 HOH A O     1 
HETATM 1440 O O     . HOH D 3 .   ? 12.935  -5.732  2.185   1.00 55.24  ? 349 HOH A O     1 
HETATM 1441 O O     . HOH D 3 .   ? -11.984 4.121   -16.450 1.00 67.64  ? 351 HOH A O     1 
HETATM 1442 O O     . HOH D 3 .   ? 5.864   -1.582  -0.448  1.00 51.59  ? 352 HOH A O     1 
HETATM 1443 O O     . HOH D 3 .   ? 0.667   -3.333  5.521   1.00 35.17  ? 353 HOH A O     1 
HETATM 1444 O O     . HOH D 3 .   ? -12.552 4.027   -7.283  1.00 63.19  ? 354 HOH A O     1 
HETATM 1445 O O     . HOH D 3 .   ? 13.962  -26.219 -12.199 1.00 46.39  ? 355 HOH A O     1 
HETATM 1446 O O     . HOH D 3 .   ? 18.587  -31.800 -18.055 1.00 48.59  ? 356 HOH A O     1 
HETATM 1447 O O     . HOH D 3 .   ? 17.975  -29.073 -16.875 1.00 54.50  ? 357 HOH A O     1 
HETATM 1448 O O     . HOH D 3 .   ? 19.856  -32.552 -14.721 1.00 66.36  ? 358 HOH A O     1 
HETATM 1449 O O     . HOH D 3 .   ? 24.486  -33.795 -22.193 1.00 56.74  ? 359 HOH A O     1 
HETATM 1450 O O     . HOH D 3 .   ? 23.048  -35.335 -15.029 1.00 71.71  ? 360 HOH A O     1 
HETATM 1451 O O     . HOH D 3 .   ? 23.156  -27.076 -12.076 1.00 51.38  ? 361 HOH A O     1 
HETATM 1452 O O     . HOH D 3 .   ? 22.550  -9.801  -10.520 1.00 66.28  ? 362 HOH A O     1 
HETATM 1453 O O     . HOH D 3 .   ? 18.691  -19.700 -5.436  1.00 85.17  ? 363 HOH A O     1 
HETATM 1454 O O     . HOH D 3 .   ? 30.000  -6.078  -6.740  1.00 75.42  ? 364 HOH A O     1 
HETATM 1455 O O     . HOH D 3 .   ? 35.833  12.054  -14.902 1.00 67.67  ? 365 HOH A O     1 
HETATM 1456 O O     . HOH D 3 .   ? 30.468  0.142   -13.897 1.00 64.25  ? 366 HOH A O     1 
HETATM 1457 O O     . HOH D 3 .   ? 37.437  7.528   -7.472  1.00 70.01  ? 368 HOH A O     1 
HETATM 1458 O O     . HOH D 3 .   ? 31.900  13.076  -10.490 1.00 59.15  ? 369 HOH A O     1 
HETATM 1459 O O     . HOH D 3 .   ? -1.630  5.659   -6.305  1.00 39.02  ? 373 HOH A O     1 
HETATM 1460 O O     . HOH D 3 .   ? 10.905  14.811  7.690   1.00 49.91  ? 374 HOH A O     1 
HETATM 1461 O O     . HOH D 3 .   ? 8.269   18.849  -0.927  1.00 45.47  ? 375 HOH A O     1 
HETATM 1462 O O     . HOH D 3 .   ? -14.986 -2.558  -9.121  1.00 34.50  ? 376 HOH A O     1 
HETATM 1463 O O     . HOH D 3 .   ? -12.164 14.938  7.617   1.00 46.85  ? 378 HOH A O     1 
HETATM 1464 O O     . HOH D 3 .   ? -0.364  19.433  0.097   1.00 62.30  ? 379 HOH A O     1 
HETATM 1465 O O     . HOH D 3 .   ? -0.184  19.716  7.988   1.00 36.03  ? 380 HOH A O     1 
HETATM 1466 O O     . HOH D 3 .   ? -19.937 20.067  6.725   1.00 64.48  ? 381 HOH A O     1 
HETATM 1467 O O     . HOH D 3 .   ? -16.477 16.100  -8.694  1.00 81.30  ? 382 HOH A O     1 
HETATM 1468 O O     . HOH D 3 .   ? -18.967 25.489  -2.664  1.00 85.98  ? 383 HOH A O     1 
HETATM 1469 O O     . HOH D 3 .   ? -22.402 23.874  -6.179  1.00 76.79  ? 384 HOH A O     1 
HETATM 1470 O O     . HOH D 3 .   ? -22.184 27.197  -0.191  1.00 85.26  ? 385 HOH A O     1 
HETATM 1471 O O     . HOH D 3 .   ? -25.316 24.330  -2.351  1.00 64.59  ? 386 HOH A O     1 
HETATM 1472 O O     . HOH D 3 .   ? -4.839  6.714   -4.979  1.00 61.44  ? 388 HOH A O     1 
HETATM 1473 O O     . HOH D 3 .   ? 5.277   12.844  -4.725  1.00 46.89  ? 389 HOH A O     1 
HETATM 1474 O O     . HOH D 3 .   ? -7.749  9.046   -15.639 1.00 52.65  ? 390 HOH A O     1 
HETATM 1475 O O     . HOH D 3 .   ? 10.481  4.970   -2.914  1.00 49.21  ? 391 HOH A O     1 
HETATM 1476 O O     . HOH D 3 .   ? -5.217  -0.298  16.012  1.00 37.69  ? 392 HOH A O     1 
HETATM 1477 O O     . HOH D 3 .   ? 0.829   -4.675  2.384   1.00 65.15  ? 393 HOH A O     1 
HETATM 1478 O O     . HOH D 3 .   ? 0.117   -2.469  18.487  1.00 39.86  ? 394 HOH A O     1 
HETATM 1479 O O     . HOH D 3 .   ? -2.534  -0.480  17.680  1.00 59.00  ? 395 HOH A O     1 
HETATM 1480 O O     . HOH D 3 .   ? -4.063  -1.062  9.036   1.00 25.27  ? 396 HOH A O     1 
HETATM 1481 O O     . HOH D 3 .   ? -5.489  1.602   8.618   1.00 19.05  ? 397 HOH A O     1 
HETATM 1482 O O     . HOH D 3 .   ? -2.230  1.814   11.169  1.00 69.17  ? 398 HOH A O     1 
HETATM 1483 O O     . HOH D 3 .   ? 17.401  -7.111  9.527   1.00 63.68  ? 399 HOH A O     1 
HETATM 1484 O O     . HOH D 3 .   ? 15.051  -8.619  15.819  1.00 59.88  ? 400 HOH A O     1 
HETATM 1485 O O     . HOH D 3 .   ? 12.473  6.016   26.616  1.00 58.13  ? 401 HOH A O     1 
HETATM 1486 O O     . HOH D 3 .   ? 6.696   6.173   20.137  1.00 61.00  ? 402 HOH A O     1 
HETATM 1487 O O     . HOH D 3 .   ? 26.033  2.673   3.899   1.00 72.07  ? 403 HOH A O     1 
HETATM 1488 O O     . HOH D 3 .   ? 21.512  5.936   -2.478  1.00 53.47  ? 404 HOH A O     1 
HETATM 1489 O O     . HOH D 3 .   ? 26.983  3.021   -9.629  1.00 69.82  ? 405 HOH A O     1 
HETATM 1490 O O     . HOH D 3 .   ? 27.805  6.010   -5.087  1.00 52.66  ? 406 HOH A O     1 
HETATM 1491 O O     . HOH D 3 .   ? 8.836   -5.553  -0.194  1.00 41.94  ? 407 HOH A O     1 
HETATM 1492 O O     . HOH D 3 .   ? 30.370  -4.042  2.431   1.00 58.41  ? 408 HOH A O     1 
HETATM 1493 O O     . HOH D 3 .   ? -12.486 4.436   -11.715 1.00 59.82  ? 410 HOH A O     1 
HETATM 1494 O O     . HOH D 3 .   ? -18.067 -6.127  -14.549 1.00 47.88  ? 411 HOH A O     1 
HETATM 1495 O O     . HOH D 3 .   ? -15.280 -6.521  -9.007  1.00 44.65  ? 412 HOH A O     1 
HETATM 1496 O O     . HOH D 3 .   ? 17.269  -8.813  -4.726  1.00 74.49  ? 413 HOH A O     1 
HETATM 1497 O O     . HOH D 3 .   ? 11.882  -15.447 -19.317 1.00 72.75  ? 414 HOH A O     1 
HETATM 1498 O O     . HOH D 3 .   ? 13.134  -29.446 -8.495  1.00 78.38  ? 415 HOH A O     1 
HETATM 1499 O O     . HOH D 3 .   ? -22.302 -20.192 1.106   1.00 51.64  ? 416 HOH A O     1 
HETATM 1500 O O     . HOH D 3 .   ? 21.324  -2.670  -7.151  1.00 69.47  ? 419 HOH A O     1 
HETATM 1501 O O     . HOH D 3 .   ? 27.166  -19.852 9.751   1.00 53.77  ? 420 HOH A O     1 
HETATM 1502 O O     . HOH D 3 .   ? -8.446  5.653   -7.269  1.00 63.94  ? 423 HOH A O     1 
HETATM 1503 O O     . HOH D 3 .   ? -11.480 4.575   -13.591 1.00 64.46  ? 424 HOH A O     1 
HETATM 1504 O O     . HOH D 3 .   ? -10.043 6.512   2.158   1.00 56.79  ? 425 HOH A O     1 
HETATM 1505 O O     . HOH D 3 .   ? -13.241 5.808   4.467   1.00 51.13  ? 426 HOH A O     1 
HETATM 1506 O O     . HOH D 3 .   ? -7.403  12.683  4.778   1.00 28.92  ? 427 HOH A O     1 
HETATM 1507 O O     . HOH D 3 .   ? -13.854 25.517  0.531   1.00 77.15  ? 428 HOH A O     1 
HETATM 1508 O O     . HOH D 3 .   ? 18.235  -9.307  -10.195 1.00 70.71  ? 429 HOH A O     1 
HETATM 1509 O O     . HOH D 3 .   ? 17.031  -13.387 -10.398 1.00 66.83  ? 430 HOH A O     1 
HETATM 1510 O O     . HOH D 3 .   ? 6.362   -3.701  18.962  1.00 68.10  ? 432 HOH A O     1 
HETATM 1511 O O     . HOH D 3 .   ? 9.689   2.962   18.757  1.00 68.17  ? 433 HOH A O     1 
HETATM 1512 O O     . HOH D 3 .   ? 15.098  6.723   15.174  1.00 72.58  ? 434 HOH A O     1 
HETATM 1513 O O     . HOH D 3 .   ? 31.277  -10.090 12.912  1.00 67.55  ? 435 HOH A O     1 
HETATM 1514 O O     . HOH D 3 .   ? 3.894   18.560  14.690  1.00 50.07  ? 437 HOH A O     1 
HETATM 1515 O O     . HOH D 3 .   ? 6.153   20.868  7.932   1.00 45.06  ? 438 HOH A O     1 
HETATM 1516 O O     . HOH D 3 .   ? -20.837 -15.302 3.340   1.00 73.11  ? 440 HOH A O     1 
HETATM 1517 O O     . HOH D 3 .   ? -19.307 -23.282 5.730   1.00 67.70  ? 441 HOH A O     1 
HETATM 1518 O O     . HOH D 3 .   ? -22.845 -22.997 3.620   1.00 46.83  ? 442 HOH A O     1 
HETATM 1519 O O     . HOH D 3 .   ? 7.163   -25.029 -10.001 1.00 71.27  ? 443 HOH A O     1 
HETATM 1520 O O     . HOH D 3 .   ? 4.269   -18.418 -9.940  1.00 51.62  ? 444 HOH A O     1 
HETATM 1521 O O     . HOH D 3 .   ? 12.807  -22.168 -15.586 1.00 56.57  ? 445 HOH A O     1 
HETATM 1522 O O     . HOH D 3 .   ? 21.037  -24.328 -8.551  1.00 88.61  ? 446 HOH A O     1 
HETATM 1523 O O     . HOH D 3 .   ? 17.696  -26.959 -4.208  1.00 79.09  ? 447 HOH A O     1 
HETATM 1524 O O     . HOH D 3 .   ? -23.508 -23.938 0.353   1.00 67.09  ? 448 HOH A O     1 
HETATM 1525 O O     . HOH D 3 .   ? -8.089  -27.179 1.924   1.00 62.61  ? 451 HOH A O     1 
HETATM 1526 O O     . HOH D 3 .   ? -9.621  7.100   5.865   1.00 43.67  ? 453 HOH A O     1 
HETATM 1527 O O     . HOH D 3 .   ? 3.849   -2.791  15.520  1.00 52.84  ? 454 HOH A O     1 
HETATM 1528 O O     . HOH D 3 .   ? 12.335  -0.321  20.127  1.00 62.09  ? 455 HOH A O     1 
HETATM 1529 O O     . HOH D 3 .   ? 18.298  -7.617  13.990  1.00 67.86  ? 456 HOH A O     1 
HETATM 1530 O O     . HOH D 3 .   ? 21.645  -17.420 -0.068  1.00 72.39  ? 457 HOH A O     1 
HETATM 1531 O O     . HOH D 3 .   ? 19.067  -7.582  -0.882  1.00 58.94  ? 458 HOH A O     1 
HETATM 1532 O O     . HOH D 3 .   ? 21.306  1.418   -8.212  1.00 86.31  ? 459 HOH A O     1 
HETATM 1533 O O     . HOH D 3 .   ? 29.267  2.427   -8.347  1.00 69.35  ? 460 HOH A O     1 
HETATM 1534 O O     . HOH D 3 .   ? 35.226  5.322   -11.882 1.00 54.50  ? 462 HOH A O     1 
HETATM 1535 O O     . HOH D 3 .   ? -4.669  0.192   12.242  1.00 24.10  ? 463 HOH A O     1 
HETATM 1536 O O     . HOH D 3 .   ? 19.254  -8.490  10.540  1.00 54.72  ? 464 HOH A O     1 
HETATM 1537 O O     . HOH D 3 .   ? 19.386  -19.948 -1.954  1.00 70.13  ? 465 HOH A O     1 
HETATM 1538 O O     . HOH D 3 .   ? 18.190  13.489  23.026  1.00 78.15  ? 467 HOH A O     1 
HETATM 1539 O O     . HOH D 3 .   ? -5.094  -31.008 -6.915  1.00 46.98  ? 468 HOH A O     1 
HETATM 1540 O O     . HOH D 3 .   ? -27.564 -21.820 0.020   1.00 64.44  ? 469 HOH A O     1 
HETATM 1541 O O     . HOH D 3 .   ? -26.072 27.357  0.601   1.00 71.10  ? 470 HOH A O     1 
HETATM 1542 O O     . HOH D 3 .   ? -21.509 28.014  -5.514  1.00 62.59  ? 471 HOH A O     1 
HETATM 1543 O O     . HOH D 3 .   ? -17.655 23.704  0.302   1.00 57.79  ? 472 HOH A O     1 
HETATM 1544 O O     . HOH D 3 .   ? 17.509  -28.671 -13.977 1.00 64.10  ? 473 HOH A O     1 
HETATM 1545 O O     . HOH D 3 .   ? 22.152  -19.405 -8.084  1.00 63.31  ? 475 HOH A O     1 
HETATM 1546 O O     . HOH D 3 .   ? 23.001  5.011   29.758  1.00 79.83  ? 476 HOH A O     1 
HETATM 1547 O O     . HOH D 3 .   ? 22.302  -1.779  18.382  1.00 73.85  ? 477 HOH A O     1 
HETATM 1548 O O     . HOH D 3 .   ? -19.908 18.372  2.191   1.00 64.86  ? 478 HOH A O     1 
HETATM 1549 O O     . HOH D 3 .   ? -12.540 11.052  -2.714  1.00 71.41  ? 479 HOH A O     1 
HETATM 1550 O O     . HOH D 3 .   ? 6.792   -2.825  3.195   1.00 55.31  ? 480 HOH A O     1 
HETATM 1551 O O     . HOH D 3 .   ? 2.941   -4.410  0.382   1.00 64.65  ? 481 HOH A O     1 
# 
loop_
_pdbx_poly_seq_scheme.asym_id 
_pdbx_poly_seq_scheme.entity_id 
_pdbx_poly_seq_scheme.seq_id 
_pdbx_poly_seq_scheme.mon_id 
_pdbx_poly_seq_scheme.ndb_seq_num 
_pdbx_poly_seq_scheme.pdb_seq_num 
_pdbx_poly_seq_scheme.auth_seq_num 
_pdbx_poly_seq_scheme.pdb_mon_id 
_pdbx_poly_seq_scheme.auth_mon_id 
_pdbx_poly_seq_scheme.pdb_strand_id 
_pdbx_poly_seq_scheme.pdb_ins_code 
_pdbx_poly_seq_scheme.hetero 
A 1 1   DT  1   201 201 DT  THY B . n 
A 1 2   DA  2   202 202 DA  ADE B . n 
A 1 3   DC  3   203 203 DC  CYT B . n 
A 1 4   DT  4   204 204 DT  THY B . n 
A 1 5   DA  5   205 205 DA  ADE B . n 
A 1 6   DC  6   206 206 DC  CYT B . n 
A 1 7   DA  7   207 207 DA  ADE B . n 
A 1 8   DT  8   208 208 DT  THY B . n 
A 1 9   DA  9   209 209 DA  ADE B . n 
A 1 10  DT  10  210 210 DT  THY B . n 
A 1 11  DG  11  211 211 DG  GUA B . n 
A 1 12  DT  12  212 212 DT  THY B . n 
A 1 13  DA  13  213 213 DA  ADE B . n 
A 1 14  DG  14  214 214 DG  GUA B . n 
A 1 15  DT  15  215 215 DT  THY B . n 
A 1 16  DA  16  216 216 DA  ADE B . n 
B 2 1   MET 1   1   ?   ?   ?   A . n 
B 2 2   THR 2   2   2   THR THR A . n 
B 2 3   ASN 3   3   3   ASN ASN A . n 
B 2 4   LYS 4   4   4   LYS LYS A . n 
B 2 5   GLN 5   5   5   GLN GLN A . n 
B 2 6   VAL 6   6   6   VAL VAL A . n 
B 2 7   GLU 7   7   7   GLU GLU A . n 
B 2 8   ILE 8   8   8   ILE ILE A . n 
B 2 9   SER 9   9   9   SER SER A . n 
B 2 10  MET 10  10  10  MET MET A . n 
B 2 11  ALA 11  11  11  ALA ALA A . n 
B 2 12  GLU 12  12  12  GLU GLU A . n 
B 2 13  TRP 13  13  13  TRP TRP A . n 
B 2 14  ASP 14  14  14  ASP ASP A . n 
B 2 15  VAL 15  15  15  VAL VAL A . n 
B 2 16  MET 16  16  16  MET MET A . n 
B 2 17  ASN 17  17  17  ASN ASN A . n 
B 2 18  ILE 18  18  18  ILE ILE A . n 
B 2 19  ILE 19  19  19  ILE ILE A . n 
B 2 20  TRP 20  20  20  TRP TRP A . n 
B 2 21  ASP 21  21  21  ASP ASP A . n 
B 2 22  LYS 22  22  22  LYS LYS A . n 
B 2 23  LYS 23  23  23  LYS LYS A . n 
B 2 24  SER 24  24  24  SER SER A . n 
B 2 25  VAL 25  25  25  VAL VAL A . n 
B 2 26  SER 26  26  26  SER SER A . n 
B 2 27  ALA 27  27  27  ALA ALA A . n 
B 2 28  ASN 28  28  28  ASN ASN A . n 
B 2 29  GLU 29  29  29  GLU GLU A . n 
B 2 30  ILE 30  30  30  ILE ILE A . n 
B 2 31  VAL 31  31  31  VAL VAL A . n 
B 2 32  VAL 32  32  32  VAL VAL A . n 
B 2 33  GLU 33  33  33  GLU GLU A . n 
B 2 34  ILE 34  34  34  ILE ILE A . n 
B 2 35  GLN 35  35  35  GLN GLN A . n 
B 2 36  LYS 36  36  36  LYS LYS A . n 
B 2 37  TYR 37  37  37  TYR TYR A . n 
B 2 38  LYS 38  38  38  LYS LYS A . n 
B 2 39  GLU 39  39  39  GLU GLU A . n 
B 2 40  VAL 40  40  40  VAL VAL A . n 
B 2 41  SER 41  41  41  SER SER A . n 
B 2 42  ASP 42  42  42  ASP ASP A . n 
B 2 43  LYS 43  43  43  LYS LYS A . n 
B 2 44  THR 44  44  44  THR THR A . n 
B 2 45  ILE 45  45  45  ILE ILE A . n 
B 2 46  ARG 46  46  46  ARG ARG A . n 
B 2 47  THR 47  47  47  THR THR A . n 
B 2 48  LEU 48  48  48  LEU LEU A . n 
B 2 49  ILE 49  49  49  ILE ILE A . n 
B 2 50  THR 50  50  50  THR THR A . n 
B 2 51  ARG 51  51  51  ARG ARG A . n 
B 2 52  LEU 52  52  52  LEU LEU A . n 
B 2 53  TYR 53  53  53  TYR TYR A . n 
B 2 54  LYS 54  54  54  LYS LYS A . n 
B 2 55  LYS 55  55  55  LYS LYS A . n 
B 2 56  GLU 56  56  56  GLU GLU A . n 
B 2 57  ILE 57  57  57  ILE ILE A . n 
B 2 58  ILE 58  58  58  ILE ILE A . n 
B 2 59  LYS 59  59  59  LYS LYS A . n 
B 2 60  ARG 60  60  60  ARG ARG A . n 
B 2 61  TYR 61  61  61  TYR TYR A . n 
B 2 62  LYS 62  62  62  LYS LYS A . n 
B 2 63  SER 63  63  63  SER SER A . n 
B 2 64  GLU 64  64  64  GLU GLU A . n 
B 2 65  ASN 65  65  65  ASN ASN A . n 
B 2 66  ILE 66  66  66  ILE ILE A . n 
B 2 67  TYR 67  67  67  TYR TYR A . n 
B 2 68  PHE 68  68  68  PHE PHE A . n 
B 2 69  TYR 69  69  69  TYR TYR A . n 
B 2 70  SER 70  70  70  SER SER A . n 
B 2 71  SER 71  71  71  SER SER A . n 
B 2 72  ASN 72  72  72  ASN ASN A . n 
B 2 73  ILE 73  73  73  ILE ILE A . n 
B 2 74  LYS 74  74  74  LYS LYS A . n 
B 2 75  GLU 75  75  75  GLU GLU A . n 
B 2 76  ASP 76  76  76  ASP ASP A . n 
B 2 77  ASP 77  77  77  ASP ASP A . n 
B 2 78  ILE 78  78  78  ILE ILE A . n 
B 2 79  LYS 79  79  79  LYS LYS A . n 
B 2 80  MET 80  80  80  MET MET A . n 
B 2 81  LYS 81  81  81  LYS LYS A . n 
B 2 82  THR 82  82  82  THR THR A . n 
B 2 83  ALA 83  83  83  ALA ALA A . n 
B 2 84  LYS 84  84  84  LYS LYS A . n 
B 2 85  THR 85  85  85  THR THR A . n 
B 2 86  PHE 86  86  86  PHE PHE A . n 
B 2 87  LEU 87  87  87  LEU LEU A . n 
B 2 88  ASN 88  88  88  ASN ASN A . n 
B 2 89  LYS 89  89  89  LYS LYS A . n 
B 2 90  LEU 90  90  90  LEU LEU A . n 
B 2 91  TYR 91  91  91  TYR TYR A . n 
B 2 92  GLY 92  92  92  GLY GLY A . n 
B 2 93  GLY 93  93  93  GLY GLY A . n 
B 2 94  ASP 94  94  94  ASP ASP A . n 
B 2 95  MET 95  95  95  MET MET A . n 
B 2 96  LYS 96  96  96  LYS LYS A . n 
B 2 97  SER 97  97  97  SER SER A . n 
B 2 98  LEU 98  98  98  LEU LEU A . n 
B 2 99  VAL 99  99  99  VAL VAL A . n 
B 2 100 LEU 100 100 100 LEU LEU A . n 
B 2 101 ASN 101 101 101 ASN ASN A . n 
B 2 102 PHE 102 102 102 PHE PHE A . n 
B 2 103 ALA 103 103 103 ALA ALA A . n 
B 2 104 LYS 104 104 104 LYS LYS A . n 
B 2 105 ASN 105 105 105 ASN ASN A . n 
B 2 106 GLU 106 106 106 GLU GLU A . n 
B 2 107 GLU 107 107 107 GLU GLU A . n 
B 2 108 LEU 108 108 108 LEU LEU A . n 
B 2 109 ASN 109 109 109 ASN ASN A . n 
B 2 110 ASN 110 110 110 ASN ASN A . n 
B 2 111 LYS 111 111 111 LYS LYS A . n 
B 2 112 GLU 112 112 112 GLU GLU A . n 
B 2 113 ILE 113 113 113 ILE ILE A . n 
B 2 114 GLU 114 114 114 GLU GLU A . n 
B 2 115 GLU 115 115 115 GLU GLU A . n 
B 2 116 LEU 116 116 116 LEU LEU A . n 
B 2 117 ARG 117 117 117 ARG ARG A . n 
B 2 118 ASP 118 118 118 ASP ASP A . n 
B 2 119 ILE 119 119 119 ILE ILE A . n 
B 2 120 LEU 120 120 120 LEU LEU A . n 
B 2 121 ASN 121 121 121 ASN ASN A . n 
B 2 122 ASP 122 122 122 ASP ASP A . n 
B 2 123 ILE 123 123 123 ILE ILE A . n 
B 2 124 SER 124 124 124 SER SER A . n 
B 2 125 LYS 125 125 125 LYS LYS A . n 
B 2 126 LYS 126 126 126 LYS LYS A . n 
# 
loop_
_pdbx_nonpoly_scheme.asym_id 
_pdbx_nonpoly_scheme.entity_id 
_pdbx_nonpoly_scheme.mon_id 
_pdbx_nonpoly_scheme.ndb_seq_num 
_pdbx_nonpoly_scheme.pdb_seq_num 
_pdbx_nonpoly_scheme.auth_seq_num 
_pdbx_nonpoly_scheme.pdb_mon_id 
_pdbx_nonpoly_scheme.auth_mon_id 
_pdbx_nonpoly_scheme.pdb_strand_id 
_pdbx_nonpoly_scheme.pdb_ins_code 
C 3 HOH 1   302 302 HOH TIP B . 
C 3 HOH 2   305 305 HOH TIP B . 
C 3 HOH 3   306 306 HOH TIP B . 
C 3 HOH 4   319 319 HOH TIP B . 
C 3 HOH 5   320 320 HOH TIP B . 
C 3 HOH 6   321 321 HOH TIP B . 
C 3 HOH 7   322 322 HOH TIP B . 
C 3 HOH 8   323 323 HOH TIP B . 
C 3 HOH 9   350 350 HOH TIP B . 
C 3 HOH 10  367 367 HOH TIP B . 
C 3 HOH 11  370 370 HOH TIP B . 
C 3 HOH 12  371 371 HOH TIP B . 
C 3 HOH 13  372 372 HOH TIP B . 
C 3 HOH 14  377 377 HOH TIP B . 
C 3 HOH 15  387 387 HOH TIP B . 
C 3 HOH 16  409 409 HOH TIP B . 
C 3 HOH 17  417 417 HOH TIP B . 
C 3 HOH 18  418 418 HOH TIP B . 
C 3 HOH 19  421 421 HOH TIP B . 
C 3 HOH 20  422 422 HOH TIP B . 
C 3 HOH 21  431 431 HOH TIP B . 
C 3 HOH 22  436 436 HOH TIP B . 
C 3 HOH 23  439 439 HOH TIP B . 
C 3 HOH 24  449 449 HOH TIP B . 
C 3 HOH 25  450 450 HOH TIP B . 
C 3 HOH 26  452 452 HOH TIP B . 
C 3 HOH 27  461 461 HOH TIP B . 
C 3 HOH 28  466 466 HOH TIP B . 
C 3 HOH 29  474 474 HOH TIP B . 
D 3 HOH 1   301 301 HOH TIP A . 
D 3 HOH 2   303 303 HOH TIP A . 
D 3 HOH 3   304 304 HOH TIP A . 
D 3 HOH 4   307 307 HOH TIP A . 
D 3 HOH 5   308 308 HOH TIP A . 
D 3 HOH 6   309 309 HOH TIP A . 
D 3 HOH 7   310 310 HOH TIP A . 
D 3 HOH 8   311 311 HOH TIP A . 
D 3 HOH 9   312 312 HOH TIP A . 
D 3 HOH 10  313 313 HOH TIP A . 
D 3 HOH 11  314 314 HOH TIP A . 
D 3 HOH 12  315 315 HOH TIP A . 
D 3 HOH 13  316 316 HOH TIP A . 
D 3 HOH 14  317 317 HOH TIP A . 
D 3 HOH 15  318 318 HOH TIP A . 
D 3 HOH 16  324 324 HOH TIP A . 
D 3 HOH 17  325 325 HOH TIP A . 
D 3 HOH 18  326 326 HOH TIP A . 
D 3 HOH 19  327 327 HOH TIP A . 
D 3 HOH 20  328 328 HOH TIP A . 
D 3 HOH 21  329 329 HOH TIP A . 
D 3 HOH 22  330 330 HOH TIP A . 
D 3 HOH 23  331 331 HOH TIP A . 
D 3 HOH 24  332 332 HOH TIP A . 
D 3 HOH 25  333 333 HOH TIP A . 
D 3 HOH 26  334 334 HOH TIP A . 
D 3 HOH 27  335 335 HOH TIP A . 
D 3 HOH 28  336 336 HOH TIP A . 
D 3 HOH 29  337 337 HOH TIP A . 
D 3 HOH 30  338 338 HOH TIP A . 
D 3 HOH 31  339 339 HOH TIP A . 
D 3 HOH 32  340 340 HOH TIP A . 
D 3 HOH 33  341 341 HOH TIP A . 
D 3 HOH 34  342 342 HOH TIP A . 
D 3 HOH 35  343 343 HOH TIP A . 
D 3 HOH 36  344 344 HOH TIP A . 
D 3 HOH 37  345 345 HOH TIP A . 
D 3 HOH 38  346 346 HOH TIP A . 
D 3 HOH 39  347 347 HOH TIP A . 
D 3 HOH 40  348 348 HOH TIP A . 
D 3 HOH 41  349 349 HOH TIP A . 
D 3 HOH 42  351 351 HOH TIP A . 
D 3 HOH 43  352 352 HOH TIP A . 
D 3 HOH 44  353 353 HOH TIP A . 
D 3 HOH 45  354 354 HOH TIP A . 
D 3 HOH 46  355 355 HOH TIP A . 
D 3 HOH 47  356 356 HOH TIP A . 
D 3 HOH 48  357 357 HOH TIP A . 
D 3 HOH 49  358 358 HOH TIP A . 
D 3 HOH 50  359 359 HOH TIP A . 
D 3 HOH 51  360 360 HOH TIP A . 
D 3 HOH 52  361 361 HOH TIP A . 
D 3 HOH 53  362 362 HOH TIP A . 
D 3 HOH 54  363 363 HOH TIP A . 
D 3 HOH 55  364 364 HOH TIP A . 
D 3 HOH 56  365 365 HOH TIP A . 
D 3 HOH 57  366 366 HOH TIP A . 
D 3 HOH 58  368 368 HOH TIP A . 
D 3 HOH 59  369 369 HOH TIP A . 
D 3 HOH 60  373 373 HOH TIP A . 
D 3 HOH 61  374 374 HOH TIP A . 
D 3 HOH 62  375 375 HOH TIP A . 
D 3 HOH 63  376 376 HOH TIP A . 
D 3 HOH 64  378 378 HOH TIP A . 
D 3 HOH 65  379 379 HOH TIP A . 
D 3 HOH 66  380 380 HOH TIP A . 
D 3 HOH 67  381 381 HOH TIP A . 
D 3 HOH 68  382 382 HOH TIP A . 
D 3 HOH 69  383 383 HOH TIP A . 
D 3 HOH 70  384 384 HOH TIP A . 
D 3 HOH 71  385 385 HOH TIP A . 
D 3 HOH 72  386 386 HOH TIP A . 
D 3 HOH 73  388 388 HOH TIP A . 
D 3 HOH 74  389 389 HOH TIP A . 
D 3 HOH 75  390 390 HOH TIP A . 
D 3 HOH 76  391 391 HOH TIP A . 
D 3 HOH 77  392 392 HOH TIP A . 
D 3 HOH 78  393 393 HOH TIP A . 
D 3 HOH 79  394 394 HOH TIP A . 
D 3 HOH 80  395 395 HOH TIP A . 
D 3 HOH 81  396 396 HOH TIP A . 
D 3 HOH 82  397 397 HOH TIP A . 
D 3 HOH 83  398 398 HOH TIP A . 
D 3 HOH 84  399 399 HOH TIP A . 
D 3 HOH 85  400 400 HOH TIP A . 
D 3 HOH 86  401 401 HOH TIP A . 
D 3 HOH 87  402 402 HOH TIP A . 
D 3 HOH 88  403 403 HOH TIP A . 
D 3 HOH 89  404 404 HOH TIP A . 
D 3 HOH 90  405 405 HOH TIP A . 
D 3 HOH 91  406 406 HOH TIP A . 
D 3 HOH 92  407 407 HOH TIP A . 
D 3 HOH 93  408 408 HOH TIP A . 
D 3 HOH 94  410 410 HOH TIP A . 
D 3 HOH 95  411 411 HOH TIP A . 
D 3 HOH 96  412 412 HOH TIP A . 
D 3 HOH 97  413 413 HOH TIP A . 
D 3 HOH 98  414 414 HOH TIP A . 
D 3 HOH 99  415 415 HOH TIP A . 
D 3 HOH 100 416 416 HOH TIP A . 
D 3 HOH 101 419 419 HOH TIP A . 
D 3 HOH 102 420 420 HOH TIP A . 
D 3 HOH 103 423 423 HOH TIP A . 
D 3 HOH 104 424 424 HOH TIP A . 
D 3 HOH 105 425 425 HOH TIP A . 
D 3 HOH 106 426 426 HOH TIP A . 
D 3 HOH 107 427 427 HOH TIP A . 
D 3 HOH 108 428 428 HOH TIP A . 
D 3 HOH 109 429 429 HOH TIP A . 
D 3 HOH 110 430 430 HOH TIP A . 
D 3 HOH 111 432 432 HOH TIP A . 
D 3 HOH 112 433 433 HOH TIP A . 
D 3 HOH 113 434 434 HOH TIP A . 
D 3 HOH 114 435 435 HOH TIP A . 
D 3 HOH 115 437 437 HOH TIP A . 
D 3 HOH 116 438 438 HOH TIP A . 
D 3 HOH 117 440 440 HOH TIP A . 
D 3 HOH 118 441 441 HOH TIP A . 
D 3 HOH 119 442 442 HOH TIP A . 
D 3 HOH 120 443 443 HOH TIP A . 
D 3 HOH 121 444 444 HOH TIP A . 
D 3 HOH 122 445 445 HOH TIP A . 
D 3 HOH 123 446 446 HOH TIP A . 
D 3 HOH 124 447 447 HOH TIP A . 
D 3 HOH 125 448 448 HOH TIP A . 
D 3 HOH 126 451 451 HOH TIP A . 
D 3 HOH 127 453 453 HOH TIP A . 
D 3 HOH 128 454 454 HOH TIP A . 
D 3 HOH 129 455 455 HOH TIP A . 
D 3 HOH 130 456 456 HOH TIP A . 
D 3 HOH 131 457 457 HOH TIP A . 
D 3 HOH 132 458 458 HOH TIP A . 
D 3 HOH 133 459 459 HOH TIP A . 
D 3 HOH 134 460 460 HOH TIP A . 
D 3 HOH 135 462 462 HOH TIP A . 
D 3 HOH 136 463 463 HOH TIP A . 
D 3 HOH 137 464 464 HOH TIP A . 
D 3 HOH 138 465 465 HOH TIP A . 
D 3 HOH 139 467 467 HOH TIP A . 
D 3 HOH 140 468 468 HOH TIP A . 
D 3 HOH 141 469 469 HOH TIP A . 
D 3 HOH 142 470 470 HOH TIP A . 
D 3 HOH 143 471 471 HOH TIP A . 
D 3 HOH 144 472 472 HOH TIP A . 
D 3 HOH 145 473 473 HOH TIP A . 
D 3 HOH 146 475 475 HOH TIP A . 
D 3 HOH 147 476 476 HOH TIP A . 
D 3 HOH 148 477 477 HOH TIP A . 
D 3 HOH 149 478 478 HOH TIP A . 
D 3 HOH 150 479 479 HOH TIP A . 
D 3 HOH 151 480 480 HOH TIP A . 
D 3 HOH 152 481 481 HOH TIP A . 
# 
_pdbx_struct_assembly.id                   1 
_pdbx_struct_assembly.details              author_defined_assembly 
_pdbx_struct_assembly.method_details       ? 
_pdbx_struct_assembly.oligomeric_details   tetrameric 
_pdbx_struct_assembly.oligomeric_count     4 
# 
_pdbx_struct_assembly_gen.assembly_id       1 
_pdbx_struct_assembly_gen.oper_expression   1,2 
_pdbx_struct_assembly_gen.asym_id_list      A,B,C,D 
# 
loop_
_pdbx_struct_oper_list.id 
_pdbx_struct_oper_list.type 
_pdbx_struct_oper_list.name 
_pdbx_struct_oper_list.symmetry_operation 
_pdbx_struct_oper_list.matrix[1][1] 
_pdbx_struct_oper_list.matrix[1][2] 
_pdbx_struct_oper_list.matrix[1][3] 
_pdbx_struct_oper_list.vector[1] 
_pdbx_struct_oper_list.matrix[2][1] 
_pdbx_struct_oper_list.matrix[2][2] 
_pdbx_struct_oper_list.matrix[2][3] 
_pdbx_struct_oper_list.vector[2] 
_pdbx_struct_oper_list.matrix[3][1] 
_pdbx_struct_oper_list.matrix[3][2] 
_pdbx_struct_oper_list.matrix[3][3] 
_pdbx_struct_oper_list.vector[3] 
1 'identity operation'         1_555  x,y,z   1.0000000000  0.0000000000 0.0000000000  0.0000000000  0.0000000000 1.0000000000 0.0000000000  0.0000000000  0.0000000000  0.0000000000  1.0000000000  0.0000000000   
2 'crystal symmetry operation' 10_555 -x,-y,z -0.6639420241 0.7332658065 -0.1466364408 -6.1285304014 0.7332658065 0.5999582852 -0.3199551735 -1.2437469732 -0.1466364408 -0.3199551735 -0.9360162612 -20.2646670462 
# 
loop_
_pdbx_struct_special_symmetry.id 
_pdbx_struct_special_symmetry.PDB_model_num 
_pdbx_struct_special_symmetry.auth_asym_id 
_pdbx_struct_special_symmetry.auth_comp_id 
_pdbx_struct_special_symmetry.auth_seq_id 
_pdbx_struct_special_symmetry.PDB_ins_code 
_pdbx_struct_special_symmetry.label_asym_id 
_pdbx_struct_special_symmetry.label_comp_id 
_pdbx_struct_special_symmetry.label_seq_id 
1 1 B HOH 302 ? C HOH . 
2 1 B HOH 305 ? C HOH . 
3 1 A HOH 301 ? D HOH . 
4 1 A HOH 303 ? D HOH . 
5 1 A HOH 304 ? D HOH . 
# 
loop_
_pdbx_audit_revision_history.ordinal 
_pdbx_audit_revision_history.data_content_type 
_pdbx_audit_revision_history.major_revision 
_pdbx_audit_revision_history.minor_revision 
_pdbx_audit_revision_history.revision_date 
1 'Structure model' 1 0 2005-03-29 
2 'Structure model' 1 1 2008-04-30 
3 'Structure model' 1 2 2011-07-13 
4 'Structure model' 1 3 2023-10-25 
# 
_pdbx_audit_revision_details.ordinal             1 
_pdbx_audit_revision_details.revision_ordinal    1 
_pdbx_audit_revision_details.data_content_type   'Structure model' 
_pdbx_audit_revision_details.provider            repository 
_pdbx_audit_revision_details.type                'Initial release' 
_pdbx_audit_revision_details.description         ? 
_pdbx_audit_revision_details.details             ? 
# 
loop_
_pdbx_audit_revision_group.ordinal 
_pdbx_audit_revision_group.revision_ordinal 
_pdbx_audit_revision_group.data_content_type 
_pdbx_audit_revision_group.group 
1 2 'Structure model' 'Version format compliance' 
2 3 'Structure model' 'Version format compliance' 
3 4 'Structure model' 'Data collection'           
4 4 'Structure model' 'Database references'       
5 4 'Structure model' 'Refinement description'    
# 
loop_
_pdbx_audit_revision_category.ordinal 
_pdbx_audit_revision_category.revision_ordinal 
_pdbx_audit_revision_category.data_content_type 
_pdbx_audit_revision_category.category 
1 4 'Structure model' chem_comp_atom                
2 4 'Structure model' chem_comp_bond                
3 4 'Structure model' database_2                    
4 4 'Structure model' pdbx_initial_refinement_model 
# 
loop_
_pdbx_audit_revision_item.ordinal 
_pdbx_audit_revision_item.revision_ordinal 
_pdbx_audit_revision_item.data_content_type 
_pdbx_audit_revision_item.item 
1 4 'Structure model' '_database_2.pdbx_DOI'                
2 4 'Structure model' '_database_2.pdbx_database_accession' 
# 
loop_
_software.name 
_software.classification 
_software.version 
_software.citation_id 
_software.pdbx_ordinal 
CBASS     'data collection' . ? 1 
SCALEPACK 'data scaling'    . ? 2 
AMoRE     phasing           . ? 3 
CNS       refinement        . ? 4 
# 
loop_
_pdbx_validate_close_contact.id 
_pdbx_validate_close_contact.PDB_model_num 
_pdbx_validate_close_contact.auth_atom_id_1 
_pdbx_validate_close_contact.auth_asym_id_1 
_pdbx_validate_close_contact.auth_comp_id_1 
_pdbx_validate_close_contact.auth_seq_id_1 
_pdbx_validate_close_contact.PDB_ins_code_1 
_pdbx_validate_close_contact.label_alt_id_1 
_pdbx_validate_close_contact.auth_atom_id_2 
_pdbx_validate_close_contact.auth_asym_id_2 
_pdbx_validate_close_contact.auth_comp_id_2 
_pdbx_validate_close_contact.auth_seq_id_2 
_pdbx_validate_close_contact.PDB_ins_code_2 
_pdbx_validate_close_contact.label_alt_id_2 
_pdbx_validate_close_contact.dist 
1 1 O A SER 63  ? ? O A HOH 317 ? ? 2.10 
2 1 O A HOH 410 ? ? O A HOH 424 ? ? 2.13 
# 
loop_
_pdbx_validate_symm_contact.id 
_pdbx_validate_symm_contact.PDB_model_num 
_pdbx_validate_symm_contact.auth_atom_id_1 
_pdbx_validate_symm_contact.auth_asym_id_1 
_pdbx_validate_symm_contact.auth_comp_id_1 
_pdbx_validate_symm_contact.auth_seq_id_1 
_pdbx_validate_symm_contact.PDB_ins_code_1 
_pdbx_validate_symm_contact.label_alt_id_1 
_pdbx_validate_symm_contact.site_symmetry_1 
_pdbx_validate_symm_contact.auth_atom_id_2 
_pdbx_validate_symm_contact.auth_asym_id_2 
_pdbx_validate_symm_contact.auth_comp_id_2 
_pdbx_validate_symm_contact.auth_seq_id_2 
_pdbx_validate_symm_contact.PDB_ins_code_2 
_pdbx_validate_symm_contact.label_alt_id_2 
_pdbx_validate_symm_contact.site_symmetry_2 
_pdbx_validate_symm_contact.dist 
1 1 P   B DT  201 ? ? 1_555 "O3'" B DA  216 ? ? 16_545 1.61 
2 1 CD2 A LEU 120 ? ? 1_555 CD2   A LEU 120 ? ? 10_555 2.12 
# 
loop_
_pdbx_validate_rmsd_angle.id 
_pdbx_validate_rmsd_angle.PDB_model_num 
_pdbx_validate_rmsd_angle.auth_atom_id_1 
_pdbx_validate_rmsd_angle.auth_asym_id_1 
_pdbx_validate_rmsd_angle.auth_comp_id_1 
_pdbx_validate_rmsd_angle.auth_seq_id_1 
_pdbx_validate_rmsd_angle.PDB_ins_code_1 
_pdbx_validate_rmsd_angle.label_alt_id_1 
_pdbx_validate_rmsd_angle.auth_atom_id_2 
_pdbx_validate_rmsd_angle.auth_asym_id_2 
_pdbx_validate_rmsd_angle.auth_comp_id_2 
_pdbx_validate_rmsd_angle.auth_seq_id_2 
_pdbx_validate_rmsd_angle.PDB_ins_code_2 
_pdbx_validate_rmsd_angle.label_alt_id_2 
_pdbx_validate_rmsd_angle.auth_atom_id_3 
_pdbx_validate_rmsd_angle.auth_asym_id_3 
_pdbx_validate_rmsd_angle.auth_comp_id_3 
_pdbx_validate_rmsd_angle.auth_seq_id_3 
_pdbx_validate_rmsd_angle.PDB_ins_code_3 
_pdbx_validate_rmsd_angle.label_alt_id_3 
_pdbx_validate_rmsd_angle.angle_value 
_pdbx_validate_rmsd_angle.angle_target_value 
_pdbx_validate_rmsd_angle.angle_deviation 
_pdbx_validate_rmsd_angle.angle_standard_deviation 
_pdbx_validate_rmsd_angle.linker_flag 
1 1 "O4'" B DC  206 ? ? "C1'" B DC  206 ? ? N1 B DC  206 ? ? 110.11 108.30 1.81   0.30 N 
2 1 "O4'" B DA  213 ? ? "C1'" B DA  213 ? ? N9 B DA  213 ? ? 110.52 108.30 2.22   0.30 N 
3 1 CG    A MET 80  ? ? SD    A MET 80  ? ? CE A MET 80  ? ? 88.90  100.20 -11.30 1.60 N 
# 
loop_
_pdbx_validate_torsion.id 
_pdbx_validate_torsion.PDB_model_num 
_pdbx_validate_torsion.auth_comp_id 
_pdbx_validate_torsion.auth_asym_id 
_pdbx_validate_torsion.auth_seq_id 
_pdbx_validate_torsion.PDB_ins_code 
_pdbx_validate_torsion.label_alt_id 
_pdbx_validate_torsion.phi 
_pdbx_validate_torsion.psi 
1  1 LYS A 4   ? ? -129.58 -144.48 
2  1 GLN A 5   ? ? -38.76  119.87  
3  1 LYS A 23  ? ? 56.23   -50.73  
4  1 LYS A 36  ? ? -58.74  7.90    
5  1 TYR A 37  ? ? -160.23 6.83    
6  1 SER A 63  ? ? -105.17 -82.63  
7  1 GLU A 64  ? ? -82.78  -95.49  
8  1 TYR A 91  ? ? -147.72 20.92   
9  1 LYS A 104 ? ? -39.38  -72.69  
10 1 ASN A 105 ? ? -56.34  1.80    
11 1 ARG A 117 ? ? -37.84  -35.16  
12 1 ASP A 118 ? ? -64.21  -96.07  
13 1 ILE A 119 ? ? -21.12  -44.93  
# 
loop_
_pdbx_validate_planes.id 
_pdbx_validate_planes.PDB_model_num 
_pdbx_validate_planes.auth_comp_id 
_pdbx_validate_planes.auth_asym_id 
_pdbx_validate_planes.auth_seq_id 
_pdbx_validate_planes.PDB_ins_code 
_pdbx_validate_planes.label_alt_id 
_pdbx_validate_planes.rmsd 
_pdbx_validate_planes.type 
1 1 DC B 206 ? ? 0.070 'SIDE CHAIN' 
2 1 DT B 212 ? ? 0.068 'SIDE CHAIN' 
3 1 DA B 213 ? ? 0.093 'SIDE CHAIN' 
# 
_pdbx_unobs_or_zero_occ_residues.id               1 
_pdbx_unobs_or_zero_occ_residues.PDB_model_num    1 
_pdbx_unobs_or_zero_occ_residues.polymer_flag     Y 
_pdbx_unobs_or_zero_occ_residues.occupancy_flag   1 
_pdbx_unobs_or_zero_occ_residues.auth_asym_id     A 
_pdbx_unobs_or_zero_occ_residues.auth_comp_id     MET 
_pdbx_unobs_or_zero_occ_residues.auth_seq_id      1 
_pdbx_unobs_or_zero_occ_residues.PDB_ins_code     ? 
_pdbx_unobs_or_zero_occ_residues.label_asym_id    B 
_pdbx_unobs_or_zero_occ_residues.label_comp_id    MET 
_pdbx_unobs_or_zero_occ_residues.label_seq_id     1 
# 
loop_
_chem_comp_atom.comp_id 
_chem_comp_atom.atom_id 
_chem_comp_atom.type_symbol 
_chem_comp_atom.pdbx_aromatic_flag 
_chem_comp_atom.pdbx_stereo_config 
_chem_comp_atom.pdbx_ordinal 
ALA N      N N N 1   
ALA CA     C N S 2   
ALA C      C N N 3   
ALA O      O N N 4   
ALA CB     C N N 5   
ALA OXT    O N N 6   
ALA H      H N N 7   
ALA H2     H N N 8   
ALA HA     H N N 9   
ALA HB1    H N N 10  
ALA HB2    H N N 11  
ALA HB3    H N N 12  
ALA HXT    H N N 13  
ARG N      N N N 14  
ARG CA     C N S 15  
ARG C      C N N 16  
ARG O      O N N 17  
ARG CB     C N N 18  
ARG CG     C N N 19  
ARG CD     C N N 20  
ARG NE     N N N 21  
ARG CZ     C N N 22  
ARG NH1    N N N 23  
ARG NH2    N N N 24  
ARG OXT    O N N 25  
ARG H      H N N 26  
ARG H2     H N N 27  
ARG HA     H N N 28  
ARG HB2    H N N 29  
ARG HB3    H N N 30  
ARG HG2    H N N 31  
ARG HG3    H N N 32  
ARG HD2    H N N 33  
ARG HD3    H N N 34  
ARG HE     H N N 35  
ARG HH11   H N N 36  
ARG HH12   H N N 37  
ARG HH21   H N N 38  
ARG HH22   H N N 39  
ARG HXT    H N N 40  
ASN N      N N N 41  
ASN CA     C N S 42  
ASN C      C N N 43  
ASN O      O N N 44  
ASN CB     C N N 45  
ASN CG     C N N 46  
ASN OD1    O N N 47  
ASN ND2    N N N 48  
ASN OXT    O N N 49  
ASN H      H N N 50  
ASN H2     H N N 51  
ASN HA     H N N 52  
ASN HB2    H N N 53  
ASN HB3    H N N 54  
ASN HD21   H N N 55  
ASN HD22   H N N 56  
ASN HXT    H N N 57  
ASP N      N N N 58  
ASP CA     C N S 59  
ASP C      C N N 60  
ASP O      O N N 61  
ASP CB     C N N 62  
ASP CG     C N N 63  
ASP OD1    O N N 64  
ASP OD2    O N N 65  
ASP OXT    O N N 66  
ASP H      H N N 67  
ASP H2     H N N 68  
ASP HA     H N N 69  
ASP HB2    H N N 70  
ASP HB3    H N N 71  
ASP HD2    H N N 72  
ASP HXT    H N N 73  
DA  OP3    O N N 74  
DA  P      P N N 75  
DA  OP1    O N N 76  
DA  OP2    O N N 77  
DA  "O5'"  O N N 78  
DA  "C5'"  C N N 79  
DA  "C4'"  C N R 80  
DA  "O4'"  O N N 81  
DA  "C3'"  C N S 82  
DA  "O3'"  O N N 83  
DA  "C2'"  C N N 84  
DA  "C1'"  C N R 85  
DA  N9     N Y N 86  
DA  C8     C Y N 87  
DA  N7     N Y N 88  
DA  C5     C Y N 89  
DA  C6     C Y N 90  
DA  N6     N N N 91  
DA  N1     N Y N 92  
DA  C2     C Y N 93  
DA  N3     N Y N 94  
DA  C4     C Y N 95  
DA  HOP3   H N N 96  
DA  HOP2   H N N 97  
DA  "H5'"  H N N 98  
DA  "H5''" H N N 99  
DA  "H4'"  H N N 100 
DA  "H3'"  H N N 101 
DA  "HO3'" H N N 102 
DA  "H2'"  H N N 103 
DA  "H2''" H N N 104 
DA  "H1'"  H N N 105 
DA  H8     H N N 106 
DA  H61    H N N 107 
DA  H62    H N N 108 
DA  H2     H N N 109 
DC  OP3    O N N 110 
DC  P      P N N 111 
DC  OP1    O N N 112 
DC  OP2    O N N 113 
DC  "O5'"  O N N 114 
DC  "C5'"  C N N 115 
DC  "C4'"  C N R 116 
DC  "O4'"  O N N 117 
DC  "C3'"  C N S 118 
DC  "O3'"  O N N 119 
DC  "C2'"  C N N 120 
DC  "C1'"  C N R 121 
DC  N1     N N N 122 
DC  C2     C N N 123 
DC  O2     O N N 124 
DC  N3     N N N 125 
DC  C4     C N N 126 
DC  N4     N N N 127 
DC  C5     C N N 128 
DC  C6     C N N 129 
DC  HOP3   H N N 130 
DC  HOP2   H N N 131 
DC  "H5'"  H N N 132 
DC  "H5''" H N N 133 
DC  "H4'"  H N N 134 
DC  "H3'"  H N N 135 
DC  "HO3'" H N N 136 
DC  "H2'"  H N N 137 
DC  "H2''" H N N 138 
DC  "H1'"  H N N 139 
DC  H41    H N N 140 
DC  H42    H N N 141 
DC  H5     H N N 142 
DC  H6     H N N 143 
DG  OP3    O N N 144 
DG  P      P N N 145 
DG  OP1    O N N 146 
DG  OP2    O N N 147 
DG  "O5'"  O N N 148 
DG  "C5'"  C N N 149 
DG  "C4'"  C N R 150 
DG  "O4'"  O N N 151 
DG  "C3'"  C N S 152 
DG  "O3'"  O N N 153 
DG  "C2'"  C N N 154 
DG  "C1'"  C N R 155 
DG  N9     N Y N 156 
DG  C8     C Y N 157 
DG  N7     N Y N 158 
DG  C5     C Y N 159 
DG  C6     C N N 160 
DG  O6     O N N 161 
DG  N1     N N N 162 
DG  C2     C N N 163 
DG  N2     N N N 164 
DG  N3     N N N 165 
DG  C4     C Y N 166 
DG  HOP3   H N N 167 
DG  HOP2   H N N 168 
DG  "H5'"  H N N 169 
DG  "H5''" H N N 170 
DG  "H4'"  H N N 171 
DG  "H3'"  H N N 172 
DG  "HO3'" H N N 173 
DG  "H2'"  H N N 174 
DG  "H2''" H N N 175 
DG  "H1'"  H N N 176 
DG  H8     H N N 177 
DG  H1     H N N 178 
DG  H21    H N N 179 
DG  H22    H N N 180 
DT  OP3    O N N 181 
DT  P      P N N 182 
DT  OP1    O N N 183 
DT  OP2    O N N 184 
DT  "O5'"  O N N 185 
DT  "C5'"  C N N 186 
DT  "C4'"  C N R 187 
DT  "O4'"  O N N 188 
DT  "C3'"  C N S 189 
DT  "O3'"  O N N 190 
DT  "C2'"  C N N 191 
DT  "C1'"  C N R 192 
DT  N1     N N N 193 
DT  C2     C N N 194 
DT  O2     O N N 195 
DT  N3     N N N 196 
DT  C4     C N N 197 
DT  O4     O N N 198 
DT  C5     C N N 199 
DT  C7     C N N 200 
DT  C6     C N N 201 
DT  HOP3   H N N 202 
DT  HOP2   H N N 203 
DT  "H5'"  H N N 204 
DT  "H5''" H N N 205 
DT  "H4'"  H N N 206 
DT  "H3'"  H N N 207 
DT  "HO3'" H N N 208 
DT  "H2'"  H N N 209 
DT  "H2''" H N N 210 
DT  "H1'"  H N N 211 
DT  H3     H N N 212 
DT  H71    H N N 213 
DT  H72    H N N 214 
DT  H73    H N N 215 
DT  H6     H N N 216 
GLN N      N N N 217 
GLN CA     C N S 218 
GLN C      C N N 219 
GLN O      O N N 220 
GLN CB     C N N 221 
GLN CG     C N N 222 
GLN CD     C N N 223 
GLN OE1    O N N 224 
GLN NE2    N N N 225 
GLN OXT    O N N 226 
GLN H      H N N 227 
GLN H2     H N N 228 
GLN HA     H N N 229 
GLN HB2    H N N 230 
GLN HB3    H N N 231 
GLN HG2    H N N 232 
GLN HG3    H N N 233 
GLN HE21   H N N 234 
GLN HE22   H N N 235 
GLN HXT    H N N 236 
GLU N      N N N 237 
GLU CA     C N S 238 
GLU C      C N N 239 
GLU O      O N N 240 
GLU CB     C N N 241 
GLU CG     C N N 242 
GLU CD     C N N 243 
GLU OE1    O N N 244 
GLU OE2    O N N 245 
GLU OXT    O N N 246 
GLU H      H N N 247 
GLU H2     H N N 248 
GLU HA     H N N 249 
GLU HB2    H N N 250 
GLU HB3    H N N 251 
GLU HG2    H N N 252 
GLU HG3    H N N 253 
GLU HE2    H N N 254 
GLU HXT    H N N 255 
GLY N      N N N 256 
GLY CA     C N N 257 
GLY C      C N N 258 
GLY O      O N N 259 
GLY OXT    O N N 260 
GLY H      H N N 261 
GLY H2     H N N 262 
GLY HA2    H N N 263 
GLY HA3    H N N 264 
GLY HXT    H N N 265 
HOH O      O N N 266 
HOH H1     H N N 267 
HOH H2     H N N 268 
ILE N      N N N 269 
ILE CA     C N S 270 
ILE C      C N N 271 
ILE O      O N N 272 
ILE CB     C N S 273 
ILE CG1    C N N 274 
ILE CG2    C N N 275 
ILE CD1    C N N 276 
ILE OXT    O N N 277 
ILE H      H N N 278 
ILE H2     H N N 279 
ILE HA     H N N 280 
ILE HB     H N N 281 
ILE HG12   H N N 282 
ILE HG13   H N N 283 
ILE HG21   H N N 284 
ILE HG22   H N N 285 
ILE HG23   H N N 286 
ILE HD11   H N N 287 
ILE HD12   H N N 288 
ILE HD13   H N N 289 
ILE HXT    H N N 290 
LEU N      N N N 291 
LEU CA     C N S 292 
LEU C      C N N 293 
LEU O      O N N 294 
LEU CB     C N N 295 
LEU CG     C N N 296 
LEU CD1    C N N 297 
LEU CD2    C N N 298 
LEU OXT    O N N 299 
LEU H      H N N 300 
LEU H2     H N N 301 
LEU HA     H N N 302 
LEU HB2    H N N 303 
LEU HB3    H N N 304 
LEU HG     H N N 305 
LEU HD11   H N N 306 
LEU HD12   H N N 307 
LEU HD13   H N N 308 
LEU HD21   H N N 309 
LEU HD22   H N N 310 
LEU HD23   H N N 311 
LEU HXT    H N N 312 
LYS N      N N N 313 
LYS CA     C N S 314 
LYS C      C N N 315 
LYS O      O N N 316 
LYS CB     C N N 317 
LYS CG     C N N 318 
LYS CD     C N N 319 
LYS CE     C N N 320 
LYS NZ     N N N 321 
LYS OXT    O N N 322 
LYS H      H N N 323 
LYS H2     H N N 324 
LYS HA     H N N 325 
LYS HB2    H N N 326 
LYS HB3    H N N 327 
LYS HG2    H N N 328 
LYS HG3    H N N 329 
LYS HD2    H N N 330 
LYS HD3    H N N 331 
LYS HE2    H N N 332 
LYS HE3    H N N 333 
LYS HZ1    H N N 334 
LYS HZ2    H N N 335 
LYS HZ3    H N N 336 
LYS HXT    H N N 337 
MET N      N N N 338 
MET CA     C N S 339 
MET C      C N N 340 
MET O      O N N 341 
MET CB     C N N 342 
MET CG     C N N 343 
MET SD     S N N 344 
MET CE     C N N 345 
MET OXT    O N N 346 
MET H      H N N 347 
MET H2     H N N 348 
MET HA     H N N 349 
MET HB2    H N N 350 
MET HB3    H N N 351 
MET HG2    H N N 352 
MET HG3    H N N 353 
MET HE1    H N N 354 
MET HE2    H N N 355 
MET HE3    H N N 356 
MET HXT    H N N 357 
PHE N      N N N 358 
PHE CA     C N S 359 
PHE C      C N N 360 
PHE O      O N N 361 
PHE CB     C N N 362 
PHE CG     C Y N 363 
PHE CD1    C Y N 364 
PHE CD2    C Y N 365 
PHE CE1    C Y N 366 
PHE CE2    C Y N 367 
PHE CZ     C Y N 368 
PHE OXT    O N N 369 
PHE H      H N N 370 
PHE H2     H N N 371 
PHE HA     H N N 372 
PHE HB2    H N N 373 
PHE HB3    H N N 374 
PHE HD1    H N N 375 
PHE HD2    H N N 376 
PHE HE1    H N N 377 
PHE HE2    H N N 378 
PHE HZ     H N N 379 
PHE HXT    H N N 380 
SER N      N N N 381 
SER CA     C N S 382 
SER C      C N N 383 
SER O      O N N 384 
SER CB     C N N 385 
SER OG     O N N 386 
SER OXT    O N N 387 
SER H      H N N 388 
SER H2     H N N 389 
SER HA     H N N 390 
SER HB2    H N N 391 
SER HB3    H N N 392 
SER HG     H N N 393 
SER HXT    H N N 394 
THR N      N N N 395 
THR CA     C N S 396 
THR C      C N N 397 
THR O      O N N 398 
THR CB     C N R 399 
THR OG1    O N N 400 
THR CG2    C N N 401 
THR OXT    O N N 402 
THR H      H N N 403 
THR H2     H N N 404 
THR HA     H N N 405 
THR HB     H N N 406 
THR HG1    H N N 407 
THR HG21   H N N 408 
THR HG22   H N N 409 
THR HG23   H N N 410 
THR HXT    H N N 411 
TRP N      N N N 412 
TRP CA     C N S 413 
TRP C      C N N 414 
TRP O      O N N 415 
TRP CB     C N N 416 
TRP CG     C Y N 417 
TRP CD1    C Y N 418 
TRP CD2    C Y N 419 
TRP NE1    N Y N 420 
TRP CE2    C Y N 421 
TRP CE3    C Y N 422 
TRP CZ2    C Y N 423 
TRP CZ3    C Y N 424 
TRP CH2    C Y N 425 
TRP OXT    O N N 426 
TRP H      H N N 427 
TRP H2     H N N 428 
TRP HA     H N N 429 
TRP HB2    H N N 430 
TRP HB3    H N N 431 
TRP HD1    H N N 432 
TRP HE1    H N N 433 
TRP HE3    H N N 434 
TRP HZ2    H N N 435 
TRP HZ3    H N N 436 
TRP HH2    H N N 437 
TRP HXT    H N N 438 
TYR N      N N N 439 
TYR CA     C N S 440 
TYR C      C N N 441 
TYR O      O N N 442 
TYR CB     C N N 443 
TYR CG     C Y N 444 
TYR CD1    C Y N 445 
TYR CD2    C Y N 446 
TYR CE1    C Y N 447 
TYR CE2    C Y N 448 
TYR CZ     C Y N 449 
TYR OH     O N N 450 
TYR OXT    O N N 451 
TYR H      H N N 452 
TYR H2     H N N 453 
TYR HA     H N N 454 
TYR HB2    H N N 455 
TYR HB3    H N N 456 
TYR HD1    H N N 457 
TYR HD2    H N N 458 
TYR HE1    H N N 459 
TYR HE2    H N N 460 
TYR HH     H N N 461 
TYR HXT    H N N 462 
VAL N      N N N 463 
VAL CA     C N S 464 
VAL C      C N N 465 
VAL O      O N N 466 
VAL CB     C N N 467 
VAL CG1    C N N 468 
VAL CG2    C N N 469 
VAL OXT    O N N 470 
VAL H      H N N 471 
VAL H2     H N N 472 
VAL HA     H N N 473 
VAL HB     H N N 474 
VAL HG11   H N N 475 
VAL HG12   H N N 476 
VAL HG13   H N N 477 
VAL HG21   H N N 478 
VAL HG22   H N N 479 
VAL HG23   H N N 480 
VAL HXT    H N N 481 
# 
loop_
_chem_comp_bond.comp_id 
_chem_comp_bond.atom_id_1 
_chem_comp_bond.atom_id_2 
_chem_comp_bond.value_order 
_chem_comp_bond.pdbx_aromatic_flag 
_chem_comp_bond.pdbx_stereo_config 
_chem_comp_bond.pdbx_ordinal 
ALA N     CA     sing N N 1   
ALA N     H      sing N N 2   
ALA N     H2     sing N N 3   
ALA CA    C      sing N N 4   
ALA CA    CB     sing N N 5   
ALA CA    HA     sing N N 6   
ALA C     O      doub N N 7   
ALA C     OXT    sing N N 8   
ALA CB    HB1    sing N N 9   
ALA CB    HB2    sing N N 10  
ALA CB    HB3    sing N N 11  
ALA OXT   HXT    sing N N 12  
ARG N     CA     sing N N 13  
ARG N     H      sing N N 14  
ARG N     H2     sing N N 15  
ARG CA    C      sing N N 16  
ARG CA    CB     sing N N 17  
ARG CA    HA     sing N N 18  
ARG C     O      doub N N 19  
ARG C     OXT    sing N N 20  
ARG CB    CG     sing N N 21  
ARG CB    HB2    sing N N 22  
ARG CB    HB3    sing N N 23  
ARG CG    CD     sing N N 24  
ARG CG    HG2    sing N N 25  
ARG CG    HG3    sing N N 26  
ARG CD    NE     sing N N 27  
ARG CD    HD2    sing N N 28  
ARG CD    HD3    sing N N 29  
ARG NE    CZ     sing N N 30  
ARG NE    HE     sing N N 31  
ARG CZ    NH1    sing N N 32  
ARG CZ    NH2    doub N N 33  
ARG NH1   HH11   sing N N 34  
ARG NH1   HH12   sing N N 35  
ARG NH2   HH21   sing N N 36  
ARG NH2   HH22   sing N N 37  
ARG OXT   HXT    sing N N 38  
ASN N     CA     sing N N 39  
ASN N     H      sing N N 40  
ASN N     H2     sing N N 41  
ASN CA    C      sing N N 42  
ASN CA    CB     sing N N 43  
ASN CA    HA     sing N N 44  
ASN C     O      doub N N 45  
ASN C     OXT    sing N N 46  
ASN CB    CG     sing N N 47  
ASN CB    HB2    sing N N 48  
ASN CB    HB3    sing N N 49  
ASN CG    OD1    doub N N 50  
ASN CG    ND2    sing N N 51  
ASN ND2   HD21   sing N N 52  
ASN ND2   HD22   sing N N 53  
ASN OXT   HXT    sing N N 54  
ASP N     CA     sing N N 55  
ASP N     H      sing N N 56  
ASP N     H2     sing N N 57  
ASP CA    C      sing N N 58  
ASP CA    CB     sing N N 59  
ASP CA    HA     sing N N 60  
ASP C     O      doub N N 61  
ASP C     OXT    sing N N 62  
ASP CB    CG     sing N N 63  
ASP CB    HB2    sing N N 64  
ASP CB    HB3    sing N N 65  
ASP CG    OD1    doub N N 66  
ASP CG    OD2    sing N N 67  
ASP OD2   HD2    sing N N 68  
ASP OXT   HXT    sing N N 69  
DA  OP3   P      sing N N 70  
DA  OP3   HOP3   sing N N 71  
DA  P     OP1    doub N N 72  
DA  P     OP2    sing N N 73  
DA  P     "O5'"  sing N N 74  
DA  OP2   HOP2   sing N N 75  
DA  "O5'" "C5'"  sing N N 76  
DA  "C5'" "C4'"  sing N N 77  
DA  "C5'" "H5'"  sing N N 78  
DA  "C5'" "H5''" sing N N 79  
DA  "C4'" "O4'"  sing N N 80  
DA  "C4'" "C3'"  sing N N 81  
DA  "C4'" "H4'"  sing N N 82  
DA  "O4'" "C1'"  sing N N 83  
DA  "C3'" "O3'"  sing N N 84  
DA  "C3'" "C2'"  sing N N 85  
DA  "C3'" "H3'"  sing N N 86  
DA  "O3'" "HO3'" sing N N 87  
DA  "C2'" "C1'"  sing N N 88  
DA  "C2'" "H2'"  sing N N 89  
DA  "C2'" "H2''" sing N N 90  
DA  "C1'" N9     sing N N 91  
DA  "C1'" "H1'"  sing N N 92  
DA  N9    C8     sing Y N 93  
DA  N9    C4     sing Y N 94  
DA  C8    N7     doub Y N 95  
DA  C8    H8     sing N N 96  
DA  N7    C5     sing Y N 97  
DA  C5    C6     sing Y N 98  
DA  C5    C4     doub Y N 99  
DA  C6    N6     sing N N 100 
DA  C6    N1     doub Y N 101 
DA  N6    H61    sing N N 102 
DA  N6    H62    sing N N 103 
DA  N1    C2     sing Y N 104 
DA  C2    N3     doub Y N 105 
DA  C2    H2     sing N N 106 
DA  N3    C4     sing Y N 107 
DC  OP3   P      sing N N 108 
DC  OP3   HOP3   sing N N 109 
DC  P     OP1    doub N N 110 
DC  P     OP2    sing N N 111 
DC  P     "O5'"  sing N N 112 
DC  OP2   HOP2   sing N N 113 
DC  "O5'" "C5'"  sing N N 114 
DC  "C5'" "C4'"  sing N N 115 
DC  "C5'" "H5'"  sing N N 116 
DC  "C5'" "H5''" sing N N 117 
DC  "C4'" "O4'"  sing N N 118 
DC  "C4'" "C3'"  sing N N 119 
DC  "C4'" "H4'"  sing N N 120 
DC  "O4'" "C1'"  sing N N 121 
DC  "C3'" "O3'"  sing N N 122 
DC  "C3'" "C2'"  sing N N 123 
DC  "C3'" "H3'"  sing N N 124 
DC  "O3'" "HO3'" sing N N 125 
DC  "C2'" "C1'"  sing N N 126 
DC  "C2'" "H2'"  sing N N 127 
DC  "C2'" "H2''" sing N N 128 
DC  "C1'" N1     sing N N 129 
DC  "C1'" "H1'"  sing N N 130 
DC  N1    C2     sing N N 131 
DC  N1    C6     sing N N 132 
DC  C2    O2     doub N N 133 
DC  C2    N3     sing N N 134 
DC  N3    C4     doub N N 135 
DC  C4    N4     sing N N 136 
DC  C4    C5     sing N N 137 
DC  N4    H41    sing N N 138 
DC  N4    H42    sing N N 139 
DC  C5    C6     doub N N 140 
DC  C5    H5     sing N N 141 
DC  C6    H6     sing N N 142 
DG  OP3   P      sing N N 143 
DG  OP3   HOP3   sing N N 144 
DG  P     OP1    doub N N 145 
DG  P     OP2    sing N N 146 
DG  P     "O5'"  sing N N 147 
DG  OP2   HOP2   sing N N 148 
DG  "O5'" "C5'"  sing N N 149 
DG  "C5'" "C4'"  sing N N 150 
DG  "C5'" "H5'"  sing N N 151 
DG  "C5'" "H5''" sing N N 152 
DG  "C4'" "O4'"  sing N N 153 
DG  "C4'" "C3'"  sing N N 154 
DG  "C4'" "H4'"  sing N N 155 
DG  "O4'" "C1'"  sing N N 156 
DG  "C3'" "O3'"  sing N N 157 
DG  "C3'" "C2'"  sing N N 158 
DG  "C3'" "H3'"  sing N N 159 
DG  "O3'" "HO3'" sing N N 160 
DG  "C2'" "C1'"  sing N N 161 
DG  "C2'" "H2'"  sing N N 162 
DG  "C2'" "H2''" sing N N 163 
DG  "C1'" N9     sing N N 164 
DG  "C1'" "H1'"  sing N N 165 
DG  N9    C8     sing Y N 166 
DG  N9    C4     sing Y N 167 
DG  C8    N7     doub Y N 168 
DG  C8    H8     sing N N 169 
DG  N7    C5     sing Y N 170 
DG  C5    C6     sing N N 171 
DG  C5    C4     doub Y N 172 
DG  C6    O6     doub N N 173 
DG  C6    N1     sing N N 174 
DG  N1    C2     sing N N 175 
DG  N1    H1     sing N N 176 
DG  C2    N2     sing N N 177 
DG  C2    N3     doub N N 178 
DG  N2    H21    sing N N 179 
DG  N2    H22    sing N N 180 
DG  N3    C4     sing N N 181 
DT  OP3   P      sing N N 182 
DT  OP3   HOP3   sing N N 183 
DT  P     OP1    doub N N 184 
DT  P     OP2    sing N N 185 
DT  P     "O5'"  sing N N 186 
DT  OP2   HOP2   sing N N 187 
DT  "O5'" "C5'"  sing N N 188 
DT  "C5'" "C4'"  sing N N 189 
DT  "C5'" "H5'"  sing N N 190 
DT  "C5'" "H5''" sing N N 191 
DT  "C4'" "O4'"  sing N N 192 
DT  "C4'" "C3'"  sing N N 193 
DT  "C4'" "H4'"  sing N N 194 
DT  "O4'" "C1'"  sing N N 195 
DT  "C3'" "O3'"  sing N N 196 
DT  "C3'" "C2'"  sing N N 197 
DT  "C3'" "H3'"  sing N N 198 
DT  "O3'" "HO3'" sing N N 199 
DT  "C2'" "C1'"  sing N N 200 
DT  "C2'" "H2'"  sing N N 201 
DT  "C2'" "H2''" sing N N 202 
DT  "C1'" N1     sing N N 203 
DT  "C1'" "H1'"  sing N N 204 
DT  N1    C2     sing N N 205 
DT  N1    C6     sing N N 206 
DT  C2    O2     doub N N 207 
DT  C2    N3     sing N N 208 
DT  N3    C4     sing N N 209 
DT  N3    H3     sing N N 210 
DT  C4    O4     doub N N 211 
DT  C4    C5     sing N N 212 
DT  C5    C7     sing N N 213 
DT  C5    C6     doub N N 214 
DT  C7    H71    sing N N 215 
DT  C7    H72    sing N N 216 
DT  C7    H73    sing N N 217 
DT  C6    H6     sing N N 218 
GLN N     CA     sing N N 219 
GLN N     H      sing N N 220 
GLN N     H2     sing N N 221 
GLN CA    C      sing N N 222 
GLN CA    CB     sing N N 223 
GLN CA    HA     sing N N 224 
GLN C     O      doub N N 225 
GLN C     OXT    sing N N 226 
GLN CB    CG     sing N N 227 
GLN CB    HB2    sing N N 228 
GLN CB    HB3    sing N N 229 
GLN CG    CD     sing N N 230 
GLN CG    HG2    sing N N 231 
GLN CG    HG3    sing N N 232 
GLN CD    OE1    doub N N 233 
GLN CD    NE2    sing N N 234 
GLN NE2   HE21   sing N N 235 
GLN NE2   HE22   sing N N 236 
GLN OXT   HXT    sing N N 237 
GLU N     CA     sing N N 238 
GLU N     H      sing N N 239 
GLU N     H2     sing N N 240 
GLU CA    C      sing N N 241 
GLU CA    CB     sing N N 242 
GLU CA    HA     sing N N 243 
GLU C     O      doub N N 244 
GLU C     OXT    sing N N 245 
GLU CB    CG     sing N N 246 
GLU CB    HB2    sing N N 247 
GLU CB    HB3    sing N N 248 
GLU CG    CD     sing N N 249 
GLU CG    HG2    sing N N 250 
GLU CG    HG3    sing N N 251 
GLU CD    OE1    doub N N 252 
GLU CD    OE2    sing N N 253 
GLU OE2   HE2    sing N N 254 
GLU OXT   HXT    sing N N 255 
GLY N     CA     sing N N 256 
GLY N     H      sing N N 257 
GLY N     H2     sing N N 258 
GLY CA    C      sing N N 259 
GLY CA    HA2    sing N N 260 
GLY CA    HA3    sing N N 261 
GLY C     O      doub N N 262 
GLY C     OXT    sing N N 263 
GLY OXT   HXT    sing N N 264 
HOH O     H1     sing N N 265 
HOH O     H2     sing N N 266 
ILE N     CA     sing N N 267 
ILE N     H      sing N N 268 
ILE N     H2     sing N N 269 
ILE CA    C      sing N N 270 
ILE CA    CB     sing N N 271 
ILE CA    HA     sing N N 272 
ILE C     O      doub N N 273 
ILE C     OXT    sing N N 274 
ILE CB    CG1    sing N N 275 
ILE CB    CG2    sing N N 276 
ILE CB    HB     sing N N 277 
ILE CG1   CD1    sing N N 278 
ILE CG1   HG12   sing N N 279 
ILE CG1   HG13   sing N N 280 
ILE CG2   HG21   sing N N 281 
ILE CG2   HG22   sing N N 282 
ILE CG2   HG23   sing N N 283 
ILE CD1   HD11   sing N N 284 
ILE CD1   HD12   sing N N 285 
ILE CD1   HD13   sing N N 286 
ILE OXT   HXT    sing N N 287 
LEU N     CA     sing N N 288 
LEU N     H      sing N N 289 
LEU N     H2     sing N N 290 
LEU CA    C      sing N N 291 
LEU CA    CB     sing N N 292 
LEU CA    HA     sing N N 293 
LEU C     O      doub N N 294 
LEU C     OXT    sing N N 295 
LEU CB    CG     sing N N 296 
LEU CB    HB2    sing N N 297 
LEU CB    HB3    sing N N 298 
LEU CG    CD1    sing N N 299 
LEU CG    CD2    sing N N 300 
LEU CG    HG     sing N N 301 
LEU CD1   HD11   sing N N 302 
LEU CD1   HD12   sing N N 303 
LEU CD1   HD13   sing N N 304 
LEU CD2   HD21   sing N N 305 
LEU CD2   HD22   sing N N 306 
LEU CD2   HD23   sing N N 307 
LEU OXT   HXT    sing N N 308 
LYS N     CA     sing N N 309 
LYS N     H      sing N N 310 
LYS N     H2     sing N N 311 
LYS CA    C      sing N N 312 
LYS CA    CB     sing N N 313 
LYS CA    HA     sing N N 314 
LYS C     O      doub N N 315 
LYS C     OXT    sing N N 316 
LYS CB    CG     sing N N 317 
LYS CB    HB2    sing N N 318 
LYS CB    HB3    sing N N 319 
LYS CG    CD     sing N N 320 
LYS CG    HG2    sing N N 321 
LYS CG    HG3    sing N N 322 
LYS CD    CE     sing N N 323 
LYS CD    HD2    sing N N 324 
LYS CD    HD3    sing N N 325 
LYS CE    NZ     sing N N 326 
LYS CE    HE2    sing N N 327 
LYS CE    HE3    sing N N 328 
LYS NZ    HZ1    sing N N 329 
LYS NZ    HZ2    sing N N 330 
LYS NZ    HZ3    sing N N 331 
LYS OXT   HXT    sing N N 332 
MET N     CA     sing N N 333 
MET N     H      sing N N 334 
MET N     H2     sing N N 335 
MET CA    C      sing N N 336 
MET CA    CB     sing N N 337 
MET CA    HA     sing N N 338 
MET C     O      doub N N 339 
MET C     OXT    sing N N 340 
MET CB    CG     sing N N 341 
MET CB    HB2    sing N N 342 
MET CB    HB3    sing N N 343 
MET CG    SD     sing N N 344 
MET CG    HG2    sing N N 345 
MET CG    HG3    sing N N 346 
MET SD    CE     sing N N 347 
MET CE    HE1    sing N N 348 
MET CE    HE2    sing N N 349 
MET CE    HE3    sing N N 350 
MET OXT   HXT    sing N N 351 
PHE N     CA     sing N N 352 
PHE N     H      sing N N 353 
PHE N     H2     sing N N 354 
PHE CA    C      sing N N 355 
PHE CA    CB     sing N N 356 
PHE CA    HA     sing N N 357 
PHE C     O      doub N N 358 
PHE C     OXT    sing N N 359 
PHE CB    CG     sing N N 360 
PHE CB    HB2    sing N N 361 
PHE CB    HB3    sing N N 362 
PHE CG    CD1    doub Y N 363 
PHE CG    CD2    sing Y N 364 
PHE CD1   CE1    sing Y N 365 
PHE CD1   HD1    sing N N 366 
PHE CD2   CE2    doub Y N 367 
PHE CD2   HD2    sing N N 368 
PHE CE1   CZ     doub Y N 369 
PHE CE1   HE1    sing N N 370 
PHE CE2   CZ     sing Y N 371 
PHE CE2   HE2    sing N N 372 
PHE CZ    HZ     sing N N 373 
PHE OXT   HXT    sing N N 374 
SER N     CA     sing N N 375 
SER N     H      sing N N 376 
SER N     H2     sing N N 377 
SER CA    C      sing N N 378 
SER CA    CB     sing N N 379 
SER CA    HA     sing N N 380 
SER C     O      doub N N 381 
SER C     OXT    sing N N 382 
SER CB    OG     sing N N 383 
SER CB    HB2    sing N N 384 
SER CB    HB3    sing N N 385 
SER OG    HG     sing N N 386 
SER OXT   HXT    sing N N 387 
THR N     CA     sing N N 388 
THR N     H      sing N N 389 
THR N     H2     sing N N 390 
THR CA    C      sing N N 391 
THR CA    CB     sing N N 392 
THR CA    HA     sing N N 393 
THR C     O      doub N N 394 
THR C     OXT    sing N N 395 
THR CB    OG1    sing N N 396 
THR CB    CG2    sing N N 397 
THR CB    HB     sing N N 398 
THR OG1   HG1    sing N N 399 
THR CG2   HG21   sing N N 400 
THR CG2   HG22   sing N N 401 
THR CG2   HG23   sing N N 402 
THR OXT   HXT    sing N N 403 
TRP N     CA     sing N N 404 
TRP N     H      sing N N 405 
TRP N     H2     sing N N 406 
TRP CA    C      sing N N 407 
TRP CA    CB     sing N N 408 
TRP CA    HA     sing N N 409 
TRP C     O      doub N N 410 
TRP C     OXT    sing N N 411 
TRP CB    CG     sing N N 412 
TRP CB    HB2    sing N N 413 
TRP CB    HB3    sing N N 414 
TRP CG    CD1    doub Y N 415 
TRP CG    CD2    sing Y N 416 
TRP CD1   NE1    sing Y N 417 
TRP CD1   HD1    sing N N 418 
TRP CD2   CE2    doub Y N 419 
TRP CD2   CE3    sing Y N 420 
TRP NE1   CE2    sing Y N 421 
TRP NE1   HE1    sing N N 422 
TRP CE2   CZ2    sing Y N 423 
TRP CE3   CZ3    doub Y N 424 
TRP CE3   HE3    sing N N 425 
TRP CZ2   CH2    doub Y N 426 
TRP CZ2   HZ2    sing N N 427 
TRP CZ3   CH2    sing Y N 428 
TRP CZ3   HZ3    sing N N 429 
TRP CH2   HH2    sing N N 430 
TRP OXT   HXT    sing N N 431 
TYR N     CA     sing N N 432 
TYR N     H      sing N N 433 
TYR N     H2     sing N N 434 
TYR CA    C      sing N N 435 
TYR CA    CB     sing N N 436 
TYR CA    HA     sing N N 437 
TYR C     O      doub N N 438 
TYR C     OXT    sing N N 439 
TYR CB    CG     sing N N 440 
TYR CB    HB2    sing N N 441 
TYR CB    HB3    sing N N 442 
TYR CG    CD1    doub Y N 443 
TYR CG    CD2    sing Y N 444 
TYR CD1   CE1    sing Y N 445 
TYR CD1   HD1    sing N N 446 
TYR CD2   CE2    doub Y N 447 
TYR CD2   HD2    sing N N 448 
TYR CE1   CZ     doub Y N 449 
TYR CE1   HE1    sing N N 450 
TYR CE2   CZ     sing Y N 451 
TYR CE2   HE2    sing N N 452 
TYR CZ    OH     sing N N 453 
TYR OH    HH     sing N N 454 
TYR OXT   HXT    sing N N 455 
VAL N     CA     sing N N 456 
VAL N     H      sing N N 457 
VAL N     H2     sing N N 458 
VAL CA    C      sing N N 459 
VAL CA    CB     sing N N 460 
VAL CA    HA     sing N N 461 
VAL C     O      doub N N 462 
VAL C     OXT    sing N N 463 
VAL CB    CG1    sing N N 464 
VAL CB    CG2    sing N N 465 
VAL CB    HB     sing N N 466 
VAL CG1   HG11   sing N N 467 
VAL CG1   HG12   sing N N 468 
VAL CG1   HG13   sing N N 469 
VAL CG2   HG21   sing N N 470 
VAL CG2   HG22   sing N N 471 
VAL CG2   HG23   sing N N 472 
VAL OXT   HXT    sing N N 473 
# 
loop_
_ndb_struct_conf_na.entry_id 
_ndb_struct_conf_na.feature 
1XSD 'double helix'        
1XSD 'b-form double helix' 
# 
loop_
_ndb_struct_na_base_pair.model_number 
_ndb_struct_na_base_pair.i_label_asym_id 
_ndb_struct_na_base_pair.i_label_comp_id 
_ndb_struct_na_base_pair.i_label_seq_id 
_ndb_struct_na_base_pair.i_symmetry 
_ndb_struct_na_base_pair.j_label_asym_id 
_ndb_struct_na_base_pair.j_label_comp_id 
_ndb_struct_na_base_pair.j_label_seq_id 
_ndb_struct_na_base_pair.j_symmetry 
_ndb_struct_na_base_pair.shear 
_ndb_struct_na_base_pair.stretch 
_ndb_struct_na_base_pair.stagger 
_ndb_struct_na_base_pair.buckle 
_ndb_struct_na_base_pair.propeller 
_ndb_struct_na_base_pair.opening 
_ndb_struct_na_base_pair.pair_number 
_ndb_struct_na_base_pair.pair_name 
_ndb_struct_na_base_pair.i_auth_asym_id 
_ndb_struct_na_base_pair.i_auth_seq_id 
_ndb_struct_na_base_pair.i_PDB_ins_code 
_ndb_struct_na_base_pair.j_auth_asym_id 
_ndb_struct_na_base_pair.j_auth_seq_id 
_ndb_struct_na_base_pair.j_PDB_ins_code 
_ndb_struct_na_base_pair.hbond_type_28 
_ndb_struct_na_base_pair.hbond_type_12 
1 A DT 1  1_555 A DA 16 10_444 0.105  -0.221 0.383  -1.708  -2.419  3.850  1  B_DT201:DA216_B B 201 ? B 216 ? 20 1 
1 A DA 2  1_555 A DT 15 10_444 0.622  -0.408 0.264  -0.283  -1.872  -1.747 2  B_DA202:DT215_B B 202 ? B 215 ? 20 1 
1 A DC 3  1_555 A DG 14 10_444 0.004  -0.416 0.042  0.828   -4.573  -1.386 3  B_DC203:DG214_B B 203 ? B 214 ? 19 1 
1 A DT 4  1_555 A DA 13 10_444 -0.383 -0.311 -0.045 -1.381  0.448   -2.223 4  B_DT204:DA213_B B 204 ? B 213 ? 20 1 
1 A DA 5  1_555 A DT 12 10_444 0.663  -0.102 -0.180 2.974   -1.811  0.941  5  B_DA205:DT212_B B 205 ? B 212 ? 20 1 
1 A DC 6  1_555 A DG 11 10_444 0.377  -0.263 -0.513 10.158  -4.446  -2.135 6  B_DC206:DG211_B B 206 ? B 211 ? 19 1 
1 A DA 7  1_555 A DT 10 10_444 -0.174 -0.156 -0.196 9.898   -13.419 2.066  7  B_DA207:DT210_B B 207 ? B 210 ? 20 1 
1 A DT 8  1_555 A DA 9  10_444 -0.919 -0.446 0.030  5.278   -14.458 -3.251 8  B_DT208:DA209_B B 208 ? B 209 ? 20 1 
1 A DA 9  1_555 A DT 8  10_444 0.919  -0.446 0.030  -5.278  -14.458 -3.251 9  B_DA209:DT208_B B 209 ? B 208 ? 20 1 
1 A DT 10 1_555 A DA 7  10_444 0.174  -0.156 -0.196 -9.898  -13.419 2.066  10 B_DT210:DA207_B B 210 ? B 207 ? 20 1 
1 A DG 11 1_555 A DC 6  10_444 -0.377 -0.263 -0.513 -10.158 -4.446  -2.135 11 B_DG211:DC206_B B 211 ? B 206 ? 19 1 
1 A DT 12 1_555 A DA 5  10_444 -0.663 -0.102 -0.180 -2.974  -1.811  0.941  12 B_DT212:DA205_B B 212 ? B 205 ? 20 1 
1 A DA 13 1_555 A DT 4  10_444 0.383  -0.311 -0.045 1.381   0.448   -2.223 13 B_DA213:DT204_B B 213 ? B 204 ? 20 1 
1 A DG 14 1_555 A DC 3  10_444 -0.004 -0.416 0.042  -0.828  -4.573  -1.386 14 B_DG214:DC203_B B 214 ? B 203 ? 19 1 
1 A DT 15 1_555 A DA 2  10_444 -0.622 -0.408 0.264  0.283   -1.872  -1.747 15 B_DT215:DA202_B B 215 ? B 202 ? 20 1 
1 A DA 16 1_555 A DT 1  10_444 -0.105 -0.221 0.383  1.708   -2.419  3.850  16 B_DA216:DT201_B B 216 ? B 201 ? 20 1 
# 
loop_
_ndb_struct_na_base_pair_step.model_number 
_ndb_struct_na_base_pair_step.i_label_asym_id_1 
_ndb_struct_na_base_pair_step.i_label_comp_id_1 
_ndb_struct_na_base_pair_step.i_label_seq_id_1 
_ndb_struct_na_base_pair_step.i_symmetry_1 
_ndb_struct_na_base_pair_step.j_label_asym_id_1 
_ndb_struct_na_base_pair_step.j_label_comp_id_1 
_ndb_struct_na_base_pair_step.j_label_seq_id_1 
_ndb_struct_na_base_pair_step.j_symmetry_1 
_ndb_struct_na_base_pair_step.i_label_asym_id_2 
_ndb_struct_na_base_pair_step.i_label_comp_id_2 
_ndb_struct_na_base_pair_step.i_label_seq_id_2 
_ndb_struct_na_base_pair_step.i_symmetry_2 
_ndb_struct_na_base_pair_step.j_label_asym_id_2 
_ndb_struct_na_base_pair_step.j_label_comp_id_2 
_ndb_struct_na_base_pair_step.j_label_seq_id_2 
_ndb_struct_na_base_pair_step.j_symmetry_2 
_ndb_struct_na_base_pair_step.shift 
_ndb_struct_na_base_pair_step.slide 
_ndb_struct_na_base_pair_step.rise 
_ndb_struct_na_base_pair_step.tilt 
_ndb_struct_na_base_pair_step.roll 
_ndb_struct_na_base_pair_step.twist 
_ndb_struct_na_base_pair_step.x_displacement 
_ndb_struct_na_base_pair_step.y_displacement 
_ndb_struct_na_base_pair_step.helical_rise 
_ndb_struct_na_base_pair_step.inclination 
_ndb_struct_na_base_pair_step.tip 
_ndb_struct_na_base_pair_step.helical_twist 
_ndb_struct_na_base_pair_step.step_number 
_ndb_struct_na_base_pair_step.step_name 
_ndb_struct_na_base_pair_step.i_auth_asym_id_1 
_ndb_struct_na_base_pair_step.i_auth_seq_id_1 
_ndb_struct_na_base_pair_step.i_PDB_ins_code_1 
_ndb_struct_na_base_pair_step.j_auth_asym_id_1 
_ndb_struct_na_base_pair_step.j_auth_seq_id_1 
_ndb_struct_na_base_pair_step.j_PDB_ins_code_1 
_ndb_struct_na_base_pair_step.i_auth_asym_id_2 
_ndb_struct_na_base_pair_step.i_auth_seq_id_2 
_ndb_struct_na_base_pair_step.i_PDB_ins_code_2 
_ndb_struct_na_base_pair_step.j_auth_asym_id_2 
_ndb_struct_na_base_pair_step.j_auth_seq_id_2 
_ndb_struct_na_base_pair_step.j_PDB_ins_code_2 
1 A DT 1  1_555 A DA 16 10_444 A DA 2  1_555 A DT 15 10_444 -0.146 -0.541 3.103 1.743  0.925  40.358 -0.882 0.397  3.082 1.340  
-2.524 40.404 1  BB_DT201DA202:DT215DA216_BB B 201 ? B 216 ? B 202 ? B 215 ? 
1 A DA 2  1_555 A DT 15 10_444 A DC 3  1_555 A DG 14 10_444 0.558  -0.951 3.280 1.356  -0.139 34.340 -1.588 -0.731 3.303 -0.236 
-2.296 34.366 2  BB_DA202DC203:DG214DT215_BB B 202 ? B 215 ? B 203 ? B 214 ? 
1 A DC 3  1_555 A DG 14 10_444 A DT 4  1_555 A DA 13 10_444 0.480  -0.680 3.425 0.638  -5.557 35.035 -0.248 -0.689 3.497 -9.158 
-1.051 35.465 3  BB_DC203DT204:DA213DG214_BB B 203 ? B 214 ? B 204 ? B 213 ? 
1 A DT 4  1_555 A DA 13 10_444 A DA 5  1_555 A DT 12 10_444 -0.641 -1.002 3.167 -0.725 4.379  29.486 -2.813 1.102  3.004 8.542  
1.414  29.811 4  BB_DT204DA205:DT212DA213_BB B 204 ? B 213 ? B 205 ? B 212 ? 
1 A DA 5  1_555 A DT 12 10_444 A DC 6  1_555 A DG 11 10_444 0.051  -0.911 3.152 2.912  1.595  23.549 -2.711 0.793  3.068 3.882  
-7.089 23.779 5  BB_DA205DC206:DG211DT212_BB B 205 ? B 212 ? B 206 ? B 211 ? 
1 A DC 6  1_555 A DG 11 10_444 A DA 7  1_555 A DT 10 10_444 -0.016 1.079  3.302 1.425  9.561  37.334 0.391  0.210  3.461 14.637 
-2.182 38.522 6  BB_DC206DA207:DT210DG211_BB B 206 ? B 211 ? B 207 ? B 210 ? 
1 A DA 7  1_555 A DT 10 10_444 A DT 8  1_555 A DA 9  10_444 0.249  -0.755 3.243 -0.101 3.577  29.129 -2.244 -0.513 3.129 7.078  
0.199  29.343 7  BB_DA207DT208:DA209DT210_BB B 207 ? B 210 ? B 208 ? B 209 ? 
1 A DT 8  1_555 A DA 9  10_444 A DA 9  1_555 A DT 8  10_444 0.000  -0.568 3.460 0.000  8.331  44.226 -1.527 0.000  3.306 10.950 
0.000  44.965 8  BB_DT208DA209:DT208DA209_BB B 208 ? B 209 ? B 209 ? B 208 ? 
1 A DA 9  1_555 A DT 8  10_444 A DT 10 1_555 A DA 7  10_444 -0.249 -0.755 3.243 0.101  3.577  29.129 -2.244 0.513  3.129 7.078  
-0.199 29.343 9  BB_DA209DT210:DA207DT208_BB B 209 ? B 208 ? B 210 ? B 207 ? 
1 A DT 10 1_555 A DA 7  10_444 A DG 11 1_555 A DC 6  10_444 0.016  1.079  3.302 -1.425 9.561  37.334 0.391  -0.210 3.461 14.637 
2.182  38.522 10 BB_DT210DG211:DC206DA207_BB B 210 ? B 207 ? B 211 ? B 206 ? 
1 A DG 11 1_555 A DC 6  10_444 A DT 12 1_555 A DA 5  10_444 -0.051 -0.911 3.152 -2.912 1.594  23.549 -2.711 -0.793 3.068 3.882  
7.089  23.779 11 BB_DG211DT212:DA205DC206_BB B 211 ? B 206 ? B 212 ? B 205 ? 
1 A DT 12 1_555 A DA 5  10_444 A DA 13 1_555 A DT 4  10_444 0.641  -1.002 3.167 0.725  4.379  29.486 -2.813 -1.102 3.004 8.542  
-1.414 29.811 12 BB_DT212DA213:DT204DA205_BB B 212 ? B 205 ? B 213 ? B 204 ? 
1 A DA 13 1_555 A DT 4  10_444 A DG 14 1_555 A DC 3  10_444 -0.480 -0.680 3.425 -0.638 -5.557 35.035 -0.248 0.689  3.497 -9.158 
1.051  35.465 13 BB_DA213DG214:DC203DT204_BB B 213 ? B 204 ? B 214 ? B 203 ? 
1 A DG 14 1_555 A DC 3  10_444 A DT 15 1_555 A DA 2  10_444 -0.558 -0.951 3.280 -1.356 -0.139 34.340 -1.588 0.731  3.303 -0.236 
2.296  34.366 14 BB_DG214DT215:DA202DC203_BB B 214 ? B 203 ? B 215 ? B 202 ? 
1 A DT 15 1_555 A DA 2  10_444 A DA 16 1_555 A DT 1  10_444 0.146  -0.541 3.103 -1.743 0.925  40.358 -0.882 -0.397 3.082 1.340  
2.524  40.404 15 BB_DT215DA216:DT201DA202_BB B 215 ? B 202 ? B 216 ? B 201 ? 
# 
_pdbx_entity_nonpoly.entity_id   3 
_pdbx_entity_nonpoly.name        water 
_pdbx_entity_nonpoly.comp_id     HOH 
# 
_pdbx_initial_refinement_model.id               1 
_pdbx_initial_refinement_model.entity_id_list   ? 
_pdbx_initial_refinement_model.type             'experimental model' 
_pdbx_initial_refinement_model.source_name      PDB 
_pdbx_initial_refinement_model.accession_code   1OKR 
_pdbx_initial_refinement_model.details          'PDB entry 1OKR' 
# 
